data_2KDG
#
_entry.id   2KDG
#
_entity_poly.entity_id   1
_entity_poly.type   'polypeptide(L)'
_entity_poly.pdbx_seq_one_letter_code
;GAMGPPRFIQVPENMSIDEGRFCRMDFKVSGLPAPDVSWYLNGRTVQSDDLHKMIVSEKGLHSLIFEVVRASDAGAYACV
AKNRAGEATFTVQLDVLAKE
;
_entity_poly.pdbx_strand_id   A
#
# COMPACT_ATOMS: atom_id res chain seq x y z
N GLY A 1 -26.06 5.77 -9.75
CA GLY A 1 -27.08 5.30 -8.80
C GLY A 1 -26.62 5.50 -7.36
N ALA A 2 -26.88 4.51 -6.49
CA ALA A 2 -26.41 4.51 -5.10
C ALA A 2 -24.87 4.45 -4.98
N MET A 3 -24.34 4.81 -3.80
CA MET A 3 -22.90 4.89 -3.49
C MET A 3 -22.61 4.52 -2.01
N GLY A 4 -21.34 4.43 -1.59
CA GLY A 4 -20.98 4.00 -0.23
C GLY A 4 -19.48 3.97 0.11
N PRO A 5 -19.14 3.71 1.39
CA PRO A 5 -17.78 3.81 1.91
C PRO A 5 -16.85 2.69 1.39
N PRO A 6 -15.52 2.85 1.49
CA PRO A 6 -14.56 1.77 1.26
C PRO A 6 -14.67 0.68 2.35
N ARG A 7 -14.32 -0.56 2.00
CA ARG A 7 -14.41 -1.76 2.86
C ARG A 7 -13.22 -2.70 2.63
N PHE A 8 -12.98 -3.62 3.56
CA PHE A 8 -11.99 -4.71 3.46
C PHE A 8 -12.42 -5.79 2.46
N ILE A 9 -11.45 -6.32 1.69
CA ILE A 9 -11.62 -7.49 0.79
C ILE A 9 -10.42 -8.44 0.96
N GLN A 10 -9.22 -7.99 0.57
CA GLN A 10 -7.96 -8.75 0.67
C GLN A 10 -6.76 -7.80 0.86
N VAL A 11 -5.82 -8.20 1.72
CA VAL A 11 -4.53 -7.53 1.97
C VAL A 11 -3.37 -8.53 1.81
N PRO A 12 -2.15 -8.09 1.46
CA PRO A 12 -0.98 -8.96 1.35
C PRO A 12 -0.45 -9.38 2.73
N GLU A 13 0.26 -10.51 2.78
CA GLU A 13 0.98 -10.99 3.98
C GLU A 13 2.29 -10.21 4.23
N ASN A 14 2.87 -10.39 5.42
CA ASN A 14 4.18 -9.85 5.81
C ASN A 14 5.31 -10.38 4.89
N MET A 15 5.83 -9.53 3.99
CA MET A 15 6.83 -9.91 2.99
C MET A 15 8.24 -9.98 3.58
N SER A 16 9.11 -10.79 2.96
CA SER A 16 10.55 -10.87 3.24
C SER A 16 11.35 -10.97 1.93
N ILE A 17 12.08 -9.90 1.59
CA ILE A 17 12.62 -9.63 0.24
C ILE A 17 14.13 -9.37 0.32
N ASP A 18 14.92 -10.03 -0.53
CA ASP A 18 16.36 -9.79 -0.68
C ASP A 18 16.68 -8.34 -1.12
N GLU A 19 17.64 -7.71 -0.43
CA GLU A 19 18.10 -6.34 -0.68
C GLU A 19 18.48 -6.11 -2.17
N GLY A 20 17.94 -5.05 -2.77
CA GLY A 20 18.22 -4.62 -4.14
C GLY A 20 17.25 -5.16 -5.20
N ARG A 21 16.35 -6.09 -4.86
CA ARG A 21 15.32 -6.60 -5.78
C ARG A 21 14.21 -5.57 -6.06
N PHE A 22 13.47 -5.82 -7.14
CA PHE A 22 12.11 -5.33 -7.34
C PHE A 22 11.12 -6.12 -6.46
N CYS A 23 10.16 -5.46 -5.83
CA CYS A 23 8.98 -6.10 -5.24
C CYS A 23 7.73 -5.20 -5.28
N ARG A 24 6.56 -5.77 -4.96
CA ARG A 24 5.27 -5.07 -4.94
C ARG A 24 4.31 -5.61 -3.87
N MET A 25 3.38 -4.77 -3.45
CA MET A 25 2.25 -5.05 -2.55
C MET A 25 0.95 -4.68 -3.26
N ASP A 26 -0.12 -5.45 -3.03
CA ASP A 26 -1.38 -5.37 -3.78
C ASP A 26 -2.61 -5.52 -2.87
N PHE A 27 -3.40 -4.45 -2.75
CA PHE A 27 -4.54 -4.28 -1.86
C PHE A 27 -5.84 -4.12 -2.67
N LYS A 28 -6.76 -5.09 -2.57
CA LYS A 28 -8.12 -4.96 -3.12
C LYS A 28 -8.90 -3.90 -2.34
N VAL A 29 -9.59 -3.01 -3.06
CA VAL A 29 -10.31 -1.84 -2.51
C VAL A 29 -11.63 -1.61 -3.24
N SER A 30 -12.74 -1.54 -2.48
CA SER A 30 -14.11 -1.42 -3.01
C SER A 30 -14.92 -0.38 -2.21
N GLY A 31 -15.09 0.81 -2.81
CA GLY A 31 -15.99 1.89 -2.37
C GLY A 31 -16.37 2.78 -3.56
N LEU A 32 -17.41 3.60 -3.41
CA LEU A 32 -17.92 4.48 -4.47
C LEU A 32 -18.35 5.85 -3.90
N PRO A 33 -17.86 7.00 -4.40
CA PRO A 33 -16.87 7.15 -5.47
C PRO A 33 -15.49 6.60 -5.06
N ALA A 34 -14.60 6.45 -6.05
CA ALA A 34 -13.25 5.91 -5.87
C ALA A 34 -12.47 6.73 -4.81
N PRO A 35 -11.96 6.12 -3.71
CA PRO A 35 -11.37 6.85 -2.61
C PRO A 35 -10.01 7.48 -2.97
N ASP A 36 -9.70 8.60 -2.31
CA ASP A 36 -8.34 9.13 -2.19
C ASP A 36 -7.53 8.26 -1.20
N VAL A 37 -6.24 8.05 -1.45
CA VAL A 37 -5.39 7.14 -0.65
C VAL A 37 -4.05 7.80 -0.28
N SER A 38 -3.63 7.63 0.99
CA SER A 38 -2.33 8.05 1.53
C SER A 38 -1.60 6.90 2.22
N TRP A 39 -0.27 6.99 2.35
CA TRP A 39 0.62 5.94 2.86
C TRP A 39 1.52 6.40 4.01
N TYR A 40 1.94 5.43 4.84
CA TYR A 40 2.73 5.58 6.05
C TYR A 40 3.72 4.41 6.25
N LEU A 41 4.73 4.62 7.08
CA LEU A 41 5.73 3.65 7.54
C LEU A 41 6.15 3.98 8.99
N ASN A 42 6.02 3.02 9.90
CA ASN A 42 6.44 3.08 11.32
C ASN A 42 5.90 4.28 12.14
N GLY A 43 4.88 5.00 11.65
CA GLY A 43 4.25 6.15 12.30
C GLY A 43 4.44 7.52 11.61
N ARG A 44 5.15 7.59 10.48
CA ARG A 44 5.32 8.78 9.63
C ARG A 44 4.88 8.53 8.18
N THR A 45 4.65 9.60 7.42
CA THR A 45 4.13 9.54 6.03
C THR A 45 5.14 8.95 5.02
N VAL A 46 4.62 8.48 3.88
CA VAL A 46 5.37 7.98 2.71
C VAL A 46 4.75 8.57 1.44
N GLN A 47 5.45 9.50 0.79
CA GLN A 47 5.10 10.01 -0.54
C GLN A 47 5.48 9.02 -1.65
N SER A 48 4.86 9.14 -2.84
CA SER A 48 5.32 8.43 -4.04
C SER A 48 6.56 9.08 -4.68
N ASP A 49 7.33 8.30 -5.43
CA ASP A 49 8.42 8.78 -6.31
C ASP A 49 8.70 7.77 -7.45
N ASP A 50 9.71 8.02 -8.28
CA ASP A 50 10.10 7.20 -9.44
C ASP A 50 10.53 5.76 -9.10
N LEU A 51 10.90 5.48 -7.84
CA LEU A 51 11.25 4.14 -7.33
C LEU A 51 10.15 3.56 -6.42
N HIS A 52 9.36 4.43 -5.77
CA HIS A 52 8.23 4.09 -4.90
C HIS A 52 6.90 4.46 -5.58
N LYS A 53 6.55 3.73 -6.64
CA LYS A 53 5.36 3.98 -7.47
C LYS A 53 4.06 3.56 -6.76
N MET A 54 2.99 4.31 -7.02
CA MET A 54 1.66 4.17 -6.44
C MET A 54 0.57 4.36 -7.51
N ILE A 55 -0.19 3.31 -7.81
CA ILE A 55 -1.30 3.33 -8.80
C ILE A 55 -2.52 2.56 -8.29
N VAL A 56 -3.72 2.89 -8.80
CA VAL A 56 -4.98 2.21 -8.45
C VAL A 56 -5.88 2.06 -9.68
N SER A 57 -6.24 0.82 -10.00
CA SER A 57 -7.17 0.47 -11.09
C SER A 57 -8.62 0.79 -10.71
N GLU A 58 -9.40 1.28 -11.68
CA GLU A 58 -10.86 1.45 -11.57
C GLU A 58 -11.62 0.13 -11.30
N LYS A 59 -10.98 -1.02 -11.54
CA LYS A 59 -11.49 -2.38 -11.24
C LYS A 59 -11.41 -2.76 -9.76
N GLY A 60 -10.82 -1.90 -8.90
CA GLY A 60 -10.80 -2.06 -7.44
C GLY A 60 -9.53 -2.71 -6.88
N LEU A 61 -8.36 -2.36 -7.43
CA LEU A 61 -7.05 -2.90 -7.04
C LEU A 61 -5.99 -1.79 -6.95
N HIS A 62 -5.49 -1.52 -5.75
CA HIS A 62 -4.39 -0.58 -5.48
C HIS A 62 -3.05 -1.32 -5.36
N SER A 63 -2.01 -0.81 -6.02
CA SER A 63 -0.66 -1.38 -6.07
C SER A 63 0.38 -0.37 -5.57
N LEU A 64 1.34 -0.87 -4.78
CA LEU A 64 2.44 -0.16 -4.14
C LEU A 64 3.74 -0.90 -4.48
N ILE A 65 4.67 -0.25 -5.18
CA ILE A 65 5.83 -0.90 -5.83
C ILE A 65 7.15 -0.34 -5.26
N PHE A 66 8.18 -1.18 -5.23
CA PHE A 66 9.57 -0.88 -4.90
C PHE A 66 10.46 -1.31 -6.07
N GLU A 67 10.98 -0.37 -6.86
CA GLU A 67 11.90 -0.67 -7.98
C GLU A 67 13.23 -1.29 -7.50
N VAL A 68 13.77 -0.82 -6.38
CA VAL A 68 15.04 -1.25 -5.77
C VAL A 68 14.99 -1.08 -4.25
N VAL A 69 14.53 -2.12 -3.54
CA VAL A 69 14.39 -2.11 -2.06
C VAL A 69 15.77 -2.06 -1.35
N ARG A 70 15.87 -1.36 -0.22
CA ARG A 70 17.06 -1.30 0.66
C ARG A 70 16.71 -1.59 2.12
N ALA A 71 17.72 -1.91 2.94
CA ALA A 71 17.54 -2.30 4.34
C ALA A 71 16.77 -1.26 5.18
N SER A 72 16.96 0.04 4.90
CA SER A 72 16.25 1.16 5.53
C SER A 72 14.74 1.20 5.25
N ASP A 73 14.25 0.48 4.23
CA ASP A 73 12.82 0.40 3.88
C ASP A 73 12.04 -0.60 4.74
N ALA A 74 12.70 -1.41 5.59
CA ALA A 74 12.04 -2.38 6.46
C ALA A 74 11.14 -1.71 7.52
N GLY A 75 10.08 -2.42 7.94
CA GLY A 75 9.13 -1.97 8.97
C GLY A 75 7.65 -2.24 8.63
N ALA A 76 6.76 -1.70 9.47
CA ALA A 76 5.32 -1.75 9.34
C ALA A 76 4.79 -0.59 8.46
N TYR A 77 4.48 -0.88 7.20
CA TYR A 77 3.73 0.01 6.31
C TYR A 77 2.24 0.03 6.65
N ALA A 78 1.58 1.16 6.38
CA ALA A 78 0.13 1.28 6.43
C ALA A 78 -0.39 2.25 5.36
N CYS A 79 -1.69 2.17 5.05
CA CYS A 79 -2.38 3.12 4.19
C CYS A 79 -3.83 3.36 4.65
N VAL A 80 -4.42 4.46 4.18
CA VAL A 80 -5.78 4.89 4.50
C VAL A 80 -6.51 5.34 3.24
N ALA A 81 -7.73 4.85 3.03
CA ALA A 81 -8.59 5.12 1.88
C ALA A 81 -9.85 5.86 2.32
N LYS A 82 -10.16 7.00 1.69
CA LYS A 82 -11.19 7.97 2.12
C LYS A 82 -12.06 8.42 0.95
N ASN A 83 -13.39 8.35 1.09
CA ASN A 83 -14.36 8.99 0.19
C ASN A 83 -15.45 9.76 0.98
N ARG A 84 -16.40 10.39 0.28
CA ARG A 84 -17.50 11.19 0.85
C ARG A 84 -18.45 10.44 1.80
N ALA A 85 -18.41 9.10 1.81
CA ALA A 85 -19.27 8.24 2.64
C ALA A 85 -18.54 7.57 3.82
N GLY A 86 -17.20 7.52 3.83
CA GLY A 86 -16.42 6.94 4.93
C GLY A 86 -14.94 6.66 4.64
N GLU A 87 -14.30 5.96 5.58
CA GLU A 87 -12.86 5.69 5.64
C GLU A 87 -12.59 4.20 5.95
N ALA A 88 -11.49 3.66 5.41
CA ALA A 88 -10.91 2.36 5.75
C ALA A 88 -9.37 2.44 5.85
N THR A 89 -8.75 1.57 6.64
CA THR A 89 -7.32 1.60 6.98
C THR A 89 -6.73 0.18 6.95
N PHE A 90 -5.53 0.04 6.35
CA PHE A 90 -4.87 -1.27 6.11
C PHE A 90 -3.39 -1.23 6.51
N THR A 91 -2.80 -2.38 6.85
CA THR A 91 -1.42 -2.52 7.40
C THR A 91 -0.73 -3.77 6.85
N VAL A 92 0.58 -3.71 6.62
CA VAL A 92 1.46 -4.85 6.28
C VAL A 92 2.91 -4.61 6.74
N GLN A 93 3.70 -5.67 6.96
CA GLN A 93 5.12 -5.58 7.32
C GLN A 93 6.04 -5.99 6.15
N LEU A 94 7.23 -5.39 6.09
CA LEU A 94 8.31 -5.71 5.14
C LEU A 94 9.62 -5.96 5.91
N ASP A 95 10.13 -7.20 5.84
CA ASP A 95 11.40 -7.63 6.43
C ASP A 95 12.49 -7.76 5.35
N VAL A 96 13.15 -6.65 5.01
CA VAL A 96 14.20 -6.60 3.97
C VAL A 96 15.44 -7.40 4.41
N LEU A 97 15.68 -8.53 3.74
CA LEU A 97 16.78 -9.46 3.95
C LEU A 97 18.09 -8.89 3.39
N ALA A 98 18.95 -8.35 4.26
CA ALA A 98 20.29 -7.84 3.90
C ALA A 98 21.23 -8.95 3.40
N LYS A 99 22.31 -8.56 2.71
CA LYS A 99 23.32 -9.45 2.09
C LYS A 99 24.78 -9.13 2.46
N GLU A 100 24.98 -8.35 3.53
CA GLU A 100 26.27 -8.03 4.16
C GLU A 100 27.12 -9.26 4.56
N GLY A 1 -25.39 6.18 -9.26
CA GLY A 1 -25.96 5.60 -8.02
C GLY A 1 -25.44 6.30 -6.78
N ALA A 2 -26.08 6.06 -5.64
CA ALA A 2 -25.71 6.65 -4.33
C ALA A 2 -24.30 6.23 -3.87
N MET A 3 -23.59 7.17 -3.22
CA MET A 3 -22.27 6.96 -2.60
C MET A 3 -22.28 5.98 -1.42
N GLY A 4 -21.10 5.53 -0.98
CA GLY A 4 -20.87 4.69 0.19
C GLY A 4 -19.39 4.62 0.61
N PRO A 5 -19.11 4.22 1.87
CA PRO A 5 -17.76 4.27 2.45
C PRO A 5 -16.78 3.26 1.83
N PRO A 6 -15.46 3.42 2.02
CA PRO A 6 -14.46 2.44 1.59
C PRO A 6 -14.59 1.13 2.39
N ARG A 7 -14.26 -0.01 1.75
CA ARG A 7 -14.45 -1.36 2.30
C ARG A 7 -13.26 -2.30 2.02
N PHE A 8 -12.88 -3.06 3.05
CA PHE A 8 -11.91 -4.16 3.02
C PHE A 8 -12.41 -5.31 2.14
N ILE A 9 -11.69 -5.63 1.05
CA ILE A 9 -11.96 -6.81 0.21
C ILE A 9 -10.85 -7.87 0.41
N GLN A 10 -9.58 -7.50 0.24
CA GLN A 10 -8.42 -8.36 0.56
C GLN A 10 -7.17 -7.50 0.89
N VAL A 11 -6.37 -7.96 1.86
CA VAL A 11 -5.03 -7.44 2.17
C VAL A 11 -3.99 -8.56 2.07
N PRO A 12 -2.73 -8.28 1.69
CA PRO A 12 -1.68 -9.28 1.57
C PRO A 12 -1.11 -9.69 2.95
N GLU A 13 -0.40 -10.81 2.99
CA GLU A 13 0.45 -11.20 4.14
C GLU A 13 1.74 -10.35 4.19
N ASN A 14 2.46 -10.41 5.31
CA ASN A 14 3.80 -9.83 5.43
C ASN A 14 4.81 -10.49 4.46
N MET A 15 5.93 -9.82 4.19
CA MET A 15 6.98 -10.31 3.27
C MET A 15 8.40 -10.17 3.85
N SER A 16 9.34 -10.92 3.27
CA SER A 16 10.79 -10.77 3.47
C SER A 16 11.52 -10.91 2.12
N ILE A 17 12.18 -9.84 1.69
CA ILE A 17 12.69 -9.65 0.32
C ILE A 17 14.20 -9.34 0.36
N ASP A 18 14.99 -10.02 -0.47
CA ASP A 18 16.42 -9.78 -0.68
C ASP A 18 16.72 -8.34 -1.17
N GLU A 19 17.60 -7.63 -0.48
CA GLU A 19 18.06 -6.28 -0.80
C GLU A 19 18.53 -6.16 -2.27
N GLY A 20 17.97 -5.17 -2.99
CA GLY A 20 18.26 -4.85 -4.39
C GLY A 20 17.22 -5.36 -5.40
N ARG A 21 16.30 -6.25 -5.00
CA ARG A 21 15.22 -6.76 -5.87
C ARG A 21 14.09 -5.75 -6.11
N PHE A 22 13.31 -6.01 -7.16
CA PHE A 22 11.94 -5.52 -7.33
C PHE A 22 10.96 -6.31 -6.44
N CYS A 23 9.95 -5.66 -5.87
CA CYS A 23 8.76 -6.33 -5.32
C CYS A 23 7.49 -5.45 -5.38
N ARG A 24 6.32 -6.05 -5.12
CA ARG A 24 5.01 -5.37 -5.05
C ARG A 24 4.09 -5.95 -3.98
N MET A 25 2.99 -5.26 -3.70
CA MET A 25 1.90 -5.64 -2.79
C MET A 25 0.53 -5.44 -3.47
N ASP A 26 -0.49 -6.13 -2.96
CA ASP A 26 -1.79 -6.33 -3.64
C ASP A 26 -2.98 -6.13 -2.66
N PHE A 27 -3.52 -4.91 -2.61
CA PHE A 27 -4.60 -4.50 -1.71
C PHE A 27 -5.92 -4.28 -2.47
N LYS A 28 -6.87 -5.22 -2.39
CA LYS A 28 -8.23 -5.06 -2.96
C LYS A 28 -9.11 -4.23 -2.02
N VAL A 29 -9.66 -3.13 -2.53
CA VAL A 29 -10.56 -2.19 -1.84
C VAL A 29 -11.79 -1.89 -2.71
N SER A 30 -12.93 -1.58 -2.08
CA SER A 30 -14.16 -1.12 -2.74
C SER A 30 -14.71 0.15 -2.06
N GLY A 31 -15.78 0.74 -2.61
CA GLY A 31 -16.43 1.99 -2.18
C GLY A 31 -16.80 2.89 -3.38
N LEU A 32 -17.61 3.93 -3.15
CA LEU A 32 -18.05 4.88 -4.18
C LEU A 32 -18.22 6.31 -3.63
N PRO A 33 -17.50 7.33 -4.13
CA PRO A 33 -16.48 7.26 -5.18
C PRO A 33 -15.20 6.52 -4.71
N ALA A 34 -14.30 6.22 -5.65
CA ALA A 34 -13.01 5.59 -5.39
C ALA A 34 -12.19 6.44 -4.38
N PRO A 35 -11.68 5.85 -3.28
CA PRO A 35 -11.04 6.62 -2.21
C PRO A 35 -9.69 7.22 -2.64
N ASP A 36 -9.36 8.38 -2.07
CA ASP A 36 -8.00 8.92 -2.00
C ASP A 36 -7.17 8.09 -1.01
N VAL A 37 -5.88 7.86 -1.32
CA VAL A 37 -5.01 6.92 -0.59
C VAL A 37 -3.70 7.57 -0.15
N SER A 38 -3.28 7.27 1.09
CA SER A 38 -2.12 7.87 1.78
C SER A 38 -1.32 6.79 2.52
N TRP A 39 -0.10 6.52 2.07
CA TRP A 39 0.79 5.53 2.66
C TRP A 39 1.63 6.06 3.83
N TYR A 40 1.99 5.15 4.72
CA TYR A 40 2.77 5.38 5.95
C TYR A 40 3.74 4.21 6.21
N LEU A 41 4.78 4.45 7.02
CA LEU A 41 5.80 3.51 7.46
C LEU A 41 6.24 3.84 8.90
N ASN A 42 6.02 2.92 9.84
CA ASN A 42 6.37 3.01 11.27
C ASN A 42 5.81 4.26 12.02
N GLY A 43 4.89 5.01 11.39
CA GLY A 43 4.27 6.25 11.90
C GLY A 43 4.60 7.51 11.10
N ARG A 44 5.63 7.49 10.22
CA ARG A 44 5.92 8.56 9.24
C ARG A 44 5.08 8.37 7.97
N THR A 45 4.88 9.43 7.19
CA THR A 45 4.27 9.38 5.84
C THR A 45 5.23 8.76 4.81
N VAL A 46 4.67 8.25 3.71
CA VAL A 46 5.37 7.75 2.53
C VAL A 46 4.69 8.28 1.27
N GLN A 47 5.32 9.26 0.60
CA GLN A 47 4.84 9.78 -0.68
C GLN A 47 5.17 8.82 -1.85
N SER A 48 4.46 8.95 -2.97
CA SER A 48 4.79 8.27 -4.24
C SER A 48 6.10 8.77 -4.83
N ASP A 49 6.81 7.91 -5.57
CA ASP A 49 8.06 8.22 -6.27
C ASP A 49 8.22 7.35 -7.53
N ASP A 50 9.15 7.69 -8.42
CA ASP A 50 9.55 6.85 -9.56
C ASP A 50 10.01 5.43 -9.12
N LEU A 51 10.69 5.30 -7.98
CA LEU A 51 11.08 4.02 -7.37
C LEU A 51 9.97 3.38 -6.51
N HIS A 52 8.92 4.12 -6.16
CA HIS A 52 7.85 3.73 -5.25
C HIS A 52 6.46 4.11 -5.80
N LYS A 53 6.05 3.39 -6.85
CA LYS A 53 4.81 3.64 -7.60
C LYS A 53 3.55 3.25 -6.80
N MET A 54 2.50 4.04 -6.95
CA MET A 54 1.22 3.96 -6.21
C MET A 54 0.04 4.20 -7.17
N ILE A 55 -0.65 3.14 -7.58
CA ILE A 55 -1.78 3.17 -8.52
C ILE A 55 -2.91 2.22 -8.07
N VAL A 56 -4.12 2.40 -8.60
CA VAL A 56 -5.30 1.55 -8.31
C VAL A 56 -6.09 1.28 -9.59
N SER A 57 -6.19 0.00 -9.97
CA SER A 57 -6.95 -0.45 -11.15
C SER A 57 -8.47 -0.28 -10.98
N GLU A 58 -9.21 -0.24 -12.08
CA GLU A 58 -10.68 -0.08 -12.10
C GLU A 58 -11.44 -1.22 -11.39
N LYS A 59 -10.81 -2.39 -11.23
CA LYS A 59 -11.31 -3.56 -10.47
C LYS A 59 -11.16 -3.41 -8.93
N GLY A 60 -10.52 -2.33 -8.45
CA GLY A 60 -10.31 -2.03 -7.03
C GLY A 60 -8.98 -2.54 -6.44
N LEU A 61 -8.11 -3.13 -7.26
CA LEU A 61 -6.77 -3.57 -6.86
C LEU A 61 -5.79 -2.38 -6.78
N HIS A 62 -5.51 -1.91 -5.57
CA HIS A 62 -4.46 -0.94 -5.26
C HIS A 62 -3.08 -1.62 -5.22
N SER A 63 -2.22 -1.26 -6.17
CA SER A 63 -0.80 -1.63 -6.22
C SER A 63 0.08 -0.68 -5.40
N LEU A 64 1.06 -1.24 -4.70
CA LEU A 64 2.17 -0.55 -4.03
C LEU A 64 3.47 -1.28 -4.41
N ILE A 65 4.41 -0.58 -5.03
CA ILE A 65 5.58 -1.16 -5.71
C ILE A 65 6.91 -0.63 -5.12
N PHE A 66 7.96 -1.44 -5.22
CA PHE A 66 9.37 -1.12 -4.93
C PHE A 66 10.24 -1.53 -6.13
N GLU A 67 10.79 -0.56 -6.87
CA GLU A 67 11.70 -0.84 -7.99
C GLU A 67 13.03 -1.48 -7.55
N VAL A 68 13.61 -1.01 -6.44
CA VAL A 68 14.89 -1.45 -5.87
C VAL A 68 14.86 -1.29 -4.34
N VAL A 69 14.41 -2.34 -3.63
CA VAL A 69 14.27 -2.31 -2.17
C VAL A 69 15.63 -2.27 -1.45
N ARG A 70 15.73 -1.49 -0.37
CA ARG A 70 16.92 -1.34 0.50
C ARG A 70 16.60 -1.63 1.97
N ALA A 71 17.61 -1.93 2.78
CA ALA A 71 17.46 -2.30 4.18
C ALA A 71 16.67 -1.26 5.01
N SER A 72 16.82 0.03 4.69
CA SER A 72 16.08 1.16 5.30
C SER A 72 14.57 1.16 5.02
N ASP A 73 14.09 0.41 4.02
CA ASP A 73 12.66 0.27 3.69
C ASP A 73 11.92 -0.75 4.60
N ALA A 74 12.62 -1.49 5.46
CA ALA A 74 12.00 -2.44 6.38
C ALA A 74 11.10 -1.74 7.42
N GLY A 75 10.04 -2.44 7.86
CA GLY A 75 9.09 -1.98 8.89
C GLY A 75 7.62 -2.29 8.60
N ALA A 76 6.75 -1.79 9.46
CA ALA A 76 5.28 -1.87 9.37
C ALA A 76 4.73 -0.74 8.48
N TYR A 77 4.27 -1.08 7.28
CA TYR A 77 3.56 -0.17 6.38
C TYR A 77 2.06 -0.12 6.68
N ALA A 78 1.43 1.02 6.38
CA ALA A 78 -0.02 1.18 6.37
C ALA A 78 -0.51 2.10 5.24
N CYS A 79 -1.78 2.01 4.89
CA CYS A 79 -2.46 2.80 3.86
C CYS A 79 -3.84 3.25 4.35
N VAL A 80 -3.98 4.54 4.68
CA VAL A 80 -5.27 5.19 4.94
C VAL A 80 -5.98 5.44 3.60
N ALA A 81 -7.27 5.09 3.53
CA ALA A 81 -8.14 5.23 2.37
C ALA A 81 -9.44 5.97 2.74
N LYS A 82 -9.74 7.10 2.09
CA LYS A 82 -10.84 8.02 2.44
C LYS A 82 -11.65 8.46 1.22
N ASN A 83 -12.97 8.53 1.35
CA ASN A 83 -13.87 9.21 0.42
C ASN A 83 -14.89 10.10 1.17
N ARG A 84 -15.80 10.76 0.44
CA ARG A 84 -16.85 11.64 0.99
C ARG A 84 -17.88 10.98 1.93
N ALA A 85 -17.84 9.65 2.06
CA ALA A 85 -18.78 8.83 2.83
C ALA A 85 -18.13 8.05 4.00
N GLY A 86 -16.80 7.95 4.08
CA GLY A 86 -16.11 7.26 5.18
C GLY A 86 -14.60 7.06 5.00
N GLU A 87 -14.01 6.29 5.93
CA GLU A 87 -12.57 6.03 6.08
C GLU A 87 -12.30 4.55 6.40
N ALA A 88 -11.20 4.00 5.87
CA ALA A 88 -10.61 2.71 6.21
C ALA A 88 -9.07 2.81 6.29
N THR A 89 -8.41 1.84 6.91
CA THR A 89 -6.94 1.76 7.01
C THR A 89 -6.46 0.30 6.89
N PHE A 90 -5.58 0.04 5.94
CA PHE A 90 -4.98 -1.29 5.69
C PHE A 90 -3.51 -1.33 6.19
N THR A 91 -2.99 -2.52 6.54
CA THR A 91 -1.69 -2.68 7.21
C THR A 91 -0.94 -3.94 6.72
N VAL A 92 0.40 -3.88 6.65
CA VAL A 92 1.32 -4.99 6.32
C VAL A 92 2.71 -4.76 6.92
N GLN A 93 3.61 -5.75 6.86
CA GLN A 93 5.01 -5.62 7.30
C GLN A 93 5.99 -6.16 6.24
N LEU A 94 7.18 -5.57 6.16
CA LEU A 94 8.26 -5.91 5.23
C LEU A 94 9.59 -6.04 6.00
N ASP A 95 10.18 -7.23 5.98
CA ASP A 95 11.46 -7.56 6.62
C ASP A 95 12.56 -7.73 5.55
N VAL A 96 13.07 -6.61 5.02
CA VAL A 96 14.12 -6.57 3.97
C VAL A 96 15.39 -7.30 4.44
N LEU A 97 15.71 -8.40 3.78
CA LEU A 97 16.88 -9.25 4.00
C LEU A 97 18.13 -8.58 3.42
N ALA A 98 18.92 -7.92 4.27
CA ALA A 98 20.13 -7.19 3.86
C ALA A 98 21.19 -8.09 3.17
N LYS A 99 21.98 -7.51 2.26
CA LYS A 99 23.03 -8.21 1.48
C LYS A 99 24.32 -8.50 2.25
N GLU A 100 24.48 -7.94 3.46
CA GLU A 100 25.66 -8.06 4.35
C GLU A 100 26.02 -9.52 4.72
N GLY A 1 -25.34 5.23 -10.69
CA GLY A 1 -25.75 4.29 -9.63
C GLY A 1 -25.48 4.84 -8.23
N ALA A 2 -25.87 4.09 -7.20
CA ALA A 2 -25.59 4.41 -5.80
C ALA A 2 -24.08 4.34 -5.45
N MET A 3 -23.69 4.88 -4.29
CA MET A 3 -22.30 4.99 -3.82
C MET A 3 -22.14 4.55 -2.35
N GLY A 4 -20.91 4.55 -1.79
CA GLY A 4 -20.68 4.12 -0.41
C GLY A 4 -19.22 4.14 0.09
N PRO A 5 -19.00 3.91 1.39
CA PRO A 5 -17.69 4.02 2.04
C PRO A 5 -16.67 2.97 1.53
N PRO A 6 -15.36 3.21 1.72
CA PRO A 6 -14.32 2.25 1.36
C PRO A 6 -14.36 1.00 2.26
N ARG A 7 -14.09 -0.17 1.70
CA ARG A 7 -14.19 -1.49 2.38
C ARG A 7 -12.95 -2.37 2.20
N PHE A 8 -12.71 -3.19 3.22
CA PHE A 8 -11.65 -4.20 3.34
C PHE A 8 -12.01 -5.47 2.54
N ILE A 9 -11.30 -5.75 1.45
CA ILE A 9 -11.47 -6.99 0.65
C ILE A 9 -10.25 -7.93 0.82
N GLN A 10 -9.02 -7.40 0.78
CA GLN A 10 -7.79 -8.13 1.11
C GLN A 10 -6.71 -7.19 1.68
N VAL A 11 -5.96 -7.67 2.68
CA VAL A 11 -4.63 -7.16 3.05
C VAL A 11 -3.60 -8.30 2.99
N PRO A 12 -2.40 -8.09 2.41
CA PRO A 12 -1.38 -9.13 2.31
C PRO A 12 -0.67 -9.39 3.65
N GLU A 13 -0.04 -10.57 3.79
CA GLU A 13 0.83 -10.94 4.91
C GLU A 13 2.12 -10.09 4.94
N ASN A 14 2.86 -10.11 6.06
CA ASN A 14 4.17 -9.46 6.17
C ASN A 14 5.20 -10.10 5.20
N MET A 15 5.65 -9.35 4.20
CA MET A 15 6.59 -9.85 3.18
C MET A 15 8.01 -9.95 3.73
N SER A 16 8.80 -10.90 3.23
CA SER A 16 10.22 -11.12 3.54
C SER A 16 11.05 -11.21 2.26
N ILE A 17 11.75 -10.12 1.93
CA ILE A 17 12.34 -9.86 0.61
C ILE A 17 13.85 -9.68 0.70
N ASP A 18 14.62 -10.48 -0.04
CA ASP A 18 16.07 -10.34 -0.23
C ASP A 18 16.43 -8.96 -0.84
N GLU A 19 17.33 -8.23 -0.18
CA GLU A 19 17.77 -6.88 -0.56
C GLU A 19 18.24 -6.77 -2.03
N GLY A 20 17.81 -5.71 -2.71
CA GLY A 20 18.13 -5.39 -4.11
C GLY A 20 17.10 -5.87 -5.13
N ARG A 21 16.13 -6.71 -4.73
CA ARG A 21 15.04 -7.22 -5.60
C ARG A 21 13.99 -6.16 -5.94
N PHE A 22 13.26 -6.41 -7.04
CA PHE A 22 11.91 -5.90 -7.27
C PHE A 22 10.89 -6.67 -6.42
N CYS A 23 9.89 -5.99 -5.86
CA CYS A 23 8.65 -6.61 -5.37
C CYS A 23 7.45 -5.66 -5.46
N ARG A 24 6.24 -6.18 -5.22
CA ARG A 24 4.98 -5.42 -5.10
C ARG A 24 4.03 -6.06 -4.08
N MET A 25 3.31 -5.23 -3.34
CA MET A 25 2.19 -5.61 -2.47
C MET A 25 0.85 -5.53 -3.24
N ASP A 26 -0.18 -6.23 -2.77
CA ASP A 26 -1.51 -6.32 -3.40
C ASP A 26 -2.66 -6.24 -2.38
N PHE A 27 -3.39 -5.12 -2.39
CA PHE A 27 -4.49 -4.77 -1.49
C PHE A 27 -5.81 -4.65 -2.26
N LYS A 28 -6.65 -5.70 -2.25
CA LYS A 28 -8.00 -5.61 -2.82
C LYS A 28 -8.88 -4.67 -1.98
N VAL A 29 -9.67 -3.83 -2.63
CA VAL A 29 -10.47 -2.75 -2.03
C VAL A 29 -11.77 -2.52 -2.79
N SER A 30 -12.80 -2.02 -2.10
CA SER A 30 -14.09 -1.60 -2.67
C SER A 30 -14.56 -0.26 -2.09
N GLY A 31 -15.67 0.29 -2.59
CA GLY A 31 -16.24 1.60 -2.27
C GLY A 31 -16.36 2.52 -3.50
N LEU A 32 -17.16 3.59 -3.39
CA LEU A 32 -17.40 4.57 -4.47
C LEU A 32 -17.75 5.96 -3.88
N PRO A 33 -17.19 7.08 -4.37
CA PRO A 33 -16.16 7.18 -5.41
C PRO A 33 -14.79 6.64 -4.93
N ALA A 34 -13.83 6.55 -5.86
CA ALA A 34 -12.47 6.05 -5.60
C ALA A 34 -11.76 6.86 -4.49
N PRO A 35 -11.30 6.22 -3.40
CA PRO A 35 -10.75 6.94 -2.24
C PRO A 35 -9.37 7.56 -2.51
N ASP A 36 -9.05 8.61 -1.74
CA ASP A 36 -7.78 9.34 -1.76
C ASP A 36 -6.67 8.58 -0.99
N VAL A 37 -6.16 7.50 -1.59
CA VAL A 37 -5.13 6.61 -1.03
C VAL A 37 -3.84 7.35 -0.62
N SER A 38 -3.46 7.24 0.65
CA SER A 38 -2.35 7.97 1.29
C SER A 38 -1.47 7.02 2.13
N TRP A 39 -0.23 6.79 1.69
CA TRP A 39 0.70 5.83 2.30
C TRP A 39 1.55 6.43 3.44
N TYR A 40 1.90 5.56 4.39
CA TYR A 40 2.69 5.82 5.60
C TYR A 40 3.65 4.66 5.92
N LEU A 41 4.68 4.94 6.72
CA LEU A 41 5.70 4.02 7.22
C LEU A 41 6.16 4.45 8.62
N ASN A 42 6.06 3.55 9.61
CA ASN A 42 6.53 3.73 10.99
C ASN A 42 6.03 5.00 11.74
N GLY A 43 4.98 5.67 11.22
CA GLY A 43 4.40 6.90 11.78
C GLY A 43 4.66 8.19 10.97
N ARG A 44 5.38 8.11 9.84
CA ARG A 44 5.61 9.21 8.88
C ARG A 44 5.01 8.89 7.51
N THR A 45 4.82 9.90 6.66
CA THR A 45 4.29 9.76 5.29
C THR A 45 5.26 9.05 4.33
N VAL A 46 4.72 8.49 3.25
CA VAL A 46 5.46 7.94 2.10
C VAL A 46 4.87 8.51 0.81
N GLN A 47 5.59 9.42 0.17
CA GLN A 47 5.23 9.95 -1.16
C GLN A 47 5.48 8.91 -2.26
N SER A 48 4.75 9.01 -3.38
CA SER A 48 4.99 8.21 -4.59
C SER A 48 6.30 8.62 -5.29
N ASP A 49 6.94 7.67 -5.97
CA ASP A 49 8.16 7.88 -6.78
C ASP A 49 8.24 6.86 -7.93
N ASP A 50 9.16 7.03 -8.89
CA ASP A 50 9.45 5.99 -9.88
C ASP A 50 10.00 4.70 -9.24
N LEU A 51 10.73 4.79 -8.13
CA LEU A 51 11.15 3.64 -7.33
C LEU A 51 10.02 3.01 -6.50
N HIS A 52 8.96 3.78 -6.22
CA HIS A 52 7.86 3.45 -5.31
C HIS A 52 6.50 3.82 -5.92
N LYS A 53 6.11 3.12 -6.98
CA LYS A 53 4.87 3.37 -7.74
C LYS A 53 3.63 2.99 -6.92
N MET A 54 2.58 3.79 -7.06
CA MET A 54 1.32 3.73 -6.31
C MET A 54 0.13 3.88 -7.26
N ILE A 55 -0.54 2.76 -7.58
CA ILE A 55 -1.63 2.70 -8.59
C ILE A 55 -2.82 1.89 -8.10
N VAL A 56 -4.00 2.18 -8.67
CA VAL A 56 -5.29 1.52 -8.41
C VAL A 56 -5.93 1.03 -9.72
N SER A 57 -6.94 0.16 -9.61
CA SER A 57 -7.66 -0.45 -10.74
C SER A 57 -9.17 -0.49 -10.53
N GLU A 58 -9.92 -0.36 -11.62
CA GLU A 58 -11.38 -0.58 -11.72
C GLU A 58 -11.82 -1.99 -11.29
N LYS A 59 -10.90 -2.97 -11.28
CA LYS A 59 -11.11 -4.35 -10.83
C LYS A 59 -11.19 -4.51 -9.29
N GLY A 60 -11.03 -3.42 -8.53
CA GLY A 60 -11.09 -3.39 -7.06
C GLY A 60 -9.76 -3.77 -6.41
N LEU A 61 -8.66 -3.17 -6.86
CA LEU A 61 -7.29 -3.48 -6.43
C LEU A 61 -6.45 -2.20 -6.30
N HIS A 62 -5.51 -2.20 -5.34
CA HIS A 62 -4.46 -1.21 -5.14
C HIS A 62 -3.11 -1.91 -5.00
N SER A 63 -2.08 -1.43 -5.72
CA SER A 63 -0.71 -1.96 -5.68
C SER A 63 0.30 -0.91 -5.21
N LEU A 64 1.37 -1.40 -4.55
CA LEU A 64 2.47 -0.63 -3.96
C LEU A 64 3.80 -1.33 -4.32
N ILE A 65 4.59 -0.70 -5.18
CA ILE A 65 5.81 -1.27 -5.79
C ILE A 65 7.07 -0.88 -5.00
N PHE A 66 8.10 -1.72 -5.08
CA PHE A 66 9.50 -1.42 -4.76
C PHE A 66 10.39 -1.86 -5.94
N GLU A 67 10.94 -0.93 -6.71
CA GLU A 67 11.82 -1.24 -7.85
C GLU A 67 13.13 -1.94 -7.42
N VAL A 68 13.75 -1.45 -6.34
CA VAL A 68 15.02 -1.94 -5.78
C VAL A 68 15.02 -1.69 -4.26
N VAL A 69 14.47 -2.64 -3.49
CA VAL A 69 14.34 -2.52 -2.03
C VAL A 69 15.71 -2.53 -1.32
N ARG A 70 15.88 -1.71 -0.28
CA ARG A 70 17.09 -1.60 0.56
C ARG A 70 16.73 -1.76 2.05
N ALA A 71 17.72 -2.09 2.89
CA ALA A 71 17.51 -2.37 4.32
C ALA A 71 16.79 -1.25 5.09
N SER A 72 17.00 0.01 4.70
CA SER A 72 16.33 1.20 5.26
C SER A 72 14.81 1.25 5.00
N ASP A 73 14.29 0.49 4.03
CA ASP A 73 12.87 0.40 3.69
C ASP A 73 12.08 -0.53 4.63
N ALA A 74 12.73 -1.30 5.50
CA ALA A 74 12.07 -2.19 6.46
C ALA A 74 11.18 -1.41 7.47
N GLY A 75 10.07 -2.02 7.88
CA GLY A 75 9.13 -1.44 8.87
C GLY A 75 7.65 -1.74 8.60
N ALA A 76 6.79 -1.15 9.42
CA ALA A 76 5.33 -1.24 9.35
C ALA A 76 4.75 -0.16 8.39
N TYR A 77 4.32 -0.59 7.20
CA TYR A 77 3.62 0.26 6.23
C TYR A 77 2.11 0.32 6.50
N ALA A 78 1.47 1.43 6.14
CA ALA A 78 0.01 1.58 6.15
C ALA A 78 -0.50 2.45 4.99
N CYS A 79 -1.78 2.33 4.66
CA CYS A 79 -2.48 3.11 3.64
C CYS A 79 -3.87 3.54 4.13
N VAL A 80 -4.03 4.84 4.40
CA VAL A 80 -5.33 5.48 4.67
C VAL A 80 -6.08 5.67 3.36
N ALA A 81 -7.37 5.35 3.33
CA ALA A 81 -8.27 5.44 2.17
C ALA A 81 -9.59 6.13 2.58
N LYS A 82 -9.85 7.33 2.04
CA LYS A 82 -11.00 8.19 2.39
C LYS A 82 -11.76 8.65 1.14
N ASN A 83 -13.09 8.61 1.20
CA ASN A 83 -13.99 9.23 0.22
C ASN A 83 -15.12 10.04 0.91
N ARG A 84 -16.02 10.64 0.12
CA ARG A 84 -17.16 11.45 0.62
C ARG A 84 -18.20 10.69 1.47
N ALA A 85 -18.12 9.36 1.54
CA ALA A 85 -19.02 8.49 2.29
C ALA A 85 -18.38 7.79 3.51
N GLY A 86 -17.04 7.74 3.64
CA GLY A 86 -16.36 7.15 4.79
C GLY A 86 -14.84 6.95 4.65
N GLU A 87 -14.28 6.19 5.60
CA GLU A 87 -12.83 5.98 5.82
C GLU A 87 -12.51 4.50 6.10
N ALA A 88 -11.36 4.04 5.60
CA ALA A 88 -10.69 2.78 5.96
C ALA A 88 -9.16 2.98 6.03
N THR A 89 -8.46 2.07 6.72
CA THR A 89 -6.99 2.12 6.88
C THR A 89 -6.41 0.70 6.88
N PHE A 90 -5.59 0.38 5.88
CA PHE A 90 -4.93 -0.92 5.70
C PHE A 90 -3.49 -0.90 6.24
N THR A 91 -2.97 -2.04 6.71
CA THR A 91 -1.63 -2.16 7.36
C THR A 91 -0.90 -3.44 6.96
N VAL A 92 0.43 -3.40 6.86
CA VAL A 92 1.33 -4.54 6.63
C VAL A 92 2.74 -4.26 7.22
N GLN A 93 3.65 -5.24 7.19
CA GLN A 93 5.06 -5.09 7.56
C GLN A 93 5.99 -5.67 6.49
N LEU A 94 7.21 -5.12 6.36
CA LEU A 94 8.21 -5.52 5.37
C LEU A 94 9.54 -5.87 6.06
N ASP A 95 9.86 -7.16 6.07
CA ASP A 95 11.11 -7.73 6.61
C ASP A 95 12.18 -7.81 5.50
N VAL A 96 12.87 -6.70 5.22
CA VAL A 96 13.96 -6.65 4.23
C VAL A 96 15.17 -7.46 4.72
N LEU A 97 15.43 -8.60 4.09
CA LEU A 97 16.55 -9.49 4.37
C LEU A 97 17.84 -8.92 3.75
N ALA A 98 18.65 -8.23 4.56
CA ALA A 98 19.83 -7.48 4.11
C ALA A 98 20.90 -8.35 3.39
N LYS A 99 21.65 -7.74 2.47
CA LYS A 99 22.72 -8.36 1.68
C LYS A 99 23.93 -8.74 2.53
N GLU A 100 24.40 -7.83 3.39
CA GLU A 100 25.54 -7.99 4.31
C GLU A 100 25.30 -9.03 5.42
N GLY A 1 -27.13 7.57 -9.64
CA GLY A 1 -26.92 6.19 -9.15
C GLY A 1 -26.48 6.16 -7.69
N ALA A 2 -26.74 5.06 -6.99
CA ALA A 2 -26.32 4.84 -5.60
C ALA A 2 -24.78 4.75 -5.44
N MET A 3 -24.29 4.94 -4.21
CA MET A 3 -22.87 4.95 -3.84
C MET A 3 -22.64 4.44 -2.41
N GLY A 4 -21.39 4.35 -1.92
CA GLY A 4 -21.09 3.86 -0.56
C GLY A 4 -19.61 3.89 -0.12
N PRO A 5 -19.34 3.63 1.16
CA PRO A 5 -18.01 3.76 1.74
C PRO A 5 -17.03 2.67 1.26
N PRO A 6 -15.70 2.89 1.38
CA PRO A 6 -14.70 1.84 1.21
C PRO A 6 -14.77 0.83 2.37
N ARG A 7 -14.18 -0.36 2.19
CA ARG A 7 -14.24 -1.49 3.15
C ARG A 7 -12.90 -2.21 3.27
N PHE A 8 -12.77 -3.04 4.32
CA PHE A 8 -11.56 -3.74 4.72
C PHE A 8 -11.40 -5.08 3.97
N ILE A 9 -11.06 -5.00 2.68
CA ILE A 9 -10.79 -6.15 1.79
C ILE A 9 -9.41 -6.79 2.11
N GLN A 10 -9.04 -7.85 1.39
CA GLN A 10 -7.84 -8.69 1.58
C GLN A 10 -6.53 -7.87 1.68
N VAL A 11 -5.64 -8.32 2.58
CA VAL A 11 -4.26 -7.82 2.78
C VAL A 11 -3.25 -8.99 2.75
N PRO A 12 -1.99 -8.76 2.36
CA PRO A 12 -0.93 -9.78 2.40
C PRO A 12 -0.39 -9.99 3.82
N GLU A 13 0.24 -11.16 4.05
CA GLU A 13 1.02 -11.48 5.25
C GLU A 13 2.34 -10.67 5.32
N ASN A 14 3.07 -10.76 6.45
CA ASN A 14 4.40 -10.16 6.63
C ASN A 14 5.42 -10.63 5.56
N MET A 15 5.83 -9.70 4.69
CA MET A 15 6.74 -9.94 3.57
C MET A 15 8.22 -9.92 4.00
N SER A 16 9.08 -10.58 3.24
CA SER A 16 10.54 -10.62 3.43
C SER A 16 11.28 -10.73 2.08
N ILE A 17 11.95 -9.64 1.66
CA ILE A 17 12.50 -9.47 0.30
C ILE A 17 14.00 -9.19 0.38
N ASP A 18 14.79 -9.88 -0.46
CA ASP A 18 16.24 -9.68 -0.61
C ASP A 18 16.59 -8.27 -1.13
N GLU A 19 17.54 -7.60 -0.47
CA GLU A 19 18.02 -6.25 -0.81
C GLU A 19 18.47 -6.14 -2.28
N GLY A 20 18.04 -5.07 -2.96
CA GLY A 20 18.39 -4.73 -4.34
C GLY A 20 17.41 -5.24 -5.41
N ARG A 21 16.45 -6.10 -5.05
CA ARG A 21 15.41 -6.60 -5.98
C ARG A 21 14.30 -5.56 -6.26
N PHE A 22 13.58 -5.78 -7.35
CA PHE A 22 12.23 -5.25 -7.58
C PHE A 22 11.21 -5.98 -6.68
N CYS A 23 10.17 -5.27 -6.24
CA CYS A 23 8.96 -5.85 -5.64
C CYS A 23 7.71 -4.99 -5.91
N ARG A 24 6.52 -5.55 -5.70
CA ARG A 24 5.24 -4.84 -5.55
C ARG A 24 4.27 -5.58 -4.62
N MET A 25 3.34 -4.85 -4.02
CA MET A 25 2.29 -5.37 -3.13
C MET A 25 0.93 -5.45 -3.85
N ASP A 26 -0.04 -6.14 -3.24
CA ASP A 26 -1.40 -6.37 -3.74
C ASP A 26 -2.46 -6.10 -2.64
N PHE A 27 -3.24 -5.03 -2.81
CA PHE A 27 -4.28 -4.60 -1.88
C PHE A 27 -5.62 -4.41 -2.60
N LYS A 28 -6.54 -5.38 -2.47
CA LYS A 28 -7.91 -5.24 -2.97
C LYS A 28 -8.62 -4.06 -2.31
N VAL A 29 -9.44 -3.34 -3.07
CA VAL A 29 -10.13 -2.11 -2.62
C VAL A 29 -11.50 -1.94 -3.30
N SER A 30 -12.46 -1.36 -2.57
CA SER A 30 -13.85 -1.11 -3.01
C SER A 30 -14.35 0.26 -2.53
N GLY A 31 -15.58 0.64 -2.89
CA GLY A 31 -16.26 1.89 -2.51
C GLY A 31 -16.50 2.82 -3.71
N LEU A 32 -17.42 3.77 -3.54
CA LEU A 32 -17.81 4.75 -4.57
C LEU A 32 -18.23 6.09 -3.92
N PRO A 33 -17.72 7.26 -4.34
CA PRO A 33 -16.69 7.45 -5.39
C PRO A 33 -15.33 6.88 -4.98
N ALA A 34 -14.41 6.81 -5.95
CA ALA A 34 -13.06 6.24 -5.77
C ALA A 34 -12.30 6.93 -4.62
N PRO A 35 -11.86 6.20 -3.57
CA PRO A 35 -11.24 6.80 -2.39
C PRO A 35 -9.84 7.35 -2.66
N ASP A 36 -9.40 8.27 -1.79
CA ASP A 36 -8.03 8.80 -1.74
C ASP A 36 -7.01 7.73 -1.28
N VAL A 37 -5.71 8.03 -1.40
CA VAL A 37 -4.58 7.13 -1.08
C VAL A 37 -3.54 7.87 -0.23
N SER A 38 -3.39 7.42 1.03
CA SER A 38 -2.43 7.98 2.00
C SER A 38 -1.63 6.86 2.68
N TRP A 39 -0.40 6.63 2.23
CA TRP A 39 0.52 5.64 2.83
C TRP A 39 1.29 6.18 4.04
N TYR A 40 1.70 5.26 4.90
CA TYR A 40 2.45 5.46 6.14
C TYR A 40 3.47 4.33 6.36
N LEU A 41 4.48 4.59 7.20
CA LEU A 41 5.53 3.64 7.63
C LEU A 41 5.98 3.99 9.06
N ASN A 42 5.90 3.02 9.97
CA ASN A 42 6.38 3.08 11.37
C ASN A 42 5.84 4.25 12.24
N GLY A 43 4.82 5.00 11.77
CA GLY A 43 4.22 6.15 12.44
C GLY A 43 4.38 7.51 11.73
N ARG A 44 5.07 7.56 10.57
CA ARG A 44 5.17 8.74 9.69
C ARG A 44 4.57 8.48 8.31
N THR A 45 4.31 9.54 7.54
CA THR A 45 3.75 9.46 6.17
C THR A 45 4.77 8.94 5.15
N VAL A 46 4.26 8.46 4.00
CA VAL A 46 5.01 8.02 2.82
C VAL A 46 4.33 8.56 1.56
N GLN A 47 4.98 9.50 0.87
CA GLN A 47 4.56 9.99 -0.45
C GLN A 47 5.09 9.10 -1.58
N SER A 48 4.46 9.14 -2.76
CA SER A 48 4.95 8.47 -3.97
C SER A 48 6.23 9.13 -4.52
N ASP A 49 7.07 8.35 -5.20
CA ASP A 49 8.17 8.81 -6.05
C ASP A 49 8.47 7.79 -7.17
N ASP A 50 9.44 8.06 -8.04
CA ASP A 50 9.79 7.21 -9.19
C ASP A 50 10.15 5.75 -8.82
N LEU A 51 10.72 5.52 -7.63
CA LEU A 51 11.04 4.18 -7.10
C LEU A 51 9.87 3.54 -6.33
N HIS A 52 8.84 4.31 -5.98
CA HIS A 52 7.72 3.92 -5.12
C HIS A 52 6.37 4.39 -5.71
N LYS A 53 5.99 3.78 -6.83
CA LYS A 53 4.75 4.06 -7.58
C LYS A 53 3.51 3.62 -6.78
N MET A 54 2.42 4.38 -6.90
CA MET A 54 1.16 4.22 -6.18
C MET A 54 -0.02 4.37 -7.16
N ILE A 55 -0.64 3.25 -7.56
CA ILE A 55 -1.71 3.18 -8.56
C ILE A 55 -2.86 2.27 -8.13
N VAL A 56 -4.04 2.45 -8.71
CA VAL A 56 -5.28 1.69 -8.42
C VAL A 56 -5.95 1.29 -9.74
N SER A 57 -6.00 -0.01 -10.01
CA SER A 57 -6.74 -0.58 -11.14
C SER A 57 -8.25 -0.37 -10.98
N GLU A 58 -8.94 -0.07 -12.09
CA GLU A 58 -10.42 0.04 -12.15
C GLU A 58 -11.16 -1.25 -11.72
N LYS A 59 -10.47 -2.40 -11.72
CA LYS A 59 -10.98 -3.70 -11.26
C LYS A 59 -11.02 -3.86 -9.73
N GLY A 60 -10.53 -2.86 -8.98
CA GLY A 60 -10.54 -2.81 -7.51
C GLY A 60 -9.27 -3.37 -6.86
N LEU A 61 -8.10 -3.03 -7.39
CA LEU A 61 -6.79 -3.51 -6.94
C LEU A 61 -5.75 -2.38 -6.89
N HIS A 62 -5.41 -1.94 -5.69
CA HIS A 62 -4.31 -1.02 -5.40
C HIS A 62 -2.95 -1.74 -5.39
N SER A 63 -1.93 -1.12 -5.98
CA SER A 63 -0.53 -1.57 -5.99
C SER A 63 0.41 -0.52 -5.38
N LEU A 64 1.47 -1.01 -4.72
CA LEU A 64 2.55 -0.24 -4.08
C LEU A 64 3.89 -0.88 -4.47
N ILE A 65 4.70 -0.17 -5.25
CA ILE A 65 5.93 -0.68 -5.90
C ILE A 65 7.18 -0.38 -5.05
N PHE A 66 8.22 -1.20 -5.23
CA PHE A 66 9.61 -0.97 -4.83
C PHE A 66 10.54 -1.29 -6.03
N GLU A 67 10.98 -0.29 -6.78
CA GLU A 67 11.86 -0.51 -7.95
C GLU A 67 13.21 -1.15 -7.57
N VAL A 68 13.81 -0.74 -6.44
CA VAL A 68 15.07 -1.24 -5.89
C VAL A 68 15.05 -1.12 -4.36
N VAL A 69 14.56 -2.16 -3.66
CA VAL A 69 14.40 -2.14 -2.19
C VAL A 69 15.74 -2.11 -1.45
N ARG A 70 15.83 -1.35 -0.36
CA ARG A 70 17.01 -1.23 0.53
C ARG A 70 16.63 -1.48 2.00
N ALA A 71 17.62 -1.77 2.84
CA ALA A 71 17.42 -2.09 4.26
C ALA A 71 16.65 -0.98 5.03
N SER A 72 16.85 0.28 4.66
CA SER A 72 16.13 1.45 5.20
C SER A 72 14.61 1.46 4.92
N ASP A 73 14.13 0.68 3.95
CA ASP A 73 12.71 0.55 3.61
C ASP A 73 11.95 -0.45 4.50
N ALA A 74 12.63 -1.19 5.39
CA ALA A 74 11.99 -2.15 6.29
C ALA A 74 11.06 -1.48 7.33
N GLY A 75 10.04 -2.22 7.79
CA GLY A 75 9.11 -1.80 8.84
C GLY A 75 7.63 -2.12 8.57
N ALA A 76 6.77 -1.62 9.45
CA ALA A 76 5.31 -1.73 9.39
C ALA A 76 4.71 -0.59 8.53
N TYR A 77 4.34 -0.90 7.29
CA TYR A 77 3.58 -0.01 6.40
C TYR A 77 2.07 -0.05 6.70
N ALA A 78 1.38 1.05 6.38
CA ALA A 78 -0.08 1.11 6.32
C ALA A 78 -0.58 2.04 5.21
N CYS A 79 -1.85 1.91 4.82
CA CYS A 79 -2.52 2.76 3.84
C CYS A 79 -3.96 3.07 4.29
N VAL A 80 -4.30 4.36 4.35
CA VAL A 80 -5.65 4.88 4.64
C VAL A 80 -6.37 5.21 3.34
N ALA A 81 -7.63 4.80 3.21
CA ALA A 81 -8.50 5.00 2.06
C ALA A 81 -9.84 5.64 2.48
N LYS A 82 -10.13 6.85 1.98
CA LYS A 82 -11.27 7.69 2.39
C LYS A 82 -12.04 8.26 1.20
N ASN A 83 -13.36 8.29 1.28
CA ASN A 83 -14.25 9.04 0.39
C ASN A 83 -15.34 9.81 1.18
N ARG A 84 -16.25 10.50 0.47
CA ARG A 84 -17.35 11.28 1.08
C ARG A 84 -18.37 10.46 1.90
N ALA A 85 -18.36 9.13 1.79
CA ALA A 85 -19.26 8.22 2.50
C ALA A 85 -18.61 7.48 3.69
N GLY A 86 -17.28 7.34 3.74
CA GLY A 86 -16.59 6.66 4.84
C GLY A 86 -15.09 6.40 4.63
N GLU A 87 -14.53 5.54 5.50
CA GLU A 87 -13.10 5.27 5.67
C GLU A 87 -12.82 3.75 5.81
N ALA A 88 -11.67 3.31 5.28
CA ALA A 88 -11.05 2.01 5.52
C ALA A 88 -9.52 2.13 5.65
N THR A 89 -8.85 1.08 6.12
CA THR A 89 -7.40 1.05 6.36
C THR A 89 -6.82 -0.35 6.06
N PHE A 90 -5.57 -0.40 5.60
CA PHE A 90 -4.82 -1.62 5.29
C PHE A 90 -3.41 -1.57 5.92
N THR A 91 -2.82 -2.72 6.26
CA THR A 91 -1.53 -2.83 6.98
C THR A 91 -0.71 -4.03 6.48
N VAL A 92 0.63 -3.91 6.46
CA VAL A 92 1.61 -5.00 6.20
C VAL A 92 2.96 -4.69 6.85
N GLN A 93 3.76 -5.72 7.14
CA GLN A 93 5.17 -5.58 7.56
C GLN A 93 6.12 -6.08 6.46
N LEU A 94 7.24 -5.39 6.26
CA LEU A 94 8.29 -5.70 5.28
C LEU A 94 9.64 -5.86 5.98
N ASP A 95 10.14 -7.09 6.10
CA ASP A 95 11.45 -7.43 6.64
C ASP A 95 12.50 -7.57 5.52
N VAL A 96 13.07 -6.45 5.07
CA VAL A 96 14.09 -6.42 4.00
C VAL A 96 15.35 -7.16 4.44
N LEU A 97 15.64 -8.28 3.77
CA LEU A 97 16.80 -9.15 4.01
C LEU A 97 18.08 -8.52 3.41
N ALA A 98 18.86 -7.83 4.26
CA ALA A 98 20.07 -7.12 3.85
C ALA A 98 21.16 -8.04 3.27
N LYS A 99 22.00 -7.49 2.38
CA LYS A 99 23.16 -8.14 1.74
C LYS A 99 24.31 -7.14 1.58
N GLU A 100 25.04 -6.90 2.67
CA GLU A 100 26.25 -6.06 2.74
C GLU A 100 27.44 -6.58 1.89
N GLY A 1 -25.48 7.55 -9.82
CA GLY A 1 -26.35 6.65 -9.03
C GLY A 1 -25.91 6.59 -7.57
N ALA A 2 -26.23 5.50 -6.88
CA ALA A 2 -25.82 5.24 -5.49
C ALA A 2 -24.29 5.11 -5.33
N MET A 3 -23.79 5.30 -4.11
CA MET A 3 -22.36 5.29 -3.73
C MET A 3 -22.16 4.80 -2.28
N GLY A 4 -20.92 4.63 -1.79
CA GLY A 4 -20.66 4.08 -0.46
C GLY A 4 -19.20 3.98 0.00
N PRO A 5 -18.97 3.63 1.30
CA PRO A 5 -17.65 3.65 1.93
C PRO A 5 -16.70 2.53 1.44
N PRO A 6 -15.38 2.67 1.63
CA PRO A 6 -14.41 1.62 1.34
C PRO A 6 -14.50 0.47 2.34
N ARG A 7 -14.21 -0.76 1.89
CA ARG A 7 -14.22 -2.01 2.69
C ARG A 7 -13.02 -2.91 2.42
N PHE A 8 -12.73 -3.79 3.39
CA PHE A 8 -11.58 -4.69 3.46
C PHE A 8 -11.82 -6.00 2.67
N ILE A 9 -11.67 -5.96 1.34
CA ILE A 9 -11.83 -7.13 0.47
C ILE A 9 -10.64 -8.10 0.61
N GLN A 10 -9.41 -7.63 0.42
CA GLN A 10 -8.18 -8.42 0.59
C GLN A 10 -6.98 -7.52 0.94
N VAL A 11 -6.24 -7.87 1.99
CA VAL A 11 -4.85 -7.45 2.22
C VAL A 11 -3.88 -8.62 1.91
N PRO A 12 -2.65 -8.36 1.44
CA PRO A 12 -1.63 -9.41 1.29
C PRO A 12 -1.02 -9.78 2.65
N GLU A 13 -0.35 -10.93 2.71
CA GLU A 13 0.47 -11.34 3.87
C GLU A 13 1.79 -10.54 3.92
N ASN A 14 2.52 -10.63 5.05
CA ASN A 14 3.87 -10.06 5.18
C ASN A 14 4.87 -10.70 4.19
N MET A 15 5.99 -10.01 3.93
CA MET A 15 7.04 -10.46 2.99
C MET A 15 8.45 -10.35 3.57
N SER A 16 9.38 -11.09 2.97
CA SER A 16 10.83 -11.09 3.27
C SER A 16 11.64 -11.08 1.97
N ILE A 17 12.20 -9.91 1.62
CA ILE A 17 12.75 -9.60 0.29
C ILE A 17 14.25 -9.25 0.39
N ASP A 18 15.08 -9.85 -0.46
CA ASP A 18 16.51 -9.55 -0.59
C ASP A 18 16.77 -8.10 -1.02
N GLU A 19 17.64 -7.39 -0.28
CA GLU A 19 18.00 -5.99 -0.53
C GLU A 19 18.48 -5.74 -1.97
N GLY A 20 17.87 -4.75 -2.64
CA GLY A 20 18.19 -4.30 -4.00
C GLY A 20 17.26 -4.85 -5.09
N ARG A 21 16.39 -5.83 -4.78
CA ARG A 21 15.40 -6.37 -5.73
C ARG A 21 14.23 -5.41 -5.98
N PHE A 22 13.49 -5.69 -7.06
CA PHE A 22 12.11 -5.24 -7.27
C PHE A 22 11.14 -6.06 -6.40
N CYS A 23 10.11 -5.42 -5.83
CA CYS A 23 8.92 -6.11 -5.30
C CYS A 23 7.66 -5.23 -5.36
N ARG A 24 6.49 -5.82 -5.08
CA ARG A 24 5.18 -5.14 -5.04
C ARG A 24 4.24 -5.75 -3.99
N MET A 25 3.18 -5.00 -3.65
CA MET A 25 2.09 -5.38 -2.75
C MET A 25 0.76 -4.94 -3.38
N ASP A 26 -0.28 -5.78 -3.26
CA ASP A 26 -1.55 -5.64 -3.99
C ASP A 26 -2.78 -5.77 -3.06
N PHE A 27 -3.66 -4.77 -3.09
CA PHE A 27 -4.76 -4.54 -2.14
C PHE A 27 -6.10 -4.33 -2.86
N LYS A 28 -7.03 -5.28 -2.72
CA LYS A 28 -8.42 -5.14 -3.20
C LYS A 28 -9.18 -4.16 -2.29
N VAL A 29 -9.69 -3.08 -2.86
CA VAL A 29 -10.31 -1.93 -2.19
C VAL A 29 -11.67 -1.59 -2.82
N SER A 30 -12.75 -1.87 -2.09
CA SER A 30 -14.13 -1.51 -2.46
C SER A 30 -14.43 -0.01 -2.22
N GLY A 31 -15.67 0.40 -2.43
CA GLY A 31 -16.21 1.76 -2.21
C GLY A 31 -16.34 2.59 -3.49
N LEU A 32 -17.16 3.63 -3.43
CA LEU A 32 -17.44 4.58 -4.52
C LEU A 32 -17.81 5.95 -3.92
N PRO A 33 -17.29 7.09 -4.42
CA PRO A 33 -16.25 7.22 -5.44
C PRO A 33 -14.90 6.66 -4.98
N ALA A 34 -13.95 6.54 -5.92
CA ALA A 34 -12.60 6.02 -5.68
C ALA A 34 -11.88 6.83 -4.56
N PRO A 35 -11.41 6.17 -3.47
CA PRO A 35 -10.85 6.88 -2.33
C PRO A 35 -9.49 7.52 -2.61
N ASP A 36 -9.09 8.46 -1.76
CA ASP A 36 -7.72 8.99 -1.65
C ASP A 36 -6.74 7.91 -1.15
N VAL A 37 -5.43 8.21 -1.19
CA VAL A 37 -4.35 7.29 -0.80
C VAL A 37 -3.25 8.03 -0.01
N SER A 38 -2.98 7.56 1.21
CA SER A 38 -1.90 8.04 2.10
C SER A 38 -1.19 6.87 2.77
N TRP A 39 0.04 6.56 2.31
CA TRP A 39 0.88 5.51 2.89
C TRP A 39 1.72 5.99 4.09
N TYR A 40 2.05 5.04 4.97
CA TYR A 40 2.84 5.21 6.19
C TYR A 40 3.78 4.02 6.42
N LEU A 41 4.83 4.21 7.22
CA LEU A 41 5.82 3.21 7.66
C LEU A 41 6.25 3.49 9.10
N ASN A 42 5.97 2.56 10.02
CA ASN A 42 6.26 2.64 11.47
C ASN A 42 5.72 3.91 12.16
N GLY A 43 4.74 4.59 11.56
CA GLY A 43 4.09 5.82 12.05
C GLY A 43 4.51 7.12 11.34
N ARG A 44 5.54 7.09 10.47
CA ARG A 44 5.94 8.20 9.59
C ARG A 44 5.19 8.12 8.26
N THR A 45 5.02 9.22 7.55
CA THR A 45 4.44 9.26 6.19
C THR A 45 5.38 8.65 5.14
N VAL A 46 4.81 8.16 4.04
CA VAL A 46 5.51 7.65 2.85
C VAL A 46 4.87 8.25 1.59
N GLN A 47 5.55 9.22 0.97
CA GLN A 47 5.12 9.81 -0.31
C GLN A 47 5.35 8.83 -1.49
N SER A 48 4.65 9.05 -2.61
CA SER A 48 4.95 8.40 -3.89
C SER A 48 6.27 8.92 -4.49
N ASP A 49 6.91 8.11 -5.34
CA ASP A 49 8.14 8.45 -6.07
C ASP A 49 8.25 7.61 -7.36
N ASP A 50 9.19 7.94 -8.26
CA ASP A 50 9.56 7.10 -9.41
C ASP A 50 10.03 5.70 -8.98
N LEU A 51 10.72 5.59 -7.83
CA LEU A 51 11.12 4.31 -7.22
C LEU A 51 10.02 3.65 -6.37
N HIS A 52 8.96 4.40 -6.01
CA HIS A 52 7.88 3.98 -5.11
C HIS A 52 6.50 4.35 -5.68
N LYS A 53 6.11 3.67 -6.75
CA LYS A 53 4.87 3.91 -7.50
C LYS A 53 3.63 3.48 -6.71
N MET A 54 2.54 4.24 -6.87
CA MET A 54 1.27 4.12 -6.15
C MET A 54 0.10 4.37 -7.11
N ILE A 55 -0.59 3.31 -7.56
CA ILE A 55 -1.69 3.38 -8.54
C ILE A 55 -2.90 2.51 -8.14
N VAL A 56 -4.07 2.77 -8.74
CA VAL A 56 -5.33 2.06 -8.49
C VAL A 56 -6.00 1.72 -9.83
N SER A 57 -6.10 0.43 -10.14
CA SER A 57 -6.87 -0.07 -11.30
C SER A 57 -8.37 0.12 -11.09
N GLU A 58 -9.10 0.43 -12.16
CA GLU A 58 -10.55 0.73 -12.16
C GLU A 58 -11.45 -0.42 -11.67
N LYS A 59 -10.91 -1.65 -11.64
CA LYS A 59 -11.54 -2.86 -11.08
C LYS A 59 -11.56 -2.91 -9.54
N GLY A 60 -10.95 -1.94 -8.87
CA GLY A 60 -10.87 -1.84 -7.40
C GLY A 60 -9.63 -2.52 -6.80
N LEU A 61 -8.48 -2.40 -7.47
CA LEU A 61 -7.20 -3.01 -7.07
C LEU A 61 -6.10 -1.94 -6.99
N HIS A 62 -5.76 -1.54 -5.76
CA HIS A 62 -4.59 -0.69 -5.47
C HIS A 62 -3.30 -1.53 -5.48
N SER A 63 -2.19 -0.92 -5.94
CA SER A 63 -0.85 -1.50 -5.91
C SER A 63 0.20 -0.50 -5.42
N LEU A 64 1.20 -1.02 -4.69
CA LEU A 64 2.32 -0.33 -4.06
C LEU A 64 3.61 -1.06 -4.46
N ILE A 65 4.54 -0.36 -5.10
CA ILE A 65 5.74 -0.95 -5.73
C ILE A 65 7.03 -0.42 -5.08
N PHE A 66 8.09 -1.23 -5.12
CA PHE A 66 9.48 -0.88 -4.81
C PHE A 66 10.38 -1.27 -5.99
N GLU A 67 10.90 -0.29 -6.73
CA GLU A 67 11.84 -0.54 -7.83
C GLU A 67 13.18 -1.12 -7.36
N VAL A 68 13.68 -0.64 -6.22
CA VAL A 68 14.97 -1.04 -5.59
C VAL A 68 14.87 -0.90 -4.07
N VAL A 69 14.39 -1.95 -3.39
CA VAL A 69 14.19 -1.94 -1.93
C VAL A 69 15.53 -1.88 -1.17
N ARG A 70 15.60 -1.09 -0.08
CA ARG A 70 16.77 -0.95 0.81
C ARG A 70 16.45 -1.37 2.25
N ALA A 71 17.48 -1.66 3.05
CA ALA A 71 17.32 -2.14 4.42
C ALA A 71 16.50 -1.20 5.33
N SER A 72 16.59 0.12 5.08
CA SER A 72 15.80 1.16 5.77
C SER A 72 14.28 1.08 5.50
N ASP A 73 13.86 0.42 4.41
CA ASP A 73 12.44 0.23 4.05
C ASP A 73 11.74 -0.88 4.87
N ALA A 74 12.46 -1.63 5.71
CA ALA A 74 11.86 -2.64 6.58
C ALA A 74 10.93 -2.03 7.65
N GLY A 75 9.89 -2.77 8.03
CA GLY A 75 8.91 -2.39 9.07
C GLY A 75 7.45 -2.65 8.73
N ALA A 76 6.56 -2.16 9.59
CA ALA A 76 5.11 -2.22 9.44
C ALA A 76 4.59 -1.03 8.60
N TYR A 77 4.14 -1.30 7.38
CA TYR A 77 3.46 -0.34 6.51
C TYR A 77 1.95 -0.25 6.81
N ALA A 78 1.36 0.91 6.51
CA ALA A 78 -0.09 1.11 6.48
C ALA A 78 -0.53 2.03 5.33
N CYS A 79 -1.81 1.95 4.94
CA CYS A 79 -2.42 2.70 3.86
C CYS A 79 -3.82 3.19 4.24
N VAL A 80 -3.95 4.48 4.55
CA VAL A 80 -5.24 5.15 4.78
C VAL A 80 -5.93 5.42 3.44
N ALA A 81 -7.20 5.03 3.33
CA ALA A 81 -8.07 5.19 2.17
C ALA A 81 -9.43 5.79 2.58
N LYS A 82 -9.75 6.98 2.06
CA LYS A 82 -10.93 7.79 2.46
C LYS A 82 -11.71 8.30 1.25
N ASN A 83 -13.04 8.28 1.33
CA ASN A 83 -13.95 8.96 0.40
C ASN A 83 -15.06 9.72 1.15
N ARG A 84 -15.99 10.35 0.42
CA ARG A 84 -17.12 11.14 0.97
C ARG A 84 -18.12 10.36 1.85
N ALA A 85 -18.04 9.02 1.86
CA ALA A 85 -18.93 8.12 2.61
C ALA A 85 -18.26 7.38 3.79
N GLY A 86 -16.92 7.26 3.81
CA GLY A 86 -16.21 6.59 4.91
C GLY A 86 -14.70 6.40 4.73
N GLU A 87 -14.11 5.63 5.63
CA GLU A 87 -12.66 5.43 5.82
C GLU A 87 -12.31 3.94 6.04
N ALA A 88 -11.15 3.53 5.51
CA ALA A 88 -10.47 2.27 5.81
C ALA A 88 -8.94 2.51 5.96
N THR A 89 -8.26 1.60 6.67
CA THR A 89 -6.80 1.67 6.90
C THR A 89 -6.19 0.26 6.81
N PHE A 90 -5.63 -0.08 5.65
CA PHE A 90 -4.95 -1.36 5.40
C PHE A 90 -3.57 -1.41 6.08
N THR A 91 -3.04 -2.60 6.35
CA THR A 91 -1.76 -2.83 7.07
C THR A 91 -1.02 -4.06 6.52
N VAL A 92 0.31 -4.01 6.45
CA VAL A 92 1.21 -5.13 6.10
C VAL A 92 2.61 -4.94 6.73
N GLN A 93 3.50 -5.94 6.67
CA GLN A 93 4.87 -5.87 7.17
C GLN A 93 5.89 -6.38 6.12
N LEU A 94 7.09 -5.79 6.12
CA LEU A 94 8.20 -6.09 5.20
C LEU A 94 9.52 -6.27 5.97
N ASP A 95 10.11 -7.46 5.87
CA ASP A 95 11.41 -7.83 6.46
C ASP A 95 12.52 -7.85 5.39
N VAL A 96 13.08 -6.69 5.07
CA VAL A 96 14.14 -6.56 4.05
C VAL A 96 15.42 -7.27 4.50
N LEU A 97 15.75 -8.39 3.83
CA LEU A 97 16.94 -9.21 4.07
C LEU A 97 18.20 -8.49 3.57
N ALA A 98 18.93 -7.83 4.47
CA ALA A 98 20.07 -6.97 4.17
C ALA A 98 21.24 -7.72 3.47
N LYS A 99 21.96 -7.02 2.59
CA LYS A 99 23.08 -7.54 1.79
C LYS A 99 24.45 -7.40 2.48
N GLU A 100 24.60 -6.43 3.38
CA GLU A 100 25.82 -6.17 4.18
C GLU A 100 26.24 -7.34 5.10
N GLY A 1 -26.23 8.28 -10.05
CA GLY A 1 -26.35 6.93 -9.45
C GLY A 1 -25.90 6.91 -8.00
N ALA A 2 -26.26 5.85 -7.26
CA ALA A 2 -25.86 5.64 -5.86
C ALA A 2 -24.33 5.42 -5.71
N MET A 3 -23.81 5.66 -4.50
CA MET A 3 -22.39 5.58 -4.14
C MET A 3 -22.20 5.20 -2.65
N GLY A 4 -20.97 5.01 -2.15
CA GLY A 4 -20.73 4.59 -0.76
C GLY A 4 -19.27 4.48 -0.28
N PRO A 5 -19.07 4.24 1.02
CA PRO A 5 -17.75 4.23 1.66
C PRO A 5 -16.87 3.05 1.22
N PRO A 6 -15.53 3.15 1.36
CA PRO A 6 -14.61 2.04 1.12
C PRO A 6 -14.74 0.92 2.16
N ARG A 7 -14.15 -0.25 1.87
CA ARG A 7 -14.26 -1.47 2.69
C ARG A 7 -12.95 -2.25 2.76
N PHE A 8 -12.73 -2.89 3.90
CA PHE A 8 -11.55 -3.68 4.30
C PHE A 8 -11.52 -5.08 3.63
N ILE A 9 -11.53 -5.15 2.29
CA ILE A 9 -11.71 -6.41 1.53
C ILE A 9 -10.58 -7.43 1.82
N GLN A 10 -9.31 -7.08 1.58
CA GLN A 10 -8.17 -7.99 1.83
C GLN A 10 -6.85 -7.22 2.09
N VAL A 11 -5.94 -7.86 2.84
CA VAL A 11 -4.52 -7.49 3.02
C VAL A 11 -3.61 -8.72 2.82
N PRO A 12 -2.33 -8.55 2.46
CA PRO A 12 -1.35 -9.64 2.46
C PRO A 12 -0.91 -9.99 3.90
N GLU A 13 -0.25 -11.14 4.07
CA GLU A 13 0.53 -11.46 5.28
C GLU A 13 1.85 -10.64 5.33
N ASN A 14 2.63 -10.78 6.41
CA ASN A 14 3.98 -10.21 6.49
C ASN A 14 4.91 -10.76 5.37
N MET A 15 5.91 -9.96 4.98
CA MET A 15 6.81 -10.21 3.85
C MET A 15 8.28 -10.02 4.22
N SER A 16 9.18 -10.64 3.47
CA SER A 16 10.63 -10.42 3.51
C SER A 16 11.25 -10.58 2.12
N ILE A 17 12.17 -9.67 1.77
CA ILE A 17 12.74 -9.51 0.41
C ILE A 17 14.25 -9.25 0.53
N ASP A 18 15.06 -9.96 -0.28
CA ASP A 18 16.51 -9.73 -0.40
C ASP A 18 16.84 -8.35 -0.97
N GLU A 19 17.76 -7.63 -0.32
CA GLU A 19 18.19 -6.27 -0.68
C GLU A 19 18.60 -6.13 -2.17
N GLY A 20 18.06 -5.10 -2.83
CA GLY A 20 18.32 -4.75 -4.23
C GLY A 20 17.31 -5.28 -5.24
N ARG A 21 16.40 -6.18 -4.84
CA ARG A 21 15.32 -6.73 -5.70
C ARG A 21 14.21 -5.72 -6.00
N PHE A 22 13.44 -6.00 -7.05
CA PHE A 22 12.07 -5.51 -7.26
C PHE A 22 11.10 -6.19 -6.28
N CYS A 23 10.04 -5.49 -5.86
CA CYS A 23 8.91 -6.04 -5.13
C CYS A 23 7.60 -5.30 -5.49
N ARG A 24 6.44 -5.96 -5.35
CA ARG A 24 5.11 -5.33 -5.34
C ARG A 24 4.13 -6.04 -4.39
N MET A 25 3.01 -5.39 -4.10
CA MET A 25 1.97 -5.81 -3.16
C MET A 25 0.56 -5.68 -3.78
N ASP A 26 -0.45 -6.28 -3.13
CA ASP A 26 -1.85 -6.34 -3.58
C ASP A 26 -2.83 -6.02 -2.45
N PHE A 27 -3.61 -4.94 -2.59
CA PHE A 27 -4.58 -4.46 -1.61
C PHE A 27 -5.96 -4.25 -2.26
N LYS A 28 -6.87 -5.21 -2.09
CA LYS A 28 -8.28 -5.11 -2.51
C LYS A 28 -9.00 -4.03 -1.68
N VAL A 29 -9.58 -3.04 -2.36
CA VAL A 29 -10.24 -1.86 -1.77
C VAL A 29 -11.49 -1.48 -2.60
N SER A 30 -12.67 -1.85 -2.09
CA SER A 30 -13.96 -1.42 -2.65
C SER A 30 -14.29 0.05 -2.30
N GLY A 31 -15.47 0.53 -2.71
CA GLY A 31 -16.02 1.88 -2.48
C GLY A 31 -16.24 2.67 -3.77
N LEU A 32 -17.08 3.71 -3.70
CA LEU A 32 -17.42 4.60 -4.82
C LEU A 32 -17.74 6.02 -4.31
N PRO A 33 -17.14 7.10 -4.84
CA PRO A 33 -16.09 7.12 -5.86
C PRO A 33 -14.77 6.51 -5.37
N ALA A 34 -13.82 6.29 -6.29
CA ALA A 34 -12.51 5.70 -6.02
C ALA A 34 -11.73 6.54 -4.98
N PRO A 35 -11.30 5.94 -3.83
CA PRO A 35 -10.69 6.69 -2.74
C PRO A 35 -9.29 7.23 -3.07
N ASP A 36 -8.93 8.35 -2.44
CA ASP A 36 -7.54 8.80 -2.30
C ASP A 36 -6.81 7.91 -1.26
N VAL A 37 -5.51 7.66 -1.47
CA VAL A 37 -4.73 6.61 -0.79
C VAL A 37 -3.43 7.15 -0.20
N SER A 38 -3.51 7.67 1.03
CA SER A 38 -2.36 8.18 1.81
C SER A 38 -1.55 7.05 2.44
N TRP A 39 -0.28 6.88 2.04
CA TRP A 39 0.62 5.87 2.60
C TRP A 39 1.44 6.36 3.81
N TYR A 40 1.87 5.41 4.63
CA TYR A 40 2.63 5.58 5.87
C TYR A 40 3.63 4.43 6.09
N LEU A 41 4.63 4.66 6.95
CA LEU A 41 5.65 3.71 7.40
C LEU A 41 6.05 4.02 8.84
N ASN A 42 5.85 3.06 9.75
CA ASN A 42 6.17 3.14 11.20
C ASN A 42 5.54 4.35 11.95
N GLY A 43 4.55 5.01 11.35
CA GLY A 43 3.85 6.20 11.87
C GLY A 43 4.18 7.53 11.16
N ARG A 44 5.23 7.58 10.33
CA ARG A 44 5.53 8.69 9.42
C ARG A 44 4.80 8.51 8.07
N THR A 45 4.62 9.58 7.31
CA THR A 45 4.04 9.54 5.95
C THR A 45 5.01 8.96 4.91
N VAL A 46 4.45 8.49 3.79
CA VAL A 46 5.16 8.03 2.57
C VAL A 46 4.41 8.57 1.33
N GLN A 47 5.16 8.89 0.27
CA GLN A 47 4.63 9.45 -0.99
C GLN A 47 5.14 8.63 -2.19
N SER A 48 4.48 8.79 -3.35
CA SER A 48 4.88 8.14 -4.61
C SER A 48 6.21 8.69 -5.16
N ASP A 49 6.92 7.86 -5.91
CA ASP A 49 8.17 8.18 -6.61
C ASP A 49 8.34 7.29 -7.86
N ASP A 50 9.29 7.62 -8.75
CA ASP A 50 9.70 6.75 -9.86
C ASP A 50 10.15 5.34 -9.39
N LEU A 51 10.80 5.25 -8.22
CA LEU A 51 11.19 3.99 -7.57
C LEU A 51 10.08 3.37 -6.71
N HIS A 52 9.01 4.12 -6.40
CA HIS A 52 7.92 3.73 -5.48
C HIS A 52 6.55 4.09 -6.06
N LYS A 53 6.13 3.36 -7.09
CA LYS A 53 4.87 3.57 -7.83
C LYS A 53 3.65 3.17 -7.00
N MET A 54 2.54 3.88 -7.21
CA MET A 54 1.26 3.79 -6.48
C MET A 54 0.09 3.95 -7.45
N ILE A 55 -0.64 2.86 -7.75
CA ILE A 55 -1.77 2.83 -8.71
C ILE A 55 -2.95 1.99 -8.20
N VAL A 56 -4.16 2.25 -8.73
CA VAL A 56 -5.42 1.60 -8.33
C VAL A 56 -6.20 1.19 -9.59
N SER A 57 -6.36 -0.12 -9.81
CA SER A 57 -7.16 -0.68 -10.92
C SER A 57 -8.67 -0.44 -10.73
N GLU A 58 -9.42 -0.34 -11.82
CA GLU A 58 -10.86 -0.03 -11.85
C GLU A 58 -11.73 -1.01 -11.06
N LYS A 59 -11.33 -2.29 -10.98
CA LYS A 59 -11.97 -3.36 -10.20
C LYS A 59 -11.81 -3.22 -8.68
N GLY A 60 -11.07 -2.22 -8.19
CA GLY A 60 -10.82 -1.98 -6.77
C GLY A 60 -9.62 -2.76 -6.22
N LEU A 61 -8.48 -2.68 -6.91
CA LEU A 61 -7.22 -3.34 -6.55
C LEU A 61 -6.06 -2.34 -6.60
N HIS A 62 -5.61 -1.91 -5.42
CA HIS A 62 -4.47 -1.02 -5.24
C HIS A 62 -3.14 -1.81 -5.23
N SER A 63 -2.20 -1.40 -6.10
CA SER A 63 -0.81 -1.88 -6.11
C SER A 63 0.15 -0.85 -5.50
N LEU A 64 1.15 -1.34 -4.79
CA LEU A 64 2.27 -0.61 -4.17
C LEU A 64 3.58 -1.32 -4.55
N ILE A 65 4.53 -0.58 -5.12
CA ILE A 65 5.73 -1.12 -5.80
C ILE A 65 7.02 -0.59 -5.16
N PHE A 66 8.10 -1.38 -5.26
CA PHE A 66 9.50 -1.05 -4.95
C PHE A 66 10.38 -1.48 -6.13
N GLU A 67 10.95 -0.54 -6.89
CA GLU A 67 11.86 -0.85 -8.00
C GLU A 67 13.20 -1.46 -7.53
N VAL A 68 13.75 -0.97 -6.41
CA VAL A 68 15.04 -1.39 -5.83
C VAL A 68 15.01 -1.20 -4.30
N VAL A 69 14.55 -2.22 -3.57
CA VAL A 69 14.38 -2.13 -2.10
C VAL A 69 15.73 -2.13 -1.36
N ARG A 70 15.85 -1.34 -0.29
CA ARG A 70 17.02 -1.23 0.60
C ARG A 70 16.66 -1.47 2.07
N ALA A 71 17.66 -1.72 2.92
CA ALA A 71 17.47 -2.04 4.34
C ALA A 71 16.70 -0.94 5.13
N SER A 72 16.86 0.33 4.74
CA SER A 72 16.12 1.48 5.31
C SER A 72 14.61 1.48 4.99
N ASP A 73 14.15 0.70 4.01
CA ASP A 73 12.73 0.57 3.65
C ASP A 73 11.97 -0.44 4.53
N ALA A 74 12.64 -1.16 5.44
CA ALA A 74 11.99 -2.13 6.34
C ALA A 74 11.02 -1.45 7.34
N GLY A 75 9.99 -2.18 7.75
CA GLY A 75 9.02 -1.78 8.79
C GLY A 75 7.55 -2.05 8.45
N ALA A 76 6.67 -1.58 9.35
CA ALA A 76 5.22 -1.64 9.23
C ALA A 76 4.70 -0.51 8.33
N TYR A 77 4.43 -0.81 7.06
CA TYR A 77 3.69 0.07 6.15
C TYR A 77 2.19 0.07 6.46
N ALA A 78 1.52 1.18 6.17
CA ALA A 78 0.06 1.27 6.17
C ALA A 78 -0.45 2.23 5.08
N CYS A 79 -1.73 2.11 4.73
CA CYS A 79 -2.44 2.96 3.77
C CYS A 79 -3.83 3.32 4.31
N VAL A 80 -4.24 4.58 4.12
CA VAL A 80 -5.53 5.15 4.54
C VAL A 80 -6.31 5.58 3.30
N ALA A 81 -7.32 4.78 2.93
CA ALA A 81 -8.21 4.98 1.80
C ALA A 81 -9.43 5.83 2.19
N LYS A 82 -9.61 7.01 1.58
CA LYS A 82 -10.68 7.98 1.90
C LYS A 82 -11.45 8.45 0.65
N ASN A 83 -12.77 8.44 0.72
CA ASN A 83 -13.67 9.10 -0.25
C ASN A 83 -14.71 9.99 0.47
N ARG A 84 -15.60 10.64 -0.30
CA ARG A 84 -16.66 11.54 0.21
C ARG A 84 -17.69 10.89 1.15
N ALA A 85 -17.73 9.56 1.24
CA ALA A 85 -18.69 8.80 2.05
C ALA A 85 -18.05 8.09 3.27
N GLY A 86 -16.72 7.86 3.30
CA GLY A 86 -16.05 7.24 4.45
C GLY A 86 -14.56 6.91 4.25
N GLU A 87 -14.03 6.14 5.20
CA GLU A 87 -12.60 5.80 5.36
C GLU A 87 -12.40 4.29 5.64
N ALA A 88 -11.31 3.72 5.10
CA ALA A 88 -10.80 2.39 5.40
C ALA A 88 -9.26 2.40 5.54
N THR A 89 -8.67 1.33 6.10
CA THR A 89 -7.24 1.26 6.44
C THR A 89 -6.67 -0.13 6.15
N PHE A 90 -5.44 -0.18 5.65
CA PHE A 90 -4.71 -1.42 5.27
C PHE A 90 -3.27 -1.37 5.81
N THR A 91 -2.67 -2.54 6.09
CA THR A 91 -1.38 -2.66 6.80
C THR A 91 -0.56 -3.87 6.31
N VAL A 92 0.78 -3.76 6.30
CA VAL A 92 1.72 -4.88 6.05
C VAL A 92 3.08 -4.64 6.73
N GLN A 93 3.74 -5.71 7.19
CA GLN A 93 5.11 -5.72 7.72
C GLN A 93 6.09 -6.22 6.65
N LEU A 94 7.16 -5.46 6.38
CA LEU A 94 8.21 -5.76 5.41
C LEU A 94 9.59 -5.83 6.07
N ASP A 95 10.12 -7.05 6.25
CA ASP A 95 11.46 -7.32 6.78
C ASP A 95 12.50 -7.46 5.64
N VAL A 96 13.07 -6.34 5.18
CA VAL A 96 14.09 -6.33 4.11
C VAL A 96 15.38 -7.00 4.59
N LEU A 97 15.75 -8.12 3.96
CA LEU A 97 16.92 -8.93 4.25
C LEU A 97 18.18 -8.30 3.63
N ALA A 98 18.98 -7.60 4.45
CA ALA A 98 20.22 -6.95 4.02
C ALA A 98 21.25 -7.94 3.44
N LYS A 99 22.07 -7.50 2.48
CA LYS A 99 23.09 -8.33 1.81
C LYS A 99 24.35 -8.60 2.63
N GLU A 100 24.59 -7.79 3.67
CA GLU A 100 25.76 -7.86 4.58
C GLU A 100 25.83 -9.16 5.41
N GLY A 1 -27.58 6.95 -9.14
CA GLY A 1 -27.23 5.63 -8.57
C GLY A 1 -26.67 5.76 -7.16
N ALA A 2 -26.83 4.72 -6.34
CA ALA A 2 -26.28 4.63 -4.98
C ALA A 2 -24.73 4.60 -4.95
N MET A 3 -24.15 4.86 -3.77
CA MET A 3 -22.70 4.87 -3.50
C MET A 3 -22.38 4.37 -2.07
N GLY A 4 -21.10 4.32 -1.65
CA GLY A 4 -20.75 3.87 -0.30
C GLY A 4 -19.26 3.93 0.09
N PRO A 5 -18.94 3.74 1.39
CA PRO A 5 -17.59 3.88 1.92
C PRO A 5 -16.64 2.75 1.47
N PRO A 6 -15.31 2.95 1.58
CA PRO A 6 -14.32 1.90 1.35
C PRO A 6 -14.43 0.79 2.43
N ARG A 7 -14.41 -0.47 1.98
CA ARG A 7 -14.59 -1.69 2.80
C ARG A 7 -13.48 -2.71 2.49
N PHE A 8 -12.90 -3.29 3.54
CA PHE A 8 -11.91 -4.39 3.52
C PHE A 8 -12.35 -5.55 2.61
N ILE A 9 -11.56 -5.89 1.58
CA ILE A 9 -11.73 -7.09 0.74
C ILE A 9 -10.57 -8.06 0.94
N GLN A 10 -9.33 -7.63 0.65
CA GLN A 10 -8.12 -8.42 0.86
C GLN A 10 -6.91 -7.54 1.17
N VAL A 11 -6.11 -7.94 2.16
CA VAL A 11 -4.76 -7.39 2.44
C VAL A 11 -3.71 -8.51 2.28
N PRO A 12 -2.46 -8.19 1.89
CA PRO A 12 -1.40 -9.20 1.74
C PRO A 12 -0.90 -9.70 3.12
N GLU A 13 -0.34 -10.91 3.14
CA GLU A 13 0.44 -11.43 4.27
C GLU A 13 1.79 -10.69 4.41
N ASN A 14 2.50 -10.88 5.53
CA ASN A 14 3.86 -10.34 5.71
C ASN A 14 4.85 -10.84 4.63
N MET A 15 5.87 -10.03 4.34
CA MET A 15 6.77 -10.19 3.19
C MET A 15 8.24 -10.20 3.62
N SER A 16 9.10 -10.87 2.85
CA SER A 16 10.54 -10.99 3.07
C SER A 16 11.31 -10.99 1.75
N ILE A 17 11.97 -9.87 1.43
CA ILE A 17 12.53 -9.56 0.10
C ILE A 17 14.03 -9.29 0.21
N ASP A 18 14.84 -9.93 -0.65
CA ASP A 18 16.29 -9.71 -0.74
C ASP A 18 16.65 -8.29 -1.21
N GLU A 19 17.55 -7.61 -0.48
CA GLU A 19 17.98 -6.24 -0.71
C GLU A 19 18.46 -5.99 -2.17
N GLY A 20 17.83 -5.01 -2.83
CA GLY A 20 18.13 -4.59 -4.21
C GLY A 20 17.15 -5.11 -5.27
N ARG A 21 16.25 -6.04 -4.94
CA ARG A 21 15.21 -6.54 -5.87
C ARG A 21 14.11 -5.51 -6.14
N PHE A 22 13.37 -5.73 -7.24
CA PHE A 22 12.05 -5.17 -7.48
C PHE A 22 10.99 -5.89 -6.60
N CYS A 23 9.94 -5.18 -6.17
CA CYS A 23 8.76 -5.78 -5.52
C CYS A 23 7.49 -4.93 -5.72
N ARG A 24 6.31 -5.49 -5.38
CA ARG A 24 5.03 -4.77 -5.23
C ARG A 24 4.14 -5.37 -4.13
N MET A 25 3.10 -4.64 -3.74
CA MET A 25 2.04 -5.03 -2.80
C MET A 25 0.65 -4.96 -3.47
N ASP A 26 -0.33 -5.67 -2.90
CA ASP A 26 -1.63 -5.96 -3.52
C ASP A 26 -2.79 -5.86 -2.50
N PHE A 27 -3.42 -4.69 -2.41
CA PHE A 27 -4.48 -4.36 -1.44
C PHE A 27 -5.83 -4.11 -2.13
N LYS A 28 -6.79 -5.04 -2.01
CA LYS A 28 -8.15 -4.90 -2.55
C LYS A 28 -9.08 -4.15 -1.58
N VAL A 29 -9.77 -3.13 -2.09
CA VAL A 29 -10.86 -2.41 -1.41
C VAL A 29 -12.06 -2.25 -2.34
N SER A 30 -13.27 -2.12 -1.79
CA SER A 30 -14.50 -1.80 -2.52
C SER A 30 -15.22 -0.61 -1.89
N GLY A 31 -15.53 0.41 -2.69
CA GLY A 31 -16.28 1.62 -2.33
C GLY A 31 -16.55 2.49 -3.57
N LEU A 32 -17.43 3.49 -3.44
CA LEU A 32 -17.80 4.40 -4.53
C LEU A 32 -18.11 5.82 -3.96
N PRO A 33 -17.56 6.90 -4.53
CA PRO A 33 -16.59 6.94 -5.63
C PRO A 33 -15.22 6.36 -5.24
N ALA A 34 -14.34 6.18 -6.23
CA ALA A 34 -12.99 5.65 -6.06
C ALA A 34 -12.18 6.49 -5.04
N PRO A 35 -11.66 5.89 -3.96
CA PRO A 35 -11.06 6.63 -2.85
C PRO A 35 -9.67 7.21 -3.18
N ASP A 36 -9.23 8.17 -2.35
CA ASP A 36 -7.85 8.66 -2.25
C ASP A 36 -6.87 7.55 -1.84
N VAL A 37 -5.57 7.78 -1.99
CA VAL A 37 -4.48 6.85 -1.63
C VAL A 37 -3.30 7.58 -0.97
N SER A 38 -3.07 7.31 0.31
CA SER A 38 -1.92 7.80 1.11
C SER A 38 -1.23 6.64 1.83
N TRP A 39 0.10 6.72 2.02
CA TRP A 39 0.92 5.64 2.59
C TRP A 39 1.80 6.10 3.76
N TYR A 40 2.12 5.15 4.63
CA TYR A 40 2.84 5.31 5.90
C TYR A 40 3.77 4.10 6.17
N LEU A 41 4.73 4.28 7.08
CA LEU A 41 5.69 3.27 7.56
C LEU A 41 6.05 3.54 9.03
N ASN A 42 5.83 2.56 9.91
CA ASN A 42 6.16 2.58 11.35
C ASN A 42 5.56 3.76 12.17
N GLY A 43 4.64 4.54 11.60
CA GLY A 43 4.00 5.72 12.21
C GLY A 43 4.35 7.07 11.57
N ARG A 44 5.27 7.12 10.58
CA ARG A 44 5.57 8.30 9.74
C ARG A 44 5.00 8.15 8.32
N THR A 45 4.88 9.26 7.60
CA THR A 45 4.42 9.30 6.20
C THR A 45 5.45 8.72 5.23
N VAL A 46 4.97 8.24 4.08
CA VAL A 46 5.74 7.81 2.91
C VAL A 46 5.08 8.39 1.65
N GLN A 47 5.66 9.47 1.11
CA GLN A 47 5.25 10.05 -0.17
C GLN A 47 5.73 9.19 -1.36
N SER A 48 5.07 9.31 -2.51
CA SER A 48 5.48 8.68 -3.77
C SER A 48 6.76 9.32 -4.36
N ASP A 49 7.56 8.52 -5.06
CA ASP A 49 8.68 8.98 -5.91
C ASP A 49 8.95 7.98 -7.05
N ASP A 50 9.93 8.25 -7.91
CA ASP A 50 10.25 7.43 -9.10
C ASP A 50 10.58 5.96 -8.77
N LEU A 51 11.12 5.68 -7.57
CA LEU A 51 11.41 4.33 -7.07
C LEU A 51 10.27 3.71 -6.24
N HIS A 52 9.26 4.51 -5.87
CA HIS A 52 8.14 4.14 -5.00
C HIS A 52 6.81 4.63 -5.59
N LYS A 53 6.38 3.98 -6.67
CA LYS A 53 5.14 4.29 -7.41
C LYS A 53 3.90 3.85 -6.61
N MET A 54 2.82 4.65 -6.69
CA MET A 54 1.58 4.52 -5.90
C MET A 54 0.36 4.78 -6.80
N ILE A 55 -0.38 3.72 -7.14
CA ILE A 55 -1.56 3.76 -8.04
C ILE A 55 -2.70 2.86 -7.52
N VAL A 56 -3.88 2.94 -8.16
CA VAL A 56 -5.06 2.10 -7.91
C VAL A 56 -5.66 1.65 -9.24
N SER A 57 -6.00 0.37 -9.38
CA SER A 57 -6.60 -0.19 -10.61
C SER A 57 -8.03 0.33 -10.90
N GLU A 58 -8.55 -0.01 -12.07
CA GLU A 58 -9.95 0.22 -12.48
C GLU A 58 -10.98 -0.49 -11.55
N LYS A 59 -10.53 -1.51 -10.79
CA LYS A 59 -11.37 -2.43 -9.99
C LYS A 59 -11.09 -2.37 -8.47
N GLY A 60 -10.23 -1.45 -8.02
CA GLY A 60 -9.99 -1.16 -6.59
C GLY A 60 -8.78 -1.83 -5.97
N LEU A 61 -7.84 -2.36 -6.76
CA LEU A 61 -6.55 -2.87 -6.29
C LEU A 61 -5.57 -1.71 -6.08
N HIS A 62 -5.43 -1.25 -4.83
CA HIS A 62 -4.35 -0.35 -4.41
C HIS A 62 -2.99 -1.06 -4.56
N SER A 63 -2.04 -0.35 -5.17
CA SER A 63 -0.73 -0.85 -5.59
C SER A 63 0.40 0.07 -5.10
N LEU A 64 1.38 -0.53 -4.40
CA LEU A 64 2.59 0.10 -3.87
C LEU A 64 3.80 -0.69 -4.38
N ILE A 65 4.73 -0.03 -5.06
CA ILE A 65 5.86 -0.63 -5.78
C ILE A 65 7.19 -0.23 -5.14
N PHE A 66 8.21 -1.09 -5.30
CA PHE A 66 9.62 -0.88 -4.96
C PHE A 66 10.47 -1.19 -6.18
N GLU A 67 11.08 -0.19 -6.83
CA GLU A 67 12.02 -0.42 -7.95
C GLU A 67 13.33 -1.10 -7.49
N VAL A 68 13.88 -0.66 -6.34
CA VAL A 68 15.15 -1.13 -5.77
C VAL A 68 15.14 -0.97 -4.24
N VAL A 69 14.69 -2.00 -3.52
CA VAL A 69 14.53 -1.96 -2.06
C VAL A 69 15.87 -1.93 -1.31
N ARG A 70 15.89 -1.34 -0.10
CA ARG A 70 17.03 -1.30 0.85
C ARG A 70 16.59 -1.66 2.27
N ALA A 71 17.54 -2.06 3.12
CA ALA A 71 17.28 -2.46 4.51
C ALA A 71 16.57 -1.37 5.36
N SER A 72 16.82 -0.09 5.04
CA SER A 72 16.14 1.06 5.65
C SER A 72 14.62 1.11 5.38
N ASP A 73 14.15 0.47 4.30
CA ASP A 73 12.73 0.39 3.93
C ASP A 73 11.93 -0.63 4.76
N ALA A 74 12.57 -1.47 5.59
CA ALA A 74 11.89 -2.49 6.39
C ALA A 74 10.95 -1.89 7.46
N GLY A 75 9.91 -2.65 7.83
CA GLY A 75 8.95 -2.30 8.89
C GLY A 75 7.48 -2.52 8.52
N ALA A 76 6.59 -2.03 9.39
CA ALA A 76 5.14 -2.07 9.23
C ALA A 76 4.64 -0.92 8.33
N TYR A 77 4.41 -1.20 7.04
CA TYR A 77 3.72 -0.30 6.11
C TYR A 77 2.22 -0.22 6.43
N ALA A 78 1.62 0.93 6.12
CA ALA A 78 0.17 1.10 6.11
C ALA A 78 -0.31 1.99 4.95
N CYS A 79 -1.59 1.84 4.60
CA CYS A 79 -2.30 2.56 3.54
C CYS A 79 -3.62 3.11 4.09
N VAL A 80 -4.01 4.31 3.66
CA VAL A 80 -5.27 4.99 4.05
C VAL A 80 -6.05 5.36 2.78
N ALA A 81 -7.34 5.02 2.78
CA ALA A 81 -8.28 5.22 1.68
C ALA A 81 -9.51 6.01 2.15
N LYS A 82 -9.81 7.15 1.50
CA LYS A 82 -10.91 8.06 1.86
C LYS A 82 -11.78 8.39 0.65
N ASN A 83 -13.11 8.39 0.81
CA ASN A 83 -14.06 8.99 -0.13
C ASN A 83 -15.14 9.81 0.62
N ARG A 84 -16.07 10.44 -0.13
CA ARG A 84 -17.17 11.27 0.41
C ARG A 84 -18.18 10.53 1.31
N ALA A 85 -18.14 9.19 1.36
CA ALA A 85 -19.00 8.34 2.19
C ALA A 85 -18.29 7.73 3.41
N GLY A 86 -16.95 7.66 3.45
CA GLY A 86 -16.19 7.15 4.61
C GLY A 86 -14.68 6.91 4.37
N GLU A 87 -14.04 6.29 5.34
CA GLU A 87 -12.58 6.05 5.43
C GLU A 87 -12.26 4.60 5.86
N ALA A 88 -11.16 4.06 5.35
CA ALA A 88 -10.56 2.77 5.76
C ALA A 88 -9.01 2.85 5.82
N THR A 89 -8.40 1.93 6.58
CA THR A 89 -6.95 1.82 6.78
C THR A 89 -6.51 0.35 6.76
N PHE A 90 -5.37 0.07 6.10
CA PHE A 90 -4.83 -1.28 5.88
C PHE A 90 -3.33 -1.34 6.24
N THR A 91 -2.80 -2.54 6.57
CA THR A 91 -1.45 -2.72 7.14
C THR A 91 -0.75 -4.00 6.62
N VAL A 92 0.58 -3.98 6.47
CA VAL A 92 1.45 -5.16 6.22
C VAL A 92 2.86 -4.94 6.79
N GLN A 93 3.62 -6.01 7.03
CA GLN A 93 5.03 -5.96 7.45
C GLN A 93 5.97 -6.44 6.33
N LEU A 94 7.06 -5.70 6.11
CA LEU A 94 8.13 -6.01 5.14
C LEU A 94 9.47 -6.18 5.86
N ASP A 95 9.99 -7.40 5.91
CA ASP A 95 11.30 -7.77 6.46
C ASP A 95 12.36 -7.86 5.35
N VAL A 96 12.96 -6.72 4.97
CA VAL A 96 14.00 -6.66 3.93
C VAL A 96 15.26 -7.40 4.37
N LEU A 97 15.56 -8.51 3.69
CA LEU A 97 16.73 -9.37 3.92
C LEU A 97 18.00 -8.69 3.38
N ALA A 98 18.80 -8.10 4.27
CA ALA A 98 19.98 -7.29 3.92
C ALA A 98 21.06 -8.07 3.14
N LYS A 99 21.85 -7.35 2.34
CA LYS A 99 22.96 -7.87 1.51
C LYS A 99 24.18 -8.31 2.33
N GLU A 100 24.37 -7.72 3.52
CA GLU A 100 25.49 -7.97 4.46
C GLU A 100 25.59 -9.43 4.94
N GLY A 1 -25.36 6.74 -10.44
CA GLY A 1 -26.35 6.10 -9.54
C GLY A 1 -25.96 6.24 -8.09
N ALA A 2 -26.24 5.22 -7.27
CA ALA A 2 -25.85 5.14 -5.86
C ALA A 2 -24.31 5.07 -5.67
N MET A 3 -23.85 5.29 -4.43
CA MET A 3 -22.43 5.28 -4.02
C MET A 3 -22.25 4.72 -2.58
N GLY A 4 -21.02 4.64 -2.05
CA GLY A 4 -20.80 4.16 -0.68
C GLY A 4 -19.35 4.18 -0.17
N PRO A 5 -19.15 3.94 1.14
CA PRO A 5 -17.84 4.01 1.79
C PRO A 5 -16.91 2.87 1.34
N PRO A 6 -15.57 3.03 1.52
CA PRO A 6 -14.62 1.95 1.29
C PRO A 6 -14.77 0.82 2.32
N ARG A 7 -14.29 -0.38 1.97
CA ARG A 7 -14.41 -1.61 2.77
C ARG A 7 -13.13 -2.46 2.69
N PHE A 8 -12.86 -3.21 3.76
CA PHE A 8 -11.92 -4.33 3.74
C PHE A 8 -12.44 -5.44 2.80
N ILE A 9 -11.56 -5.99 1.95
CA ILE A 9 -11.85 -7.14 1.07
C ILE A 9 -10.72 -8.18 1.20
N GLN A 10 -9.47 -7.78 0.89
CA GLN A 10 -8.27 -8.61 1.07
C GLN A 10 -7.02 -7.74 1.28
N VAL A 11 -6.12 -8.19 2.17
CA VAL A 11 -4.78 -7.62 2.38
C VAL A 11 -3.70 -8.72 2.29
N PRO A 12 -2.45 -8.39 1.93
CA PRO A 12 -1.34 -9.35 1.99
C PRO A 12 -0.92 -9.62 3.44
N GLU A 13 -0.35 -10.80 3.68
CA GLU A 13 0.40 -11.13 4.91
C GLU A 13 1.77 -10.43 4.94
N ASN A 14 2.52 -10.54 6.06
CA ASN A 14 3.87 -10.00 6.16
C ASN A 14 4.83 -10.62 5.13
N MET A 15 5.88 -9.88 4.75
CA MET A 15 6.80 -10.21 3.65
C MET A 15 8.27 -10.09 4.07
N SER A 16 9.15 -10.77 3.33
CA SER A 16 10.61 -10.67 3.44
C SER A 16 11.26 -10.79 2.06
N ILE A 17 12.00 -9.75 1.66
CA ILE A 17 12.53 -9.56 0.29
C ILE A 17 14.04 -9.25 0.36
N ASP A 18 14.83 -9.89 -0.49
CA ASP A 18 16.27 -9.66 -0.65
C ASP A 18 16.59 -8.23 -1.13
N GLU A 19 17.50 -7.54 -0.44
CA GLU A 19 17.98 -6.18 -0.77
C GLU A 19 18.41 -6.05 -2.25
N GLY A 20 17.86 -5.06 -2.94
CA GLY A 20 18.15 -4.71 -4.34
C GLY A 20 17.11 -5.23 -5.36
N ARG A 21 16.18 -6.10 -4.96
CA ARG A 21 15.11 -6.61 -5.84
C ARG A 21 13.99 -5.59 -6.11
N PHE A 22 13.24 -5.84 -7.18
CA PHE A 22 11.87 -5.35 -7.36
C PHE A 22 10.90 -6.15 -6.46
N CYS A 23 9.89 -5.50 -5.89
CA CYS A 23 8.71 -6.16 -5.32
C CYS A 23 7.45 -5.28 -5.39
N ARG A 24 6.28 -5.86 -5.09
CA ARG A 24 4.97 -5.18 -5.03
C ARG A 24 4.05 -5.76 -3.96
N MET A 25 3.02 -4.99 -3.62
CA MET A 25 1.95 -5.31 -2.68
C MET A 25 0.61 -4.84 -3.26
N ASP A 26 -0.45 -5.64 -3.09
CA ASP A 26 -1.74 -5.43 -3.75
C ASP A 26 -2.91 -5.60 -2.76
N PHE A 27 -3.75 -4.56 -2.66
CA PHE A 27 -4.78 -4.37 -1.63
C PHE A 27 -6.16 -4.18 -2.27
N LYS A 28 -7.06 -5.17 -2.13
CA LYS A 28 -8.45 -5.07 -2.57
C LYS A 28 -9.23 -4.14 -1.65
N VAL A 29 -9.78 -3.06 -2.21
CA VAL A 29 -10.49 -1.96 -1.53
C VAL A 29 -11.74 -1.56 -2.32
N SER A 30 -12.92 -1.88 -1.79
CA SER A 30 -14.22 -1.52 -2.37
C SER A 30 -14.57 -0.03 -2.16
N GLY A 31 -15.81 0.37 -2.47
CA GLY A 31 -16.38 1.71 -2.30
C GLY A 31 -16.48 2.53 -3.59
N LEU A 32 -17.27 3.60 -3.55
CA LEU A 32 -17.50 4.53 -4.67
C LEU A 32 -17.82 5.95 -4.13
N PRO A 33 -17.21 7.04 -4.63
CA PRO A 33 -16.17 7.07 -5.65
C PRO A 33 -14.85 6.46 -5.17
N ALA A 34 -13.91 6.24 -6.10
CA ALA A 34 -12.57 5.72 -5.81
C ALA A 34 -11.84 6.61 -4.78
N PRO A 35 -11.35 6.05 -3.65
CA PRO A 35 -10.83 6.85 -2.55
C PRO A 35 -9.49 7.54 -2.87
N ASP A 36 -9.22 8.63 -2.17
CA ASP A 36 -7.90 9.24 -2.01
C ASP A 36 -7.04 8.36 -1.08
N VAL A 37 -5.98 7.77 -1.62
CA VAL A 37 -5.11 6.82 -0.91
C VAL A 37 -3.75 7.46 -0.55
N SER A 38 -3.34 7.30 0.71
CA SER A 38 -2.03 7.73 1.25
C SER A 38 -1.34 6.59 2.01
N TRP A 39 -0.01 6.65 2.12
CA TRP A 39 0.83 5.62 2.74
C TRP A 39 1.73 6.16 3.86
N TYR A 40 2.11 5.26 4.76
CA TYR A 40 2.90 5.50 5.97
C TYR A 40 3.86 4.33 6.26
N LEU A 41 4.91 4.57 7.04
CA LEU A 41 5.91 3.60 7.51
C LEU A 41 6.38 3.95 8.93
N ASN A 42 6.17 3.04 9.88
CA ASN A 42 6.53 3.16 11.31
C ASN A 42 5.98 4.43 12.03
N GLY A 43 4.99 5.11 11.43
CA GLY A 43 4.37 6.35 11.90
C GLY A 43 4.74 7.62 11.11
N ARG A 44 5.74 7.56 10.22
CA ARG A 44 6.09 8.63 9.25
C ARG A 44 5.30 8.48 7.95
N THR A 45 5.15 9.56 7.18
CA THR A 45 4.53 9.55 5.84
C THR A 45 5.41 8.87 4.79
N VAL A 46 4.78 8.33 3.74
CA VAL A 46 5.42 7.77 2.54
C VAL A 46 4.69 8.32 1.31
N GLN A 47 5.27 9.32 0.65
CA GLN A 47 4.80 9.84 -0.64
C GLN A 47 5.12 8.86 -1.79
N SER A 48 4.42 8.99 -2.92
CA SER A 48 4.79 8.31 -4.18
C SER A 48 6.10 8.85 -4.78
N ASP A 49 6.77 8.03 -5.58
CA ASP A 49 8.00 8.37 -6.30
C ASP A 49 8.14 7.52 -7.58
N ASP A 50 9.09 7.86 -8.47
CA ASP A 50 9.47 7.00 -9.61
C ASP A 50 9.92 5.59 -9.18
N LEU A 51 10.60 5.47 -8.03
CA LEU A 51 10.99 4.19 -7.42
C LEU A 51 9.88 3.55 -6.56
N HIS A 52 8.84 4.31 -6.21
CA HIS A 52 7.76 3.90 -5.29
C HIS A 52 6.38 4.27 -5.86
N LYS A 53 5.99 3.54 -6.92
CA LYS A 53 4.74 3.77 -7.67
C LYS A 53 3.51 3.36 -6.86
N MET A 54 2.42 4.12 -7.01
CA MET A 54 1.15 4.00 -6.29
C MET A 54 -0.02 4.25 -7.24
N ILE A 55 -0.75 3.21 -7.62
CA ILE A 55 -1.92 3.28 -8.54
C ILE A 55 -3.12 2.47 -8.03
N VAL A 56 -4.30 2.71 -8.60
CA VAL A 56 -5.57 2.02 -8.30
C VAL A 56 -6.24 1.57 -9.60
N SER A 57 -6.39 0.27 -9.79
CA SER A 57 -7.19 -0.31 -10.89
C SER A 57 -8.69 -0.12 -10.62
N GLU A 58 -9.48 0.13 -11.67
CA GLU A 58 -10.92 0.45 -11.60
C GLU A 58 -11.80 -0.62 -10.93
N LYS A 59 -11.32 -1.87 -10.84
CA LYS A 59 -12.00 -3.01 -10.19
C LYS A 59 -11.96 -2.96 -8.65
N GLY A 60 -11.25 -1.99 -8.06
CA GLY A 60 -11.10 -1.81 -6.62
C GLY A 60 -9.85 -2.49 -6.05
N LEU A 61 -8.68 -2.24 -6.67
CA LEU A 61 -7.39 -2.84 -6.32
C LEU A 61 -6.29 -1.76 -6.32
N HIS A 62 -5.82 -1.34 -5.15
CA HIS A 62 -4.61 -0.53 -5.02
C HIS A 62 -3.34 -1.39 -5.20
N SER A 63 -2.31 -0.82 -5.83
CA SER A 63 -1.02 -1.44 -6.11
C SER A 63 0.13 -0.53 -5.66
N LEU A 64 0.89 -0.99 -4.67
CA LEU A 64 2.05 -0.32 -4.05
C LEU A 64 3.32 -1.07 -4.47
N ILE A 65 4.27 -0.39 -5.12
CA ILE A 65 5.43 -0.99 -5.80
C ILE A 65 6.75 -0.46 -5.24
N PHE A 66 7.81 -1.27 -5.32
CA PHE A 66 9.21 -0.95 -5.02
C PHE A 66 10.09 -1.36 -6.21
N GLU A 67 10.66 -0.39 -6.93
CA GLU A 67 11.59 -0.66 -8.05
C GLU A 67 12.91 -1.30 -7.58
N VAL A 68 13.46 -0.85 -6.45
CA VAL A 68 14.73 -1.30 -5.86
C VAL A 68 14.70 -1.14 -4.33
N VAL A 69 14.25 -2.17 -3.62
CA VAL A 69 14.11 -2.14 -2.16
C VAL A 69 15.48 -2.13 -1.45
N ARG A 70 15.62 -1.36 -0.36
CA ARG A 70 16.82 -1.25 0.50
C ARG A 70 16.52 -1.55 1.96
N ALA A 71 17.54 -1.86 2.75
CA ALA A 71 17.41 -2.20 4.17
C ALA A 71 16.66 -1.13 5.00
N SER A 72 16.82 0.15 4.65
CA SER A 72 16.12 1.29 5.26
C SER A 72 14.60 1.32 5.02
N ASP A 73 14.10 0.56 4.03
CA ASP A 73 12.66 0.44 3.72
C ASP A 73 11.93 -0.59 4.62
N ALA A 74 12.64 -1.33 5.47
CA ALA A 74 12.03 -2.29 6.38
C ALA A 74 11.13 -1.64 7.46
N GLY A 75 10.13 -2.38 7.92
CA GLY A 75 9.22 -1.97 9.00
C GLY A 75 7.73 -2.24 8.73
N ALA A 76 6.88 -1.71 9.62
CA ALA A 76 5.42 -1.75 9.54
C ALA A 76 4.88 -0.61 8.67
N TYR A 77 4.47 -0.93 7.44
CA TYR A 77 3.73 -0.02 6.56
C TYR A 77 2.24 0.06 6.95
N ALA A 78 1.62 1.20 6.66
CA ALA A 78 0.17 1.38 6.73
C ALA A 78 -0.35 2.21 5.54
N CYS A 79 -1.64 2.03 5.23
CA CYS A 79 -2.34 2.62 4.10
C CYS A 79 -3.70 3.17 4.58
N VAL A 80 -4.08 4.37 4.13
CA VAL A 80 -5.31 5.07 4.51
C VAL A 80 -6.05 5.50 3.24
N ALA A 81 -7.32 5.13 3.13
CA ALA A 81 -8.19 5.33 1.97
C ALA A 81 -9.49 6.06 2.37
N LYS A 82 -9.71 7.27 1.84
CA LYS A 82 -10.83 8.17 2.19
C LYS A 82 -11.66 8.56 0.96
N ASN A 83 -12.98 8.50 1.04
CA ASN A 83 -13.90 9.10 0.05
C ASN A 83 -15.01 9.93 0.75
N ARG A 84 -15.90 10.56 -0.04
CA ARG A 84 -17.01 11.39 0.44
C ARG A 84 -18.08 10.67 1.29
N ALA A 85 -18.05 9.34 1.35
CA ALA A 85 -18.98 8.50 2.11
C ALA A 85 -18.34 7.81 3.35
N GLY A 86 -17.01 7.66 3.42
CA GLY A 86 -16.32 7.03 4.56
C GLY A 86 -14.81 6.83 4.39
N GLU A 87 -14.22 6.06 5.31
CA GLU A 87 -12.77 5.82 5.45
C GLU A 87 -12.46 4.34 5.77
N ALA A 88 -11.31 3.86 5.28
CA ALA A 88 -10.71 2.56 5.63
C ALA A 88 -9.19 2.70 5.85
N THR A 89 -8.61 1.81 6.66
CA THR A 89 -7.17 1.75 6.99
C THR A 89 -6.67 0.29 6.96
N PHE A 90 -5.46 0.08 6.44
CA PHE A 90 -4.83 -1.23 6.24
C PHE A 90 -3.37 -1.22 6.73
N THR A 91 -2.80 -2.39 7.03
CA THR A 91 -1.45 -2.57 7.61
C THR A 91 -0.74 -3.80 7.03
N VAL A 92 0.58 -3.72 6.85
CA VAL A 92 1.48 -4.85 6.48
C VAL A 92 2.88 -4.63 7.04
N GLN A 93 3.71 -5.67 7.14
CA GLN A 93 5.10 -5.59 7.59
C GLN A 93 6.06 -6.18 6.55
N LEU A 94 7.20 -5.51 6.35
CA LEU A 94 8.25 -5.86 5.37
C LEU A 94 9.60 -5.98 6.07
N ASP A 95 10.12 -7.21 6.20
CA ASP A 95 11.45 -7.53 6.72
C ASP A 95 12.47 -7.65 5.58
N VAL A 96 13.02 -6.51 5.13
CA VAL A 96 14.01 -6.47 4.03
C VAL A 96 15.30 -7.19 4.46
N LEU A 97 15.61 -8.29 3.78
CA LEU A 97 16.79 -9.14 4.00
C LEU A 97 18.04 -8.46 3.42
N ALA A 98 18.77 -7.72 4.27
CA ALA A 98 19.98 -7.00 3.91
C ALA A 98 21.11 -7.92 3.41
N LYS A 99 21.99 -7.41 2.54
CA LYS A 99 23.16 -8.11 1.98
C LYS A 99 24.20 -8.44 3.07
N GLU A 100 24.61 -7.42 3.83
CA GLU A 100 25.57 -7.52 4.97
C GLU A 100 24.96 -8.23 6.20
N GLY A 1 -24.24 4.07 -9.84
CA GLY A 1 -25.25 3.53 -8.89
C GLY A 1 -25.05 4.08 -7.48
N ALA A 2 -25.55 3.35 -6.47
CA ALA A 2 -25.48 3.71 -5.06
C ALA A 2 -24.03 3.79 -4.53
N MET A 3 -23.54 5.02 -4.29
CA MET A 3 -22.22 5.30 -3.71
C MET A 3 -22.08 4.81 -2.25
N GLY A 4 -20.85 4.69 -1.73
CA GLY A 4 -20.56 4.17 -0.39
C GLY A 4 -19.06 4.11 -0.02
N PRO A 5 -18.75 3.83 1.26
CA PRO A 5 -17.39 3.92 1.80
C PRO A 5 -16.43 2.82 1.29
N PRO A 6 -15.11 3.01 1.42
CA PRO A 6 -14.12 1.95 1.18
C PRO A 6 -14.28 0.81 2.21
N ARG A 7 -14.16 -0.44 1.75
CA ARG A 7 -14.39 -1.67 2.53
C ARG A 7 -13.23 -2.67 2.43
N PHE A 8 -13.05 -3.47 3.48
CA PHE A 8 -12.06 -4.53 3.63
C PHE A 8 -12.45 -5.79 2.84
N ILE A 9 -12.06 -5.88 1.56
CA ILE A 9 -12.23 -7.10 0.76
C ILE A 9 -11.08 -8.09 1.04
N GLN A 10 -9.83 -7.67 0.79
CA GLN A 10 -8.61 -8.44 1.11
C GLN A 10 -7.39 -7.53 1.32
N VAL A 11 -6.49 -7.94 2.22
CA VAL A 11 -5.15 -7.35 2.46
C VAL A 11 -4.07 -8.45 2.38
N PRO A 12 -2.81 -8.14 2.00
CA PRO A 12 -1.76 -9.13 1.86
C PRO A 12 -1.20 -9.58 3.23
N GLU A 13 -0.59 -10.76 3.27
CA GLU A 13 0.24 -11.22 4.39
C GLU A 13 1.61 -10.51 4.40
N ASN A 14 2.36 -10.65 5.49
CA ASN A 14 3.72 -10.08 5.60
C ASN A 14 4.69 -10.65 4.53
N MET A 15 5.76 -9.90 4.26
CA MET A 15 6.71 -10.13 3.16
C MET A 15 8.16 -10.15 3.67
N SER A 16 9.03 -10.86 2.96
CA SER A 16 10.49 -10.87 3.15
C SER A 16 11.21 -10.95 1.79
N ILE A 17 11.97 -9.90 1.45
CA ILE A 17 12.51 -9.65 0.11
C ILE A 17 14.02 -9.38 0.19
N ASP A 18 14.81 -10.09 -0.63
CA ASP A 18 16.26 -9.88 -0.80
C ASP A 18 16.57 -8.45 -1.31
N GLU A 19 17.46 -7.75 -0.60
CA GLU A 19 17.90 -6.38 -0.92
C GLU A 19 18.41 -6.24 -2.38
N GLY A 20 17.96 -5.17 -3.04
CA GLY A 20 18.30 -4.80 -4.42
C GLY A 20 17.27 -5.26 -5.48
N ARG A 21 16.33 -6.15 -5.12
CA ARG A 21 15.26 -6.63 -6.02
C ARG A 21 14.16 -5.58 -6.26
N PHE A 22 13.40 -5.80 -7.34
CA PHE A 22 12.04 -5.28 -7.51
C PHE A 22 11.04 -6.08 -6.65
N CYS A 23 10.05 -5.42 -6.05
CA CYS A 23 8.83 -6.06 -5.56
C CYS A 23 7.61 -5.12 -5.63
N ARG A 24 6.41 -5.65 -5.35
CA ARG A 24 5.15 -4.89 -5.25
C ARG A 24 4.13 -5.56 -4.31
N MET A 25 3.03 -4.84 -4.00
CA MET A 25 1.95 -5.25 -3.10
C MET A 25 0.57 -5.25 -3.79
N ASP A 26 -0.43 -5.89 -3.16
CA ASP A 26 -1.81 -6.05 -3.67
C ASP A 26 -2.85 -5.85 -2.55
N PHE A 27 -3.51 -4.69 -2.51
CA PHE A 27 -4.54 -4.32 -1.53
C PHE A 27 -5.90 -4.13 -2.21
N LYS A 28 -6.87 -5.04 -1.98
CA LYS A 28 -8.24 -4.94 -2.51
C LYS A 28 -9.09 -3.98 -1.68
N VAL A 29 -8.84 -2.68 -1.85
CA VAL A 29 -9.73 -1.59 -1.44
C VAL A 29 -10.86 -1.41 -2.46
N SER A 30 -12.11 -1.41 -2.00
CA SER A 30 -13.31 -1.23 -2.83
C SER A 30 -14.29 -0.25 -2.19
N GLY A 31 -14.53 0.88 -2.85
CA GLY A 31 -15.52 1.91 -2.51
C GLY A 31 -15.88 2.77 -3.73
N LEU A 32 -16.92 3.61 -3.62
CA LEU A 32 -17.42 4.47 -4.70
C LEU A 32 -17.86 5.84 -4.14
N PRO A 33 -17.29 6.98 -4.57
CA PRO A 33 -16.23 7.12 -5.57
C PRO A 33 -14.89 6.55 -5.11
N ALA A 34 -13.95 6.41 -6.05
CA ALA A 34 -12.59 5.90 -5.81
C ALA A 34 -11.86 6.74 -4.74
N PRO A 35 -11.35 6.12 -3.65
CA PRO A 35 -10.85 6.87 -2.50
C PRO A 35 -9.52 7.60 -2.76
N ASP A 36 -9.31 8.70 -2.05
CA ASP A 36 -8.01 9.32 -1.80
C ASP A 36 -7.19 8.43 -0.85
N VAL A 37 -5.94 8.14 -1.20
CA VAL A 37 -5.08 7.15 -0.53
C VAL A 37 -3.75 7.75 -0.05
N SER A 38 -3.35 7.44 1.19
CA SER A 38 -2.19 8.00 1.89
C SER A 38 -1.39 6.92 2.63
N TRP A 39 -0.16 6.68 2.20
CA TRP A 39 0.73 5.66 2.76
C TRP A 39 1.57 6.16 3.96
N TYR A 40 1.91 5.21 4.83
CA TYR A 40 2.67 5.36 6.06
C TYR A 40 3.62 4.16 6.28
N LEU A 41 4.63 4.34 7.13
CA LEU A 41 5.63 3.36 7.56
C LEU A 41 6.05 3.64 9.01
N ASN A 42 5.86 2.67 9.90
CA ASN A 42 6.21 2.71 11.33
C ASN A 42 5.63 3.91 12.13
N GLY A 43 4.63 4.63 11.57
CA GLY A 43 3.98 5.81 12.16
C GLY A 43 4.32 7.15 11.48
N ARG A 44 5.27 7.18 10.53
CA ARG A 44 5.60 8.34 9.67
C ARG A 44 4.95 8.19 8.28
N THR A 45 4.80 9.29 7.55
CA THR A 45 4.26 9.29 6.17
C THR A 45 5.23 8.69 5.14
N VAL A 46 4.70 8.26 4.00
CA VAL A 46 5.46 7.78 2.82
C VAL A 46 4.85 8.38 1.56
N GLN A 47 5.49 9.41 0.99
CA GLN A 47 5.13 9.96 -0.32
C GLN A 47 5.51 8.98 -1.46
N SER A 48 4.82 9.07 -2.60
CA SER A 48 5.20 8.37 -3.84
C SER A 48 6.50 8.92 -4.46
N ASP A 49 7.15 8.12 -5.31
CA ASP A 49 8.38 8.47 -6.03
C ASP A 49 8.48 7.69 -7.36
N ASP A 50 9.43 8.05 -8.24
CA ASP A 50 9.78 7.23 -9.41
C ASP A 50 10.21 5.79 -9.05
N LEU A 51 10.87 5.60 -7.91
CA LEU A 51 11.21 4.28 -7.35
C LEU A 51 10.07 3.63 -6.54
N HIS A 52 9.04 4.41 -6.18
CA HIS A 52 7.93 3.99 -5.30
C HIS A 52 6.57 4.43 -5.85
N LYS A 53 6.16 3.79 -6.96
CA LYS A 53 4.90 4.06 -7.68
C LYS A 53 3.70 3.56 -6.86
N MET A 54 2.66 4.39 -6.76
CA MET A 54 1.46 4.19 -5.94
C MET A 54 0.21 4.47 -6.79
N ILE A 55 -0.45 3.41 -7.27
CA ILE A 55 -1.54 3.48 -8.26
C ILE A 55 -2.72 2.56 -7.91
N VAL A 56 -3.89 2.85 -8.47
CA VAL A 56 -5.16 2.14 -8.23
C VAL A 56 -5.80 1.65 -9.53
N SER A 57 -6.82 0.79 -9.41
CA SER A 57 -7.57 0.21 -10.53
C SER A 57 -9.09 0.32 -10.33
N GLU A 58 -9.83 0.48 -11.42
CA GLU A 58 -11.29 0.38 -11.51
C GLU A 58 -11.85 -0.98 -11.03
N LYS A 59 -11.02 -2.03 -11.01
CA LYS A 59 -11.36 -3.40 -10.57
C LYS A 59 -11.42 -3.58 -9.04
N GLY A 60 -11.13 -2.53 -8.26
CA GLY A 60 -11.08 -2.58 -6.78
C GLY A 60 -9.77 -3.17 -6.27
N LEU A 61 -8.65 -2.50 -6.62
CA LEU A 61 -7.28 -2.88 -6.26
C LEU A 61 -6.38 -1.64 -6.16
N HIS A 62 -5.38 -1.69 -5.28
CA HIS A 62 -4.33 -0.70 -5.09
C HIS A 62 -2.96 -1.39 -5.01
N SER A 63 -2.00 -0.90 -5.81
CA SER A 63 -0.61 -1.38 -5.87
C SER A 63 0.37 -0.37 -5.25
N LEU A 64 1.43 -0.89 -4.64
CA LEU A 64 2.59 -0.15 -4.12
C LEU A 64 3.87 -0.87 -4.62
N ILE A 65 4.60 -0.25 -5.55
CA ILE A 65 5.82 -0.79 -6.16
C ILE A 65 7.06 -0.35 -5.36
N PHE A 66 8.11 -1.17 -5.38
CA PHE A 66 9.46 -0.88 -4.93
C PHE A 66 10.46 -1.29 -6.04
N GLU A 67 10.94 -0.32 -6.82
CA GLU A 67 11.83 -0.58 -7.97
C GLU A 67 13.18 -1.21 -7.56
N VAL A 68 13.74 -0.78 -6.43
CA VAL A 68 15.01 -1.26 -5.84
C VAL A 68 14.97 -1.14 -4.32
N VAL A 69 14.45 -2.17 -3.64
CA VAL A 69 14.29 -2.18 -2.18
C VAL A 69 15.63 -2.25 -1.43
N ARG A 70 15.78 -1.50 -0.34
CA ARG A 70 16.99 -1.42 0.51
C ARG A 70 16.65 -1.65 1.99
N ALA A 71 17.64 -1.98 2.82
CA ALA A 71 17.46 -2.31 4.23
C ALA A 71 16.65 -1.26 5.04
N SER A 72 16.82 0.03 4.73
CA SER A 72 16.10 1.16 5.33
C SER A 72 14.59 1.18 5.06
N ASP A 73 14.11 0.44 4.05
CA ASP A 73 12.69 0.34 3.69
C ASP A 73 11.90 -0.68 4.54
N ALA A 74 12.57 -1.45 5.40
CA ALA A 74 11.91 -2.44 6.27
C ALA A 74 10.96 -1.79 7.31
N GLY A 75 9.92 -2.54 7.71
CA GLY A 75 8.97 -2.14 8.75
C GLY A 75 7.49 -2.40 8.42
N ALA A 76 6.60 -1.91 9.29
CA ALA A 76 5.15 -1.99 9.18
C ALA A 76 4.59 -0.85 8.31
N TYR A 77 4.24 -1.14 7.06
CA TYR A 77 3.53 -0.23 6.15
C TYR A 77 2.02 -0.19 6.45
N ALA A 78 1.39 0.96 6.20
CA ALA A 78 -0.07 1.11 6.24
C ALA A 78 -0.58 2.12 5.19
N CYS A 79 -1.86 2.04 4.84
CA CYS A 79 -2.52 2.92 3.87
C CYS A 79 -3.92 3.33 4.37
N VAL A 80 -4.13 4.63 4.59
CA VAL A 80 -5.44 5.23 4.90
C VAL A 80 -6.16 5.59 3.59
N ALA A 81 -7.38 5.08 3.41
CA ALA A 81 -8.24 5.28 2.24
C ALA A 81 -9.54 6.02 2.60
N LYS A 82 -9.86 7.11 1.89
CA LYS A 82 -10.90 8.10 2.24
C LYS A 82 -11.79 8.44 1.04
N ASN A 83 -13.12 8.41 1.20
CA ASN A 83 -14.06 9.05 0.27
C ASN A 83 -15.19 9.81 1.01
N ARG A 84 -16.11 10.44 0.26
CA ARG A 84 -17.23 11.24 0.78
C ARG A 84 -18.21 10.51 1.71
N ALA A 85 -18.18 9.17 1.74
CA ALA A 85 -19.06 8.32 2.55
C ALA A 85 -18.36 7.64 3.76
N GLY A 86 -17.03 7.66 3.84
CA GLY A 86 -16.28 7.09 4.97
C GLY A 86 -14.79 6.83 4.71
N GLU A 87 -14.15 6.17 5.67
CA GLU A 87 -12.70 5.92 5.74
C GLU A 87 -12.41 4.45 6.12
N ALA A 88 -11.31 3.91 5.61
CA ALA A 88 -10.70 2.63 5.98
C ALA A 88 -9.17 2.75 6.12
N THR A 89 -8.52 1.80 6.78
CA THR A 89 -7.05 1.75 6.96
C THR A 89 -6.55 0.31 6.91
N PHE A 90 -5.59 0.03 6.02
CA PHE A 90 -5.03 -1.30 5.76
C PHE A 90 -3.54 -1.36 6.18
N THR A 91 -3.00 -2.54 6.48
CA THR A 91 -1.65 -2.73 7.06
C THR A 91 -0.93 -3.98 6.50
N VAL A 92 0.40 -3.93 6.40
CA VAL A 92 1.30 -5.07 6.11
C VAL A 92 2.68 -4.85 6.78
N GLN A 93 3.56 -5.85 6.78
CA GLN A 93 4.95 -5.75 7.24
C GLN A 93 5.93 -6.29 6.19
N LEU A 94 7.07 -5.62 6.01
CA LEU A 94 8.13 -5.94 5.06
C LEU A 94 9.49 -6.09 5.77
N ASP A 95 10.02 -7.32 5.81
CA ASP A 95 11.34 -7.65 6.36
C ASP A 95 12.40 -7.74 5.24
N VAL A 96 13.00 -6.61 4.87
CA VAL A 96 14.03 -6.54 3.82
C VAL A 96 15.31 -7.26 4.26
N LEU A 97 15.61 -8.38 3.60
CA LEU A 97 16.79 -9.23 3.85
C LEU A 97 18.04 -8.57 3.25
N ALA A 98 18.79 -7.81 4.06
CA ALA A 98 20.01 -7.11 3.67
C ALA A 98 21.11 -8.08 3.17
N LYS A 99 21.95 -7.63 2.22
CA LYS A 99 23.07 -8.41 1.68
C LYS A 99 24.23 -8.54 2.68
N GLU A 100 24.64 -7.42 3.28
CA GLU A 100 25.74 -7.31 4.27
C GLU A 100 25.45 -8.07 5.58
N GLY A 1 -27.14 7.65 -9.37
CA GLY A 1 -27.02 6.41 -8.57
C GLY A 1 -26.52 6.69 -7.17
N ALA A 2 -26.76 5.76 -6.24
CA ALA A 2 -26.27 5.82 -4.85
C ALA A 2 -24.73 5.73 -4.75
N MET A 3 -24.17 6.10 -3.59
CA MET A 3 -22.74 6.09 -3.26
C MET A 3 -22.50 5.71 -1.79
N GLY A 4 -21.25 5.49 -1.36
CA GLY A 4 -20.96 5.03 0.01
C GLY A 4 -19.48 4.85 0.39
N PRO A 5 -19.19 4.51 1.67
CA PRO A 5 -17.84 4.45 2.22
C PRO A 5 -16.99 3.30 1.63
N PRO A 6 -15.66 3.35 1.79
CA PRO A 6 -14.76 2.25 1.44
C PRO A 6 -14.92 1.05 2.39
N ARG A 7 -14.33 -0.10 2.02
CA ARG A 7 -14.45 -1.39 2.74
C ARG A 7 -13.09 -2.09 2.90
N PHE A 8 -12.99 -2.96 3.90
CA PHE A 8 -11.78 -3.70 4.31
C PHE A 8 -11.72 -5.10 3.63
N ILE A 9 -11.61 -5.14 2.30
CA ILE A 9 -11.76 -6.39 1.51
C ILE A 9 -10.63 -7.41 1.80
N GLN A 10 -9.38 -7.10 1.44
CA GLN A 10 -8.23 -8.00 1.63
C GLN A 10 -6.88 -7.25 1.71
N VAL A 11 -5.85 -7.95 2.18
CA VAL A 11 -4.43 -7.58 2.21
C VAL A 11 -3.55 -8.74 1.70
N PRO A 12 -2.29 -8.50 1.29
CA PRO A 12 -1.29 -9.57 1.12
C PRO A 12 -0.77 -10.06 2.49
N GLU A 13 -0.11 -11.22 2.51
CA GLU A 13 0.65 -11.71 3.67
C GLU A 13 1.97 -10.94 3.88
N ASN A 14 2.64 -11.13 5.03
CA ASN A 14 3.97 -10.58 5.30
C ASN A 14 5.03 -11.08 4.30
N MET A 15 6.04 -10.25 4.01
CA MET A 15 7.03 -10.47 2.94
C MET A 15 8.47 -10.29 3.42
N SER A 16 9.42 -10.95 2.74
CA SER A 16 10.86 -10.99 3.06
C SER A 16 11.69 -10.94 1.77
N ILE A 17 12.24 -9.76 1.44
CA ILE A 17 12.82 -9.45 0.12
C ILE A 17 14.32 -9.13 0.24
N ASP A 18 15.13 -9.71 -0.65
CA ASP A 18 16.57 -9.41 -0.77
C ASP A 18 16.85 -7.96 -1.19
N GLU A 19 17.73 -7.28 -0.46
CA GLU A 19 18.16 -5.90 -0.72
C GLU A 19 18.66 -5.68 -2.16
N GLY A 20 18.14 -4.66 -2.83
CA GLY A 20 18.48 -4.24 -4.20
C GLY A 20 17.51 -4.72 -5.28
N ARG A 21 16.59 -5.64 -4.98
CA ARG A 21 15.57 -6.14 -5.93
C ARG A 21 14.43 -5.15 -6.17
N PHE A 22 13.71 -5.36 -7.27
CA PHE A 22 12.35 -4.88 -7.49
C PHE A 22 11.35 -5.66 -6.60
N CYS A 23 10.26 -5.02 -6.18
CA CYS A 23 9.12 -5.67 -5.54
C CYS A 23 7.80 -4.92 -5.82
N ARG A 24 6.65 -5.58 -5.65
CA ARG A 24 5.30 -4.97 -5.61
C ARG A 24 4.32 -5.77 -4.75
N MET A 25 3.16 -5.16 -4.46
CA MET A 25 2.08 -5.68 -3.61
C MET A 25 0.70 -5.51 -4.26
N ASP A 26 -0.33 -6.19 -3.72
CA ASP A 26 -1.70 -6.25 -4.23
C ASP A 26 -2.74 -6.05 -3.12
N PHE A 27 -3.41 -4.90 -3.11
CA PHE A 27 -4.42 -4.50 -2.11
C PHE A 27 -5.79 -4.29 -2.75
N LYS A 28 -6.76 -5.16 -2.43
CA LYS A 28 -8.16 -5.04 -2.87
C LYS A 28 -8.86 -3.90 -2.11
N VAL A 29 -9.15 -2.80 -2.81
CA VAL A 29 -9.85 -1.61 -2.29
C VAL A 29 -11.17 -1.41 -3.05
N SER A 30 -12.18 -0.85 -2.40
CA SER A 30 -13.49 -0.49 -2.98
C SER A 30 -14.09 0.74 -2.28
N GLY A 31 -15.29 1.15 -2.68
CA GLY A 31 -16.01 2.37 -2.27
C GLY A 31 -16.37 3.24 -3.48
N LEU A 32 -17.32 4.17 -3.30
CA LEU A 32 -17.79 5.09 -4.35
C LEU A 32 -18.14 6.46 -3.75
N PRO A 33 -17.54 7.58 -4.21
CA PRO A 33 -16.51 7.68 -5.24
C PRO A 33 -15.18 7.03 -4.80
N ALA A 34 -14.27 6.84 -5.77
CA ALA A 34 -12.95 6.24 -5.56
C ALA A 34 -12.14 7.02 -4.49
N PRO A 35 -11.64 6.35 -3.43
CA PRO A 35 -10.99 7.03 -2.31
C PRO A 35 -9.62 7.64 -2.68
N ASP A 36 -9.28 8.74 -2.00
CA ASP A 36 -7.90 9.24 -1.87
C ASP A 36 -7.11 8.36 -0.87
N VAL A 37 -5.79 8.24 -1.05
CA VAL A 37 -4.95 7.26 -0.32
C VAL A 37 -3.70 7.92 0.28
N SER A 38 -3.37 7.52 1.51
CA SER A 38 -2.19 7.95 2.28
C SER A 38 -1.48 6.74 2.91
N TRP A 39 -0.24 6.49 2.48
CA TRP A 39 0.60 5.41 3.02
C TRP A 39 1.40 5.85 4.26
N TYR A 40 1.82 4.86 5.05
CA TYR A 40 2.58 4.99 6.29
C TYR A 40 3.58 3.84 6.46
N LEU A 41 4.60 4.04 7.30
CA LEU A 41 5.63 3.07 7.70
C LEU A 41 6.04 3.29 9.16
N ASN A 42 5.82 2.30 10.02
CA ASN A 42 6.14 2.29 11.46
C ASN A 42 5.53 3.48 12.26
N GLY A 43 4.55 4.20 11.70
CA GLY A 43 3.88 5.38 12.27
C GLY A 43 4.24 6.71 11.59
N ARG A 44 5.30 6.77 10.77
CA ARG A 44 5.62 7.92 9.89
C ARG A 44 4.83 7.85 8.58
N THR A 45 4.61 8.99 7.93
CA THR A 45 3.99 9.07 6.59
C THR A 45 4.91 8.56 5.47
N VAL A 46 4.32 8.11 4.36
CA VAL A 46 4.99 7.71 3.11
C VAL A 46 4.20 8.29 1.92
N GLN A 47 4.91 8.85 0.93
CA GLN A 47 4.34 9.41 -0.29
C GLN A 47 4.87 8.69 -1.54
N SER A 48 4.20 8.86 -2.69
CA SER A 48 4.64 8.31 -3.97
C SER A 48 5.95 8.93 -4.46
N ASP A 49 6.71 8.17 -5.26
CA ASP A 49 7.97 8.59 -5.90
C ASP A 49 8.19 7.80 -7.20
N ASP A 50 9.15 8.21 -8.04
CA ASP A 50 9.61 7.44 -9.21
C ASP A 50 10.10 6.03 -8.82
N LEU A 51 10.74 5.88 -7.65
CA LEU A 51 11.16 4.59 -7.09
C LEU A 51 10.06 3.87 -6.29
N HIS A 52 8.97 4.55 -5.93
CA HIS A 52 7.88 4.06 -5.08
C HIS A 52 6.50 4.43 -5.66
N LYS A 53 6.14 3.79 -6.78
CA LYS A 53 4.91 4.05 -7.54
C LYS A 53 3.66 3.58 -6.76
N MET A 54 2.56 4.32 -6.93
CA MET A 54 1.27 4.15 -6.25
C MET A 54 0.13 4.38 -7.25
N ILE A 55 -0.48 3.31 -7.76
CA ILE A 55 -1.58 3.34 -8.74
C ILE A 55 -2.70 2.36 -8.38
N VAL A 56 -3.89 2.54 -8.96
CA VAL A 56 -5.08 1.70 -8.71
C VAL A 56 -5.80 1.38 -10.02
N SER A 57 -6.17 0.10 -10.19
CA SER A 57 -6.92 -0.40 -11.35
C SER A 57 -8.35 0.18 -11.44
N GLU A 58 -8.95 0.12 -12.62
CA GLU A 58 -10.39 0.30 -12.86
C GLU A 58 -11.24 -0.61 -11.96
N LYS A 59 -10.73 -1.81 -11.64
CA LYS A 59 -11.37 -2.83 -10.79
C LYS A 59 -11.18 -2.58 -9.27
N GLY A 60 -10.42 -1.55 -8.89
CA GLY A 60 -10.15 -1.15 -7.49
C GLY A 60 -8.91 -1.79 -6.85
N LEU A 61 -8.23 -2.69 -7.55
CA LEU A 61 -6.96 -3.31 -7.11
C LEU A 61 -5.82 -2.28 -7.08
N HIS A 62 -5.40 -1.88 -5.89
CA HIS A 62 -4.30 -0.95 -5.64
C HIS A 62 -2.94 -1.66 -5.64
N SER A 63 -2.02 -1.18 -6.48
CA SER A 63 -0.60 -1.57 -6.52
C SER A 63 0.28 -0.58 -5.76
N LEU A 64 1.19 -1.13 -4.93
CA LEU A 64 2.27 -0.43 -4.22
C LEU A 64 3.60 -1.09 -4.62
N ILE A 65 4.54 -0.31 -5.15
CA ILE A 65 5.75 -0.78 -5.85
C ILE A 65 7.04 -0.28 -5.16
N PHE A 66 8.13 -1.03 -5.33
CA PHE A 66 9.51 -0.73 -4.94
C PHE A 66 10.44 -1.02 -6.12
N GLU A 67 11.00 0.01 -6.77
CA GLU A 67 11.97 -0.18 -7.88
C GLU A 67 13.30 -0.80 -7.39
N VAL A 68 13.78 -0.38 -6.21
CA VAL A 68 15.05 -0.82 -5.60
C VAL A 68 14.96 -0.73 -4.07
N VAL A 69 14.50 -1.81 -3.42
CA VAL A 69 14.33 -1.85 -1.95
C VAL A 69 15.68 -1.90 -1.22
N ARG A 70 15.81 -1.19 -0.09
CA ARG A 70 17.01 -1.11 0.77
C ARG A 70 16.67 -1.39 2.24
N ALA A 71 17.66 -1.70 3.06
CA ALA A 71 17.48 -2.10 4.47
C ALA A 71 16.65 -1.09 5.31
N SER A 72 16.77 0.21 5.03
CA SER A 72 16.02 1.29 5.66
C SER A 72 14.50 1.28 5.36
N ASP A 73 14.05 0.57 4.33
CA ASP A 73 12.63 0.43 3.95
C ASP A 73 11.88 -0.64 4.74
N ALA A 74 12.56 -1.44 5.59
CA ALA A 74 11.92 -2.50 6.37
C ALA A 74 10.94 -1.96 7.44
N GLY A 75 9.89 -2.73 7.73
CA GLY A 75 8.92 -2.45 8.80
C GLY A 75 7.47 -2.76 8.48
N ALA A 76 6.58 -2.36 9.39
CA ALA A 76 5.13 -2.42 9.26
C ALA A 76 4.59 -1.24 8.43
N TYR A 77 4.23 -1.48 7.18
CA TYR A 77 3.52 -0.52 6.33
C TYR A 77 2.01 -0.50 6.63
N ALA A 78 1.38 0.65 6.40
CA ALA A 78 -0.07 0.79 6.40
C ALA A 78 -0.56 1.75 5.29
N CYS A 79 -1.84 1.65 4.96
CA CYS A 79 -2.51 2.33 3.84
C CYS A 79 -3.92 2.78 4.27
N VAL A 80 -4.10 4.07 4.53
CA VAL A 80 -5.40 4.68 4.83
C VAL A 80 -6.06 5.16 3.54
N ALA A 81 -7.34 4.82 3.33
CA ALA A 81 -8.15 5.14 2.15
C ALA A 81 -9.45 5.85 2.57
N LYS A 82 -9.73 7.03 2.00
CA LYS A 82 -10.80 7.97 2.43
C LYS A 82 -11.60 8.50 1.24
N ASN A 83 -12.93 8.53 1.36
CA ASN A 83 -13.84 9.26 0.46
C ASN A 83 -14.84 10.13 1.25
N ARG A 84 -15.75 10.82 0.54
CA ARG A 84 -16.77 11.73 1.12
C ARG A 84 -17.76 11.08 2.09
N ALA A 85 -17.81 9.76 2.18
CA ALA A 85 -18.74 8.99 3.02
C ALA A 85 -18.06 8.17 4.14
N GLY A 86 -16.73 7.97 4.12
CA GLY A 86 -16.01 7.25 5.19
C GLY A 86 -14.55 6.92 4.90
N GLU A 87 -13.97 6.09 5.78
CA GLU A 87 -12.55 5.71 5.85
C GLU A 87 -12.38 4.19 6.06
N ALA A 88 -11.33 3.62 5.44
CA ALA A 88 -10.84 2.26 5.67
C ALA A 88 -9.30 2.24 5.75
N THR A 89 -8.73 1.16 6.29
CA THR A 89 -7.27 1.02 6.52
C THR A 89 -6.79 -0.40 6.25
N PHE A 90 -5.62 -0.53 5.65
CA PHE A 90 -4.95 -1.80 5.31
C PHE A 90 -3.51 -1.83 5.86
N THR A 91 -2.94 -3.02 6.07
CA THR A 91 -1.64 -3.22 6.77
C THR A 91 -0.86 -4.39 6.17
N VAL A 92 0.48 -4.31 6.16
CA VAL A 92 1.42 -5.41 5.84
C VAL A 92 2.76 -5.22 6.57
N GLN A 93 3.56 -6.27 6.69
CA GLN A 93 4.95 -6.22 7.18
C GLN A 93 5.93 -6.66 6.08
N LEU A 94 6.94 -5.83 5.83
CA LEU A 94 8.01 -6.06 4.85
C LEU A 94 9.36 -6.11 5.57
N ASP A 95 9.92 -7.30 5.74
CA ASP A 95 11.32 -7.49 6.09
C ASP A 95 12.22 -7.31 4.83
N VAL A 96 13.35 -6.63 4.99
CA VAL A 96 14.34 -6.45 3.91
C VAL A 96 15.66 -7.12 4.32
N LEU A 97 15.93 -8.27 3.71
CA LEU A 97 17.12 -9.10 3.90
C LEU A 97 18.36 -8.37 3.36
N ALA A 98 19.11 -7.72 4.26
CA ALA A 98 20.32 -6.96 3.94
C ALA A 98 21.43 -7.84 3.31
N LYS A 99 22.32 -7.22 2.54
CA LYS A 99 23.36 -7.89 1.72
C LYS A 99 24.80 -7.45 2.04
N GLU A 100 24.99 -6.79 3.19
CA GLU A 100 26.29 -6.46 3.80
C GLU A 100 27.21 -7.68 4.04
N GLY A 1 -27.16 7.48 -9.07
CA GLY A 1 -27.06 6.08 -8.60
C GLY A 1 -26.54 5.99 -7.18
N ALA A 2 -26.75 4.85 -6.52
CA ALA A 2 -26.26 4.56 -5.16
C ALA A 2 -24.72 4.52 -5.08
N MET A 3 -24.16 4.74 -3.88
CA MET A 3 -22.72 4.81 -3.59
C MET A 3 -22.41 4.35 -2.14
N GLY A 4 -21.14 4.28 -1.72
CA GLY A 4 -20.77 3.79 -0.38
C GLY A 4 -19.28 3.83 0.00
N PRO A 5 -18.96 3.54 1.27
CA PRO A 5 -17.61 3.67 1.82
C PRO A 5 -16.62 2.61 1.28
N PRO A 6 -15.30 2.82 1.40
CA PRO A 6 -14.30 1.78 1.15
C PRO A 6 -14.40 0.67 2.21
N ARG A 7 -14.02 -0.56 1.81
CA ARG A 7 -14.07 -1.78 2.65
C ARG A 7 -12.83 -2.65 2.46
N PHE A 8 -12.48 -3.43 3.48
CA PHE A 8 -11.47 -4.49 3.42
C PHE A 8 -11.94 -5.64 2.52
N ILE A 9 -11.22 -5.89 1.42
CA ILE A 9 -11.45 -7.00 0.48
C ILE A 9 -10.30 -8.03 0.57
N GLN A 10 -9.05 -7.60 0.34
CA GLN A 10 -7.85 -8.44 0.44
C GLN A 10 -6.63 -7.61 0.85
N VAL A 11 -5.83 -8.17 1.77
CA VAL A 11 -4.51 -7.68 2.20
C VAL A 11 -3.49 -8.85 2.19
N PRO A 12 -2.19 -8.59 2.03
CA PRO A 12 -1.15 -9.62 2.19
C PRO A 12 -0.91 -9.93 3.69
N GLU A 13 -0.27 -11.06 3.97
CA GLU A 13 0.39 -11.33 5.26
C GLU A 13 1.66 -10.46 5.41
N ASN A 14 2.39 -10.59 6.53
CA ASN A 14 3.74 -10.04 6.64
C ASN A 14 4.68 -10.63 5.56
N MET A 15 5.58 -9.80 5.02
CA MET A 15 6.44 -10.12 3.87
C MET A 15 7.93 -9.96 4.22
N SER A 16 8.78 -10.65 3.45
CA SER A 16 10.25 -10.53 3.52
C SER A 16 10.86 -10.68 2.12
N ILE A 17 11.74 -9.74 1.75
CA ILE A 17 12.30 -9.55 0.40
C ILE A 17 13.81 -9.32 0.50
N ASP A 18 14.60 -10.01 -0.33
CA ASP A 18 16.06 -9.83 -0.44
C ASP A 18 16.43 -8.42 -0.95
N GLU A 19 17.36 -7.76 -0.25
CA GLU A 19 17.85 -6.42 -0.57
C GLU A 19 18.33 -6.30 -2.04
N GLY A 20 17.78 -5.30 -2.75
CA GLY A 20 18.09 -4.97 -4.15
C GLY A 20 17.07 -5.49 -5.17
N ARG A 21 16.12 -6.35 -4.78
CA ARG A 21 15.04 -6.84 -5.66
C ARG A 21 13.98 -5.79 -5.97
N PHE A 22 13.22 -6.01 -7.05
CA PHE A 22 11.90 -5.43 -7.27
C PHE A 22 10.86 -6.09 -6.34
N CYS A 23 9.82 -5.36 -5.94
CA CYS A 23 8.62 -5.90 -5.28
C CYS A 23 7.38 -5.07 -5.63
N ARG A 24 6.18 -5.66 -5.51
CA ARG A 24 4.89 -4.97 -5.47
C ARG A 24 3.89 -5.67 -4.53
N MET A 25 2.93 -4.92 -4.00
CA MET A 25 1.98 -5.35 -2.97
C MET A 25 0.53 -5.11 -3.43
N ASP A 26 -0.22 -6.19 -3.65
CA ASP A 26 -1.65 -6.18 -3.98
C ASP A 26 -2.54 -5.73 -2.81
N PHE A 27 -3.40 -4.74 -3.04
CA PHE A 27 -4.40 -4.24 -2.08
C PHE A 27 -5.74 -3.98 -2.77
N LYS A 28 -6.65 -4.98 -2.73
CA LYS A 28 -8.03 -4.84 -3.24
C LYS A 28 -8.81 -3.86 -2.37
N VAL A 29 -9.33 -2.80 -2.98
CA VAL A 29 -10.01 -1.65 -2.37
C VAL A 29 -11.27 -1.29 -3.16
N SER A 30 -12.44 -1.45 -2.51
CA SER A 30 -13.77 -1.30 -3.12
C SER A 30 -14.63 -0.31 -2.34
N GLY A 31 -14.84 0.88 -2.91
CA GLY A 31 -15.79 1.91 -2.49
C GLY A 31 -16.16 2.83 -3.65
N LEU A 32 -17.20 3.66 -3.49
CA LEU A 32 -17.70 4.57 -4.53
C LEU A 32 -18.15 5.91 -3.89
N PRO A 33 -17.65 7.07 -4.35
CA PRO A 33 -16.64 7.27 -5.40
C PRO A 33 -15.26 6.73 -4.99
N ALA A 34 -14.34 6.62 -5.95
CA ALA A 34 -12.98 6.11 -5.76
C ALA A 34 -12.24 6.92 -4.66
N PRO A 35 -11.73 6.27 -3.59
CA PRO A 35 -11.15 6.98 -2.45
C PRO A 35 -9.81 7.66 -2.79
N ASP A 36 -9.54 8.78 -2.11
CA ASP A 36 -8.21 9.36 -1.97
C ASP A 36 -7.36 8.49 -1.04
N VAL A 37 -6.08 8.28 -1.36
CA VAL A 37 -5.18 7.35 -0.66
C VAL A 37 -3.86 7.99 -0.21
N SER A 38 -3.39 7.60 0.98
CA SER A 38 -2.19 8.14 1.65
C SER A 38 -1.41 7.02 2.35
N TRP A 39 -0.18 6.75 1.89
CA TRP A 39 0.73 5.77 2.51
C TRP A 39 1.53 6.34 3.69
N TYR A 40 1.87 5.45 4.61
CA TYR A 40 2.62 5.67 5.86
C TYR A 40 3.59 4.50 6.12
N LEU A 41 4.58 4.72 6.98
CA LEU A 41 5.58 3.76 7.45
C LEU A 41 5.99 4.09 8.91
N ASN A 42 5.76 3.15 9.83
CA ASN A 42 6.08 3.24 11.27
C ASN A 42 5.47 4.47 12.00
N GLY A 43 4.48 5.14 11.38
CA GLY A 43 3.80 6.34 11.88
C GLY A 43 4.17 7.65 11.16
N ARG A 44 5.23 7.66 10.33
CA ARG A 44 5.58 8.76 9.40
C ARG A 44 4.86 8.59 8.06
N THR A 45 4.70 9.67 7.29
CA THR A 45 4.16 9.64 5.91
C THR A 45 5.15 9.01 4.92
N VAL A 46 4.62 8.52 3.79
CA VAL A 46 5.39 8.04 2.62
C VAL A 46 4.77 8.61 1.35
N GLN A 47 5.36 9.66 0.80
CA GLN A 47 5.01 10.20 -0.53
C GLN A 47 5.47 9.24 -1.64
N SER A 48 4.84 9.30 -2.82
CA SER A 48 5.30 8.59 -4.02
C SER A 48 6.60 9.20 -4.57
N ASP A 49 7.42 8.37 -5.25
CA ASP A 49 8.61 8.81 -6.00
C ASP A 49 8.94 7.83 -7.15
N ASP A 50 10.03 8.07 -7.88
CA ASP A 50 10.47 7.29 -9.05
C ASP A 50 10.76 5.80 -8.75
N LEU A 51 11.06 5.45 -7.49
CA LEU A 51 11.30 4.09 -7.02
C LEU A 51 10.10 3.51 -6.22
N HIS A 52 9.30 4.38 -5.60
CA HIS A 52 8.11 4.06 -4.81
C HIS A 52 6.82 4.52 -5.53
N LYS A 53 6.45 3.77 -6.58
CA LYS A 53 5.26 4.04 -7.40
C LYS A 53 3.97 3.58 -6.69
N MET A 54 2.88 4.31 -6.92
CA MET A 54 1.60 4.19 -6.21
C MET A 54 0.42 4.47 -7.17
N ILE A 55 -0.26 3.43 -7.65
CA ILE A 55 -1.43 3.53 -8.55
C ILE A 55 -2.57 2.60 -8.13
N VAL A 56 -3.78 2.87 -8.66
CA VAL A 56 -5.00 2.06 -8.51
C VAL A 56 -5.49 1.62 -9.89
N SER A 57 -5.43 0.32 -10.18
CA SER A 57 -5.99 -0.27 -11.41
C SER A 57 -7.53 -0.24 -11.40
N GLU A 58 -8.13 -0.19 -12.58
CA GLU A 58 -9.58 -0.04 -12.80
C GLU A 58 -10.47 -1.12 -12.15
N LYS A 59 -9.90 -2.28 -11.82
CA LYS A 59 -10.56 -3.42 -11.16
C LYS A 59 -10.81 -3.22 -9.66
N GLY A 60 -10.34 -2.11 -9.08
CA GLY A 60 -10.39 -1.81 -7.64
C GLY A 60 -9.20 -2.41 -6.88
N LEU A 61 -7.99 -2.18 -7.38
CA LEU A 61 -6.74 -2.79 -6.91
C LEU A 61 -5.62 -1.74 -6.83
N HIS A 62 -5.28 -1.27 -5.63
CA HIS A 62 -4.06 -0.51 -5.40
C HIS A 62 -2.82 -1.42 -5.54
N SER A 63 -1.71 -0.85 -6.03
CA SER A 63 -0.41 -1.54 -6.15
C SER A 63 0.73 -0.63 -5.69
N LEU A 64 1.18 -0.86 -4.45
CA LEU A 64 2.36 -0.21 -3.85
C LEU A 64 3.62 -0.94 -4.31
N ILE A 65 4.54 -0.23 -4.98
CA ILE A 65 5.69 -0.79 -5.70
C ILE A 65 7.02 -0.36 -5.07
N PHE A 66 8.05 -1.20 -5.21
CA PHE A 66 9.46 -0.97 -4.90
C PHE A 66 10.32 -1.36 -6.11
N GLU A 67 10.90 -0.39 -6.82
CA GLU A 67 11.82 -0.66 -7.94
C GLU A 67 13.11 -1.37 -7.48
N VAL A 68 13.68 -0.93 -6.35
CA VAL A 68 14.93 -1.46 -5.75
C VAL A 68 14.90 -1.28 -4.23
N VAL A 69 14.39 -2.27 -3.50
CA VAL A 69 14.23 -2.20 -2.03
C VAL A 69 15.58 -2.22 -1.29
N ARG A 70 15.71 -1.42 -0.23
CA ARG A 70 16.89 -1.35 0.67
C ARG A 70 16.53 -1.67 2.12
N ALA A 71 17.54 -2.02 2.93
CA ALA A 71 17.34 -2.42 4.33
C ALA A 71 16.65 -1.33 5.18
N SER A 72 16.84 -0.05 4.86
CA SER A 72 16.17 1.11 5.46
C SER A 72 14.67 1.21 5.15
N ASP A 73 14.15 0.49 4.15
CA ASP A 73 12.72 0.45 3.81
C ASP A 73 11.90 -0.52 4.67
N ALA A 74 12.53 -1.31 5.55
CA ALA A 74 11.84 -2.24 6.44
C ALA A 74 10.91 -1.53 7.46
N GLY A 75 9.84 -2.21 7.90
CA GLY A 75 8.89 -1.73 8.91
C GLY A 75 7.42 -2.02 8.60
N ALA A 76 6.53 -1.47 9.42
CA ALA A 76 5.08 -1.55 9.30
C ALA A 76 4.53 -0.41 8.41
N TYR A 77 4.23 -0.71 7.14
CA TYR A 77 3.51 0.18 6.24
C TYR A 77 1.99 0.19 6.52
N ALA A 78 1.33 1.31 6.21
CA ALA A 78 -0.13 1.42 6.20
C ALA A 78 -0.63 2.37 5.10
N CYS A 79 -1.89 2.22 4.69
CA CYS A 79 -2.55 3.01 3.66
C CYS A 79 -3.96 3.43 4.11
N VAL A 80 -4.11 4.71 4.48
CA VAL A 80 -5.43 5.34 4.70
C VAL A 80 -6.12 5.54 3.34
N ALA A 81 -7.41 5.20 3.25
CA ALA A 81 -8.26 5.33 2.08
C ALA A 81 -9.61 5.96 2.46
N LYS A 82 -9.96 7.12 1.88
CA LYS A 82 -11.12 7.94 2.28
C LYS A 82 -11.94 8.43 1.09
N ASN A 83 -13.27 8.36 1.19
CA ASN A 83 -14.23 9.01 0.29
C ASN A 83 -15.34 9.74 1.07
N ARG A 84 -16.30 10.36 0.37
CA ARG A 84 -17.43 11.12 0.96
C ARG A 84 -18.37 10.30 1.87
N ALA A 85 -18.29 8.96 1.83
CA ALA A 85 -19.15 8.04 2.57
C ALA A 85 -18.43 7.34 3.76
N GLY A 86 -17.10 7.29 3.79
CA GLY A 86 -16.34 6.70 4.90
C GLY A 86 -14.84 6.51 4.67
N GLU A 87 -14.21 5.79 5.59
CA GLU A 87 -12.75 5.61 5.76
C GLU A 87 -12.39 4.13 5.99
N ALA A 88 -11.25 3.70 5.47
CA ALA A 88 -10.56 2.44 5.77
C ALA A 88 -9.04 2.66 5.89
N THR A 89 -8.34 1.73 6.56
CA THR A 89 -6.87 1.78 6.76
C THR A 89 -6.27 0.38 6.61
N PHE A 90 -5.67 0.09 5.46
CA PHE A 90 -4.94 -1.16 5.18
C PHE A 90 -3.54 -1.15 5.82
N THR A 91 -2.95 -2.32 6.09
CA THR A 91 -1.66 -2.47 6.82
C THR A 91 -0.85 -3.69 6.31
N VAL A 92 0.49 -3.60 6.31
CA VAL A 92 1.43 -4.72 6.06
C VAL A 92 2.79 -4.48 6.72
N GLN A 93 3.46 -5.54 7.20
CA GLN A 93 4.86 -5.50 7.68
C GLN A 93 5.82 -6.04 6.60
N LEU A 94 6.94 -5.36 6.38
CA LEU A 94 8.00 -5.72 5.45
C LEU A 94 9.35 -5.87 6.18
N ASP A 95 9.88 -7.09 6.25
CA ASP A 95 11.19 -7.43 6.81
C ASP A 95 12.23 -7.63 5.69
N VAL A 96 12.85 -6.53 5.22
CA VAL A 96 13.87 -6.54 4.15
C VAL A 96 15.11 -7.32 4.61
N LEU A 97 15.39 -8.44 3.96
CA LEU A 97 16.53 -9.33 4.21
C LEU A 97 17.82 -8.71 3.63
N ALA A 98 18.62 -8.09 4.49
CA ALA A 98 19.85 -7.37 4.10
C ALA A 98 20.90 -8.27 3.42
N LYS A 99 21.67 -7.68 2.49
CA LYS A 99 22.79 -8.30 1.75
C LYS A 99 23.91 -7.27 1.52
N GLU A 100 24.77 -7.11 2.52
CA GLU A 100 25.97 -6.24 2.50
C GLU A 100 27.04 -6.66 1.46
N GLY A 1 -26.40 6.80 -9.82
CA GLY A 1 -27.10 5.91 -8.86
C GLY A 1 -26.58 6.07 -7.44
N ALA A 2 -26.81 5.07 -6.59
CA ALA A 2 -26.33 5.02 -5.21
C ALA A 2 -24.78 4.94 -5.12
N MET A 3 -24.22 5.27 -3.94
CA MET A 3 -22.78 5.29 -3.64
C MET A 3 -22.50 4.92 -2.17
N GLY A 4 -21.23 4.78 -1.75
CA GLY A 4 -20.88 4.35 -0.39
C GLY A 4 -19.38 4.30 -0.04
N PRO A 5 -19.05 4.05 1.24
CA PRO A 5 -17.68 4.12 1.75
C PRO A 5 -16.77 2.98 1.22
N PRO A 6 -15.44 3.14 1.30
CA PRO A 6 -14.50 2.05 1.06
C PRO A 6 -14.60 0.96 2.16
N ARG A 7 -14.16 -0.26 1.84
CA ARG A 7 -14.28 -1.45 2.71
C ARG A 7 -12.96 -2.24 2.78
N PHE A 8 -12.75 -2.93 3.90
CA PHE A 8 -11.55 -3.71 4.25
C PHE A 8 -11.54 -5.09 3.55
N ILE A 9 -11.43 -5.11 2.22
CA ILE A 9 -11.57 -6.34 1.40
C ILE A 9 -10.48 -7.38 1.71
N GLN A 10 -9.20 -7.06 1.47
CA GLN A 10 -8.07 -7.98 1.69
C GLN A 10 -6.75 -7.24 1.98
N VAL A 11 -5.88 -7.87 2.77
CA VAL A 11 -4.46 -7.49 2.99
C VAL A 11 -3.56 -8.74 2.90
N PRO A 12 -2.28 -8.61 2.50
CA PRO A 12 -1.28 -9.68 2.64
C PRO A 12 -0.81 -9.84 4.09
N GLU A 13 -0.25 -11.00 4.42
CA GLU A 13 0.48 -11.23 5.68
C GLU A 13 1.90 -10.61 5.64
N ASN A 14 2.63 -10.62 6.77
CA ASN A 14 4.00 -10.10 6.90
C ASN A 14 4.97 -10.63 5.81
N MET A 15 5.37 -9.76 4.88
CA MET A 15 6.24 -10.07 3.74
C MET A 15 7.73 -10.07 4.13
N SER A 16 8.55 -10.80 3.37
CA SER A 16 10.01 -10.77 3.44
C SER A 16 10.63 -10.83 2.04
N ILE A 17 11.59 -9.94 1.75
CA ILE A 17 12.16 -9.70 0.42
C ILE A 17 13.68 -9.55 0.52
N ASP A 18 14.44 -10.29 -0.30
CA ASP A 18 15.90 -10.17 -0.43
C ASP A 18 16.32 -8.78 -0.95
N GLU A 19 17.23 -8.12 -0.25
CA GLU A 19 17.76 -6.79 -0.58
C GLU A 19 18.29 -6.69 -2.03
N GLY A 20 17.93 -5.60 -2.71
CA GLY A 20 18.34 -5.27 -4.09
C GLY A 20 17.33 -5.70 -5.18
N ARG A 21 16.32 -6.51 -4.84
CA ARG A 21 15.25 -6.94 -5.78
C ARG A 21 14.20 -5.86 -6.02
N PHE A 22 13.44 -6.05 -7.11
CA PHE A 22 12.12 -5.45 -7.32
C PHE A 22 11.07 -6.11 -6.39
N CYS A 23 10.02 -5.37 -6.03
CA CYS A 23 8.81 -5.91 -5.39
C CYS A 23 7.56 -5.11 -5.77
N ARG A 24 6.38 -5.74 -5.67
CA ARG A 24 5.06 -5.08 -5.62
C ARG A 24 4.18 -5.70 -4.54
N MET A 25 3.43 -4.85 -3.83
CA MET A 25 2.34 -5.22 -2.93
C MET A 25 0.99 -5.00 -3.63
N ASP A 26 -0.04 -5.72 -3.19
CA ASP A 26 -1.36 -5.79 -3.85
C ASP A 26 -2.49 -5.78 -2.80
N PHE A 27 -3.35 -4.75 -2.87
CA PHE A 27 -4.38 -4.43 -1.87
C PHE A 27 -5.75 -4.19 -2.52
N LYS A 28 -6.68 -5.16 -2.35
CA LYS A 28 -8.08 -5.04 -2.77
C LYS A 28 -8.79 -3.95 -1.96
N VAL A 29 -9.44 -3.00 -2.64
CA VAL A 29 -10.18 -1.87 -2.06
C VAL A 29 -11.38 -1.50 -2.92
N SER A 30 -12.59 -1.47 -2.32
CA SER A 30 -13.87 -1.27 -3.01
C SER A 30 -14.74 -0.23 -2.29
N GLY A 31 -15.01 0.89 -2.95
CA GLY A 31 -15.94 1.96 -2.56
C GLY A 31 -16.31 2.85 -3.75
N LEU A 32 -17.30 3.73 -3.59
CA LEU A 32 -17.80 4.62 -4.66
C LEU A 32 -18.20 6.00 -4.08
N PRO A 33 -17.68 7.14 -4.59
CA PRO A 33 -16.67 7.25 -5.66
C PRO A 33 -15.31 6.68 -5.24
N ALA A 34 -14.41 6.51 -6.22
CA ALA A 34 -13.06 5.96 -6.02
C ALA A 34 -12.28 6.78 -4.97
N PRO A 35 -11.79 6.17 -3.88
CA PRO A 35 -11.17 6.89 -2.78
C PRO A 35 -9.82 7.52 -3.15
N ASP A 36 -9.51 8.65 -2.54
CA ASP A 36 -8.14 9.19 -2.45
C ASP A 36 -7.31 8.34 -1.47
N VAL A 37 -6.01 8.18 -1.74
CA VAL A 37 -5.11 7.26 -1.00
C VAL A 37 -3.81 7.94 -0.57
N SER A 38 -3.37 7.63 0.65
CA SER A 38 -2.12 8.11 1.27
C SER A 38 -1.39 6.96 1.99
N TRP A 39 -0.06 6.93 1.92
CA TRP A 39 0.78 5.88 2.50
C TRP A 39 1.63 6.37 3.68
N TYR A 40 2.04 5.41 4.51
CA TYR A 40 2.75 5.58 5.77
C TYR A 40 3.75 4.43 6.02
N LEU A 41 4.74 4.66 6.89
CA LEU A 41 5.75 3.71 7.35
C LEU A 41 6.14 4.02 8.80
N ASN A 42 5.92 3.07 9.71
CA ASN A 42 6.24 3.14 11.16
C ASN A 42 5.62 4.35 11.91
N GLY A 43 4.64 5.05 11.31
CA GLY A 43 3.95 6.23 11.84
C GLY A 43 4.28 7.57 11.12
N ARG A 44 5.31 7.60 10.26
CA ARG A 44 5.62 8.72 9.35
C ARG A 44 4.91 8.53 8.00
N THR A 45 4.75 9.60 7.22
CA THR A 45 4.19 9.57 5.86
C THR A 45 5.17 8.97 4.83
N VAL A 46 4.62 8.50 3.70
CA VAL A 46 5.33 8.01 2.51
C VAL A 46 4.63 8.56 1.26
N GLN A 47 5.24 9.56 0.60
CA GLN A 47 4.81 10.05 -0.71
C GLN A 47 5.30 9.12 -1.84
N SER A 48 4.69 9.21 -3.03
CA SER A 48 5.17 8.53 -4.23
C SER A 48 6.47 9.15 -4.77
N ASP A 49 7.33 8.34 -5.39
CA ASP A 49 8.50 8.76 -6.17
C ASP A 49 8.87 7.73 -7.26
N ASP A 50 9.91 7.98 -8.04
CA ASP A 50 10.34 7.12 -9.16
C ASP A 50 10.68 5.66 -8.77
N LEU A 51 11.09 5.41 -7.52
CA LEU A 51 11.35 4.07 -6.97
C LEU A 51 10.14 3.48 -6.24
N HIS A 52 9.12 4.29 -5.93
CA HIS A 52 7.96 3.97 -5.11
C HIS A 52 6.65 4.41 -5.79
N LYS A 53 6.31 3.73 -6.88
CA LYS A 53 5.11 3.99 -7.71
C LYS A 53 3.83 3.52 -6.99
N MET A 54 2.74 4.25 -7.23
CA MET A 54 1.44 4.11 -6.56
C MET A 54 0.29 4.26 -7.58
N ILE A 55 -0.42 3.17 -7.88
CA ILE A 55 -1.52 3.11 -8.85
C ILE A 55 -2.71 2.28 -8.35
N VAL A 56 -3.88 2.44 -8.97
CA VAL A 56 -5.12 1.70 -8.67
C VAL A 56 -5.71 1.13 -9.97
N SER A 57 -5.54 -0.17 -10.17
CA SER A 57 -6.07 -0.92 -11.32
C SER A 57 -7.58 -1.14 -11.26
N GLU A 58 -8.17 -1.55 -12.39
CA GLU A 58 -9.60 -1.91 -12.52
C GLU A 58 -10.00 -3.06 -11.56
N LYS A 59 -11.30 -3.17 -11.27
CA LYS A 59 -11.93 -4.07 -10.27
C LYS A 59 -11.55 -3.77 -8.81
N GLY A 60 -10.87 -2.66 -8.54
CA GLY A 60 -10.55 -2.15 -7.20
C GLY A 60 -9.32 -2.81 -6.58
N LEU A 61 -8.15 -2.63 -7.20
CA LEU A 61 -6.87 -3.20 -6.78
C LEU A 61 -5.77 -2.12 -6.74
N HIS A 62 -5.47 -1.60 -5.55
CA HIS A 62 -4.36 -0.69 -5.30
C HIS A 62 -3.02 -1.45 -5.28
N SER A 63 -2.01 -0.92 -5.98
CA SER A 63 -0.65 -1.48 -6.06
C SER A 63 0.40 -0.47 -5.56
N LEU A 64 1.40 -0.98 -4.84
CA LEU A 64 2.50 -0.23 -4.22
C LEU A 64 3.82 -0.94 -4.55
N ILE A 65 4.70 -0.25 -5.29
CA ILE A 65 5.91 -0.84 -5.92
C ILE A 65 7.19 -0.42 -5.16
N PHE A 66 8.23 -1.25 -5.27
CA PHE A 66 9.61 -1.00 -4.88
C PHE A 66 10.54 -1.38 -6.05
N GLU A 67 11.13 -0.40 -6.74
CA GLU A 67 12.06 -0.68 -7.86
C GLU A 67 13.35 -1.40 -7.40
N VAL A 68 13.93 -0.98 -6.28
CA VAL A 68 15.15 -1.54 -5.67
C VAL A 68 15.12 -1.35 -4.15
N VAL A 69 14.61 -2.35 -3.41
CA VAL A 69 14.47 -2.27 -1.95
C VAL A 69 15.82 -2.45 -1.23
N ARG A 70 16.03 -1.71 -0.13
CA ARG A 70 17.22 -1.77 0.75
C ARG A 70 16.83 -1.94 2.22
N ALA A 71 17.77 -2.34 3.08
CA ALA A 71 17.54 -2.66 4.49
C ALA A 71 16.87 -1.52 5.31
N SER A 72 17.14 -0.26 4.95
CA SER A 72 16.51 0.94 5.57
C SER A 72 15.01 1.09 5.26
N ASP A 73 14.49 0.38 4.25
CA ASP A 73 13.07 0.39 3.86
C ASP A 73 12.20 -0.57 4.70
N ALA A 74 12.79 -1.40 5.57
CA ALA A 74 12.04 -2.34 6.41
C ALA A 74 11.11 -1.64 7.43
N GLY A 75 10.01 -2.30 7.80
CA GLY A 75 9.05 -1.82 8.81
C GLY A 75 7.59 -2.09 8.49
N ALA A 76 6.69 -1.55 9.32
CA ALA A 76 5.24 -1.60 9.18
C ALA A 76 4.74 -0.49 8.22
N TYR A 77 4.48 -0.85 6.96
CA TYR A 77 3.78 0.00 5.99
C TYR A 77 2.27 0.02 6.25
N ALA A 78 1.63 1.15 5.98
CA ALA A 78 0.17 1.26 5.96
C ALA A 78 -0.32 2.23 4.87
N CYS A 79 -1.60 2.10 4.51
CA CYS A 79 -2.33 2.93 3.56
C CYS A 79 -3.70 3.31 4.16
N VAL A 80 -4.15 4.54 3.91
CA VAL A 80 -5.46 5.06 4.31
C VAL A 80 -6.20 5.53 3.06
N ALA A 81 -7.40 5.00 2.84
CA ALA A 81 -8.27 5.24 1.69
C ALA A 81 -9.56 5.96 2.11
N LYS A 82 -9.87 7.12 1.52
CA LYS A 82 -10.98 8.01 1.92
C LYS A 82 -11.81 8.49 0.73
N ASN A 83 -13.14 8.46 0.86
CA ASN A 83 -14.08 9.14 -0.04
C ASN A 83 -15.12 9.96 0.74
N ARG A 84 -16.07 10.60 0.02
CA ARG A 84 -17.13 11.45 0.60
C ARG A 84 -18.10 10.74 1.58
N ALA A 85 -18.07 9.41 1.65
CA ALA A 85 -18.94 8.59 2.50
C ALA A 85 -18.22 7.87 3.66
N GLY A 86 -16.89 7.76 3.64
CA GLY A 86 -16.13 7.13 4.74
C GLY A 86 -14.65 6.82 4.43
N GLU A 87 -14.04 6.04 5.34
CA GLU A 87 -12.60 5.73 5.42
C GLU A 87 -12.34 4.23 5.64
N ALA A 88 -11.26 3.70 5.06
CA ALA A 88 -10.70 2.37 5.33
C ALA A 88 -9.16 2.43 5.46
N THR A 89 -8.56 1.41 6.07
CA THR A 89 -7.11 1.32 6.35
C THR A 89 -6.58 -0.08 6.03
N PHE A 90 -5.37 -0.17 5.48
CA PHE A 90 -4.71 -1.40 5.05
C PHE A 90 -3.24 -1.41 5.50
N THR A 91 -2.72 -2.53 6.00
CA THR A 91 -1.42 -2.60 6.71
C THR A 91 -0.64 -3.88 6.38
N VAL A 92 0.69 -3.79 6.28
CA VAL A 92 1.62 -4.94 6.15
C VAL A 92 3.01 -4.63 6.72
N GLN A 93 3.65 -5.62 7.36
CA GLN A 93 5.06 -5.55 7.76
C GLN A 93 5.96 -6.11 6.65
N LEU A 94 7.08 -5.43 6.36
CA LEU A 94 8.09 -5.81 5.36
C LEU A 94 9.46 -6.03 6.02
N ASP A 95 9.84 -7.29 6.19
CA ASP A 95 11.19 -7.71 6.62
C ASP A 95 12.15 -7.77 5.42
N VAL A 96 12.81 -6.66 5.09
CA VAL A 96 13.86 -6.61 4.05
C VAL A 96 15.09 -7.40 4.53
N LEU A 97 15.33 -8.57 3.93
CA LEU A 97 16.44 -9.47 4.23
C LEU A 97 17.75 -8.89 3.65
N ALA A 98 18.53 -8.22 4.49
CA ALA A 98 19.75 -7.51 4.10
C ALA A 98 20.84 -8.43 3.50
N LYS A 99 21.70 -7.86 2.64
CA LYS A 99 22.85 -8.49 1.99
C LYS A 99 24.19 -7.98 2.54
N GLU A 100 24.27 -6.67 2.83
CA GLU A 100 25.41 -6.03 3.52
C GLU A 100 25.61 -6.53 4.98
N GLY A 1 -27.26 7.32 -9.17
CA GLY A 1 -26.91 5.98 -8.65
C GLY A 1 -26.41 6.04 -7.21
N ALA A 2 -26.46 4.92 -6.49
CA ALA A 2 -25.95 4.77 -5.12
C ALA A 2 -24.41 4.89 -5.03
N MET A 3 -23.90 5.05 -3.81
CA MET A 3 -22.46 5.14 -3.47
C MET A 3 -22.15 4.56 -2.08
N GLY A 4 -20.89 4.51 -1.64
CA GLY A 4 -20.53 3.98 -0.31
C GLY A 4 -19.05 4.09 0.11
N PRO A 5 -18.75 3.85 1.39
CA PRO A 5 -17.41 4.04 1.97
C PRO A 5 -16.37 3.03 1.43
N PRO A 6 -15.06 3.30 1.60
CA PRO A 6 -14.00 2.34 1.27
C PRO A 6 -14.10 1.10 2.18
N ARG A 7 -13.89 -0.09 1.63
CA ARG A 7 -14.10 -1.38 2.32
C ARG A 7 -13.02 -2.43 2.02
N PHE A 8 -12.65 -3.19 3.06
CA PHE A 8 -11.79 -4.37 3.04
C PHE A 8 -12.35 -5.47 2.13
N ILE A 9 -11.60 -5.86 1.09
CA ILE A 9 -11.83 -7.08 0.31
C ILE A 9 -10.66 -8.05 0.49
N GLN A 10 -9.43 -7.60 0.26
CA GLN A 10 -8.19 -8.37 0.47
C GLN A 10 -7.02 -7.45 0.83
N VAL A 11 -6.24 -7.87 1.84
CA VAL A 11 -4.93 -7.29 2.21
C VAL A 11 -3.86 -8.40 2.11
N PRO A 12 -2.58 -8.06 1.86
CA PRO A 12 -1.52 -9.06 1.70
C PRO A 12 -1.08 -9.65 3.05
N GLU A 13 -0.38 -10.79 3.01
CA GLU A 13 0.42 -11.29 4.15
C GLU A 13 1.70 -10.44 4.33
N ASN A 14 2.43 -10.65 5.44
CA ASN A 14 3.78 -10.08 5.61
C ASN A 14 4.75 -10.61 4.53
N MET A 15 5.83 -9.85 4.29
CA MET A 15 6.79 -10.05 3.19
C MET A 15 8.23 -10.12 3.70
N SER A 16 9.09 -10.84 2.97
CA SER A 16 10.52 -11.00 3.27
C SER A 16 11.36 -11.04 1.97
N ILE A 17 11.71 -9.87 1.46
CA ILE A 17 12.33 -9.67 0.14
C ILE A 17 13.84 -9.42 0.28
N ASP A 18 14.65 -10.05 -0.57
CA ASP A 18 16.11 -9.85 -0.65
C ASP A 18 16.48 -8.44 -1.13
N GLU A 19 17.36 -7.75 -0.39
CA GLU A 19 17.86 -6.41 -0.69
C GLU A 19 18.45 -6.31 -2.11
N GLY A 20 17.98 -5.31 -2.87
CA GLY A 20 18.38 -5.01 -4.25
C GLY A 20 17.34 -5.42 -5.31
N ARG A 21 16.33 -6.22 -4.96
CA ARG A 21 15.26 -6.66 -5.86
C ARG A 21 14.18 -5.59 -6.11
N PHE A 22 13.41 -5.78 -7.18
CA PHE A 22 12.06 -5.24 -7.35
C PHE A 22 11.06 -6.03 -6.50
N CYS A 23 10.05 -5.37 -5.93
CA CYS A 23 8.80 -6.01 -5.45
C CYS A 23 7.60 -5.05 -5.51
N ARG A 24 6.38 -5.57 -5.25
CA ARG A 24 5.13 -4.81 -5.11
C ARG A 24 4.17 -5.45 -4.10
N MET A 25 3.13 -4.71 -3.75
CA MET A 25 2.02 -5.11 -2.85
C MET A 25 0.67 -5.10 -3.57
N ASP A 26 -0.35 -5.71 -2.98
CA ASP A 26 -1.67 -5.95 -3.57
C ASP A 26 -2.83 -5.80 -2.56
N PHE A 27 -3.61 -4.72 -2.68
CA PHE A 27 -4.68 -4.32 -1.76
C PHE A 27 -6.01 -4.11 -2.53
N LYS A 28 -6.93 -5.08 -2.47
CA LYS A 28 -8.29 -4.95 -3.01
C LYS A 28 -9.14 -4.09 -2.06
N VAL A 29 -9.50 -2.89 -2.50
CA VAL A 29 -10.31 -1.90 -1.75
C VAL A 29 -11.55 -1.51 -2.56
N SER A 30 -12.71 -2.08 -2.18
CA SER A 30 -14.02 -1.68 -2.71
C SER A 30 -14.48 -0.33 -2.14
N GLY A 31 -15.59 0.20 -2.66
CA GLY A 31 -16.17 1.51 -2.33
C GLY A 31 -16.36 2.40 -3.57
N LEU A 32 -17.18 3.44 -3.45
CA LEU A 32 -17.54 4.35 -4.55
C LEU A 32 -17.90 5.76 -4.01
N PRO A 33 -17.35 6.86 -4.54
CA PRO A 33 -16.33 6.94 -5.59
C PRO A 33 -14.96 6.40 -5.14
N ALA A 34 -14.05 6.22 -6.10
CA ALA A 34 -12.68 5.75 -5.88
C ALA A 34 -11.95 6.66 -4.86
N PRO A 35 -11.44 6.12 -3.73
CA PRO A 35 -10.92 6.93 -2.63
C PRO A 35 -9.59 7.62 -2.97
N ASP A 36 -9.36 8.78 -2.35
CA ASP A 36 -8.02 9.35 -2.14
C ASP A 36 -7.24 8.48 -1.13
N VAL A 37 -5.91 8.42 -1.22
CA VAL A 37 -5.09 7.53 -0.38
C VAL A 37 -3.80 8.20 0.13
N SER A 38 -3.42 7.85 1.36
CA SER A 38 -2.18 8.24 2.04
C SER A 38 -1.44 6.99 2.56
N TRP A 39 -0.11 7.05 2.68
CA TRP A 39 0.72 5.94 3.17
C TRP A 39 1.63 6.34 4.33
N TYR A 40 2.05 5.35 5.12
CA TYR A 40 2.83 5.48 6.35
C TYR A 40 3.78 4.28 6.54
N LEU A 41 4.80 4.47 7.38
CA LEU A 41 5.81 3.48 7.79
C LEU A 41 6.28 3.77 9.22
N ASN A 42 6.18 2.78 10.12
CA ASN A 42 6.67 2.78 11.50
C ASN A 42 6.22 3.98 12.39
N GLY A 43 5.20 4.75 11.97
CA GLY A 43 4.66 5.91 12.69
C GLY A 43 4.88 7.28 12.00
N ARG A 44 5.52 7.33 10.82
CA ARG A 44 5.68 8.53 9.97
C ARG A 44 5.10 8.33 8.56
N THR A 45 4.93 9.41 7.80
CA THR A 45 4.36 9.40 6.44
C THR A 45 5.29 8.77 5.38
N VAL A 46 4.68 8.34 4.26
CA VAL A 46 5.30 7.88 3.01
C VAL A 46 4.54 8.49 1.83
N GLN A 47 5.24 8.86 0.77
CA GLN A 47 4.67 9.48 -0.45
C GLN A 47 5.14 8.76 -1.72
N SER A 48 4.46 9.00 -2.84
CA SER A 48 4.82 8.43 -4.15
C SER A 48 6.16 8.99 -4.67
N ASP A 49 6.88 8.17 -5.43
CA ASP A 49 8.16 8.51 -6.07
C ASP A 49 8.38 7.67 -7.35
N ASP A 50 9.35 8.02 -8.19
CA ASP A 50 9.78 7.20 -9.33
C ASP A 50 10.22 5.78 -8.92
N LEU A 51 10.84 5.63 -7.75
CA LEU A 51 11.21 4.33 -7.16
C LEU A 51 10.08 3.66 -6.37
N HIS A 52 9.02 4.40 -6.02
CA HIS A 52 7.92 3.97 -5.14
C HIS A 52 6.56 4.40 -5.69
N LYS A 53 6.14 3.75 -6.78
CA LYS A 53 4.90 4.05 -7.52
C LYS A 53 3.65 3.63 -6.71
N MET A 54 2.57 4.39 -6.89
CA MET A 54 1.27 4.24 -6.21
C MET A 54 0.14 4.34 -7.24
N ILE A 55 -0.51 3.21 -7.57
CA ILE A 55 -1.57 3.12 -8.60
C ILE A 55 -2.76 2.30 -8.12
N VAL A 56 -3.92 2.46 -8.80
CA VAL A 56 -5.17 1.74 -8.54
C VAL A 56 -5.78 1.28 -9.87
N SER A 57 -5.97 -0.03 -10.05
CA SER A 57 -6.63 -0.63 -11.22
C SER A 57 -8.10 -0.23 -11.32
N GLU A 58 -8.69 -0.37 -12.51
CA GLU A 58 -10.13 -0.17 -12.80
C GLU A 58 -11.03 -0.99 -11.84
N LYS A 59 -10.58 -2.18 -11.46
CA LYS A 59 -11.29 -3.15 -10.60
C LYS A 59 -11.17 -2.87 -9.08
N GLY A 60 -10.44 -1.83 -8.68
CA GLY A 60 -10.25 -1.43 -7.27
C GLY A 60 -9.03 -2.06 -6.56
N LEU A 61 -8.17 -2.76 -7.31
CA LEU A 61 -6.87 -3.26 -6.82
C LEU A 61 -5.84 -2.12 -6.76
N HIS A 62 -5.58 -1.61 -5.55
CA HIS A 62 -4.46 -0.72 -5.26
C HIS A 62 -3.14 -1.50 -5.14
N SER A 63 -2.02 -0.91 -5.60
CA SER A 63 -0.66 -1.42 -5.44
C SER A 63 0.34 -0.34 -5.02
N LEU A 64 1.42 -0.80 -4.38
CA LEU A 64 2.55 -0.03 -3.84
C LEU A 64 3.85 -0.74 -4.25
N ILE A 65 4.68 -0.08 -5.07
CA ILE A 65 5.87 -0.65 -5.71
C ILE A 65 7.15 -0.29 -4.93
N PHE A 66 8.19 -1.12 -5.07
CA PHE A 66 9.59 -0.86 -4.73
C PHE A 66 10.48 -1.24 -5.92
N GLU A 67 10.99 -0.26 -6.67
CA GLU A 67 11.89 -0.52 -7.81
C GLU A 67 13.22 -1.17 -7.40
N VAL A 68 13.78 -0.78 -6.23
CA VAL A 68 15.01 -1.31 -5.65
C VAL A 68 14.96 -1.22 -4.12
N VAL A 69 14.48 -2.28 -3.46
CA VAL A 69 14.30 -2.31 -1.98
C VAL A 69 15.64 -2.38 -1.25
N ARG A 70 15.78 -1.63 -0.13
CA ARG A 70 16.95 -1.58 0.77
C ARG A 70 16.54 -1.87 2.22
N ALA A 71 17.48 -2.24 3.07
CA ALA A 71 17.25 -2.59 4.48
C ALA A 71 16.58 -1.45 5.30
N SER A 72 16.81 -0.20 4.93
CA SER A 72 16.15 0.99 5.49
C SER A 72 14.65 1.10 5.17
N ASP A 73 14.14 0.37 4.18
CA ASP A 73 12.70 0.28 3.84
C ASP A 73 11.93 -0.72 4.72
N ALA A 74 12.61 -1.50 5.57
CA ALA A 74 11.95 -2.49 6.43
C ALA A 74 11.03 -1.89 7.49
N GLY A 75 10.00 -2.65 7.90
CA GLY A 75 9.08 -2.29 8.99
C GLY A 75 7.59 -2.50 8.67
N ALA A 76 6.74 -2.00 9.57
CA ALA A 76 5.28 -2.01 9.46
C ALA A 76 4.77 -0.80 8.65
N TYR A 77 4.35 -1.03 7.41
CA TYR A 77 3.63 -0.05 6.58
C TYR A 77 2.14 0.00 6.93
N ALA A 78 1.52 1.16 6.67
CA ALA A 78 0.07 1.33 6.68
C ALA A 78 -0.41 2.23 5.53
N CYS A 79 -1.70 2.09 5.19
CA CYS A 79 -2.38 2.72 4.07
C CYS A 79 -3.77 3.20 4.52
N VAL A 80 -4.11 4.47 4.30
CA VAL A 80 -5.35 5.12 4.73
C VAL A 80 -6.09 5.68 3.53
N ALA A 81 -7.25 5.10 3.22
CA ALA A 81 -8.10 5.44 2.07
C ALA A 81 -9.37 6.19 2.51
N LYS A 82 -9.74 7.27 1.81
CA LYS A 82 -10.82 8.20 2.17
C LYS A 82 -11.68 8.57 0.95
N ASN A 83 -13.01 8.54 1.08
CA ASN A 83 -13.94 9.15 0.12
C ASN A 83 -15.07 9.95 0.82
N ARG A 84 -15.98 10.54 0.04
CA ARG A 84 -17.13 11.35 0.53
C ARG A 84 -18.14 10.62 1.42
N ALA A 85 -18.04 9.28 1.54
CA ALA A 85 -18.92 8.43 2.35
C ALA A 85 -18.22 7.77 3.56
N GLY A 86 -16.88 7.79 3.66
CA GLY A 86 -16.14 7.26 4.82
C GLY A 86 -14.63 7.05 4.62
N GLU A 87 -14.00 6.39 5.58
CA GLU A 87 -12.55 6.14 5.68
C GLU A 87 -12.27 4.67 6.10
N ALA A 88 -11.15 4.11 5.61
CA ALA A 88 -10.63 2.80 5.99
C ALA A 88 -9.09 2.79 6.09
N THR A 89 -8.53 1.83 6.83
CA THR A 89 -7.09 1.71 7.12
C THR A 89 -6.63 0.26 6.99
N PHE A 90 -5.53 0.03 6.26
CA PHE A 90 -4.94 -1.27 5.97
C PHE A 90 -3.46 -1.31 6.40
N THR A 91 -2.91 -2.50 6.66
CA THR A 91 -1.58 -2.69 7.28
C THR A 91 -0.83 -3.88 6.67
N VAL A 92 0.50 -3.80 6.57
CA VAL A 92 1.40 -4.90 6.15
C VAL A 92 2.80 -4.72 6.78
N GLN A 93 3.60 -5.79 6.87
CA GLN A 93 4.98 -5.77 7.37
C GLN A 93 5.95 -6.31 6.30
N LEU A 94 7.09 -5.64 6.15
CA LEU A 94 8.15 -5.95 5.18
C LEU A 94 9.50 -6.12 5.91
N ASP A 95 9.96 -7.37 6.04
CA ASP A 95 11.24 -7.74 6.63
C ASP A 95 12.32 -7.90 5.54
N VAL A 96 12.89 -6.77 5.08
CA VAL A 96 13.92 -6.74 4.02
C VAL A 96 15.18 -7.50 4.46
N LEU A 97 15.49 -8.60 3.76
CA LEU A 97 16.66 -9.45 3.99
C LEU A 97 17.91 -8.77 3.43
N ALA A 98 18.68 -8.10 4.29
CA ALA A 98 19.83 -7.26 3.91
C ALA A 98 20.96 -8.04 3.20
N LYS A 99 21.68 -7.36 2.32
CA LYS A 99 22.88 -7.80 1.58
C LYS A 99 24.17 -7.35 2.29
N GLU A 100 24.19 -6.10 2.78
CA GLU A 100 25.28 -5.52 3.60
C GLU A 100 25.49 -6.23 4.94
N GLY A 1 -26.85 8.74 -9.47
CA GLY A 1 -26.77 7.35 -8.96
C GLY A 1 -26.31 7.31 -7.51
N ALA A 2 -26.64 6.23 -6.80
CA ALA A 2 -26.21 5.99 -5.42
C ALA A 2 -24.68 5.82 -5.28
N MET A 3 -24.15 6.05 -4.07
CA MET A 3 -22.72 5.97 -3.71
C MET A 3 -22.54 5.56 -2.23
N GLY A 4 -21.31 5.34 -1.75
CA GLY A 4 -21.07 4.87 -0.37
C GLY A 4 -19.60 4.74 0.08
N PRO A 5 -19.39 4.46 1.39
CA PRO A 5 -18.06 4.45 2.00
C PRO A 5 -17.18 3.28 1.50
N PRO A 6 -15.84 3.37 1.67
CA PRO A 6 -14.92 2.29 1.36
C PRO A 6 -15.03 1.12 2.36
N ARG A 7 -14.42 -0.03 2.02
CA ARG A 7 -14.55 -1.31 2.74
C ARG A 7 -13.19 -2.01 2.94
N PHE A 8 -13.13 -2.88 3.95
CA PHE A 8 -11.97 -3.67 4.37
C PHE A 8 -12.01 -5.09 3.77
N ILE A 9 -11.73 -5.23 2.48
CA ILE A 9 -11.86 -6.52 1.75
C ILE A 9 -10.72 -7.51 2.08
N GLN A 10 -9.50 -7.24 1.60
CA GLN A 10 -8.36 -8.16 1.74
C GLN A 10 -7.01 -7.41 1.75
N VAL A 11 -6.07 -7.89 2.56
CA VAL A 11 -4.66 -7.46 2.63
C VAL A 11 -3.72 -8.63 2.31
N PRO A 12 -2.50 -8.38 1.78
CA PRO A 12 -1.49 -9.42 1.59
C PRO A 12 -0.85 -9.83 2.93
N GLU A 13 -0.22 -11.00 2.97
CA GLU A 13 0.64 -11.43 4.09
C GLU A 13 1.97 -10.65 4.12
N ASN A 14 2.70 -10.72 5.23
CA ASN A 14 4.04 -10.14 5.36
C ASN A 14 5.05 -10.77 4.38
N MET A 15 6.13 -10.06 4.07
CA MET A 15 7.18 -10.49 3.12
C MET A 15 8.60 -10.37 3.69
N SER A 16 9.55 -11.07 3.07
CA SER A 16 10.99 -11.10 3.40
C SER A 16 11.84 -11.09 2.12
N ILE A 17 12.30 -9.90 1.71
CA ILE A 17 12.86 -9.64 0.38
C ILE A 17 14.37 -9.32 0.46
N ASP A 18 15.17 -9.95 -0.39
CA ASP A 18 16.61 -9.68 -0.57
C ASP A 18 16.88 -8.21 -1.00
N GLU A 19 17.75 -7.52 -0.27
CA GLU A 19 18.11 -6.12 -0.52
C GLU A 19 18.61 -5.89 -1.96
N GLY A 20 18.00 -4.93 -2.67
CA GLY A 20 18.31 -4.55 -4.05
C GLY A 20 17.34 -5.10 -5.11
N ARG A 21 16.45 -6.04 -4.76
CA ARG A 21 15.43 -6.58 -5.68
C ARG A 21 14.28 -5.60 -5.95
N PHE A 22 13.56 -5.87 -7.04
CA PHE A 22 12.19 -5.42 -7.29
C PHE A 22 11.20 -6.26 -6.46
N CYS A 23 10.16 -5.64 -5.89
CA CYS A 23 8.99 -6.35 -5.35
C CYS A 23 7.71 -5.50 -5.40
N ARG A 24 6.54 -6.14 -5.20
CA ARG A 24 5.22 -5.48 -5.12
C ARG A 24 4.29 -6.09 -4.07
N MET A 25 3.19 -5.39 -3.79
CA MET A 25 2.09 -5.78 -2.89
C MET A 25 0.72 -5.56 -3.58
N ASP A 26 -0.32 -6.22 -3.09
CA ASP A 26 -1.65 -6.33 -3.72
C ASP A 26 -2.79 -6.25 -2.69
N PHE A 27 -3.46 -5.10 -2.60
CA PHE A 27 -4.53 -4.78 -1.64
C PHE A 27 -5.89 -4.61 -2.35
N LYS A 28 -6.92 -5.39 -1.99
CA LYS A 28 -8.29 -5.22 -2.51
C LYS A 28 -9.00 -4.06 -1.79
N VAL A 29 -9.54 -3.13 -2.57
CA VAL A 29 -10.25 -1.91 -2.09
C VAL A 29 -11.49 -1.63 -2.93
N SER A 30 -12.55 -1.12 -2.30
CA SER A 30 -13.84 -0.74 -2.92
C SER A 30 -14.41 0.52 -2.27
N GLY A 31 -15.61 0.93 -2.69
CA GLY A 31 -16.30 2.19 -2.34
C GLY A 31 -16.55 3.05 -3.57
N LEU A 32 -17.44 4.05 -3.43
CA LEU A 32 -17.82 4.98 -4.52
C LEU A 32 -18.14 6.37 -3.96
N PRO A 33 -17.56 7.48 -4.48
CA PRO A 33 -16.54 7.53 -5.52
C PRO A 33 -15.20 6.92 -5.08
N ALA A 34 -14.29 6.72 -6.04
CA ALA A 34 -12.96 6.17 -5.80
C ALA A 34 -12.18 7.00 -4.75
N PRO A 35 -11.70 6.37 -3.65
CA PRO A 35 -11.11 7.11 -2.54
C PRO A 35 -9.77 7.76 -2.90
N ASP A 36 -9.46 8.88 -2.23
CA ASP A 36 -8.10 9.41 -2.08
C ASP A 36 -7.30 8.49 -1.13
N VAL A 37 -6.02 8.26 -1.44
CA VAL A 37 -5.18 7.26 -0.76
C VAL A 37 -3.85 7.85 -0.29
N SER A 38 -3.44 7.47 0.93
CA SER A 38 -2.18 7.86 1.59
C SER A 38 -1.48 6.64 2.19
N TRP A 39 -0.15 6.69 2.31
CA TRP A 39 0.69 5.59 2.78
C TRP A 39 1.64 6.01 3.92
N TYR A 40 2.00 5.03 4.75
CA TYR A 40 2.73 5.20 6.00
C TYR A 40 3.68 4.02 6.27
N LEU A 41 4.69 4.24 7.11
CA LEU A 41 5.70 3.28 7.56
C LEU A 41 6.15 3.62 8.98
N ASN A 42 6.02 2.67 9.92
CA ASN A 42 6.50 2.73 11.31
C ASN A 42 6.04 3.96 12.16
N GLY A 43 5.07 4.75 11.67
CA GLY A 43 4.55 5.97 12.33
C GLY A 43 4.78 7.29 11.57
N ARG A 44 5.44 7.27 10.41
CA ARG A 44 5.62 8.42 9.49
C ARG A 44 5.00 8.16 8.11
N THR A 45 4.86 9.20 7.30
CA THR A 45 4.31 9.12 5.92
C THR A 45 5.30 8.48 4.92
N VAL A 46 4.76 8.03 3.79
CA VAL A 46 5.49 7.50 2.62
C VAL A 46 4.89 8.13 1.35
N GLN A 47 5.47 9.25 0.90
CA GLN A 47 5.14 9.86 -0.39
C GLN A 47 5.64 8.99 -1.55
N SER A 48 4.91 8.96 -2.66
CA SER A 48 5.33 8.25 -3.89
C SER A 48 6.44 9.00 -4.64
N ASP A 49 7.24 8.25 -5.41
CA ASP A 49 8.32 8.75 -6.29
C ASP A 49 8.64 7.74 -7.42
N ASP A 50 9.70 7.99 -8.21
CA ASP A 50 10.12 7.16 -9.34
C ASP A 50 10.52 5.71 -8.98
N LEU A 51 10.80 5.42 -7.70
CA LEU A 51 11.19 4.10 -7.17
C LEU A 51 10.13 3.49 -6.22
N HIS A 52 9.23 4.32 -5.69
CA HIS A 52 8.15 3.96 -4.75
C HIS A 52 6.78 4.34 -5.35
N LYS A 53 6.14 3.39 -6.03
CA LYS A 53 4.94 3.61 -6.86
C LYS A 53 3.70 3.06 -6.16
N MET A 54 2.71 3.92 -5.91
CA MET A 54 1.44 3.59 -5.25
C MET A 54 0.26 4.09 -6.08
N ILE A 55 -0.38 3.19 -6.83
CA ILE A 55 -1.46 3.46 -7.78
C ILE A 55 -2.62 2.47 -7.63
N VAL A 56 -3.80 2.82 -8.16
CA VAL A 56 -5.04 2.04 -8.09
C VAL A 56 -5.47 1.51 -9.48
N SER A 57 -6.42 0.57 -9.49
CA SER A 57 -6.96 -0.08 -10.69
C SER A 57 -8.50 -0.14 -10.67
N GLU A 58 -9.10 -0.09 -11.85
CA GLU A 58 -10.55 -0.23 -12.08
C GLU A 58 -11.15 -1.57 -11.57
N LYS A 59 -10.30 -2.60 -11.38
CA LYS A 59 -10.68 -3.93 -10.88
C LYS A 59 -10.95 -3.99 -9.37
N GLY A 60 -10.79 -2.88 -8.65
CA GLY A 60 -10.94 -2.80 -7.18
C GLY A 60 -9.68 -3.22 -6.43
N LEU A 61 -8.53 -2.72 -6.86
CA LEU A 61 -7.20 -3.07 -6.35
C LEU A 61 -6.31 -1.83 -6.19
N HIS A 62 -5.38 -1.87 -5.23
CA HIS A 62 -4.35 -0.87 -4.96
C HIS A 62 -2.97 -1.56 -4.84
N SER A 63 -2.01 -1.12 -5.65
CA SER A 63 -0.63 -1.63 -5.65
C SER A 63 0.30 -0.77 -4.78
N LEU A 64 1.39 -1.39 -4.30
CA LEU A 64 2.60 -0.75 -3.78
C LEU A 64 3.81 -1.46 -4.42
N ILE A 65 4.61 -0.76 -5.20
CA ILE A 65 5.79 -1.31 -5.91
C ILE A 65 7.08 -0.62 -5.42
N PHE A 66 8.09 -1.44 -5.14
CA PHE A 66 9.47 -1.05 -4.83
C PHE A 66 10.38 -1.45 -6.00
N GLU A 67 10.88 -0.48 -6.77
CA GLU A 67 11.81 -0.73 -7.89
C GLU A 67 13.15 -1.33 -7.44
N VAL A 68 13.66 -0.87 -6.28
CA VAL A 68 14.93 -1.29 -5.67
C VAL A 68 14.85 -1.13 -4.14
N VAL A 69 14.40 -2.19 -3.45
CA VAL A 69 14.23 -2.18 -1.99
C VAL A 69 15.58 -2.06 -1.26
N ARG A 70 15.65 -1.24 -0.20
CA ARG A 70 16.83 -1.03 0.65
C ARG A 70 16.56 -1.37 2.12
N ALA A 71 17.61 -1.61 2.91
CA ALA A 71 17.49 -2.03 4.32
C ALA A 71 16.66 -1.06 5.18
N SER A 72 16.73 0.25 4.89
CA SER A 72 15.94 1.31 5.54
C SER A 72 14.43 1.23 5.28
N ASP A 73 13.99 0.48 4.27
CA ASP A 73 12.57 0.31 3.91
C ASP A 73 11.85 -0.75 4.78
N ALA A 74 12.57 -1.50 5.62
CA ALA A 74 11.97 -2.51 6.49
C ALA A 74 11.01 -1.93 7.54
N GLY A 75 9.97 -2.69 7.89
CA GLY A 75 9.00 -2.33 8.94
C GLY A 75 7.53 -2.57 8.60
N ALA A 76 6.65 -2.08 9.46
CA ALA A 76 5.20 -2.13 9.32
C ALA A 76 4.67 -0.98 8.43
N TYR A 77 4.25 -1.31 7.20
CA TYR A 77 3.56 -0.39 6.30
C TYR A 77 2.05 -0.32 6.60
N ALA A 78 1.44 0.81 6.30
CA ALA A 78 -0.01 0.98 6.30
C ALA A 78 -0.50 1.92 5.17
N CYS A 79 -1.78 1.81 4.84
CA CYS A 79 -2.50 2.64 3.88
C CYS A 79 -3.84 3.11 4.48
N VAL A 80 -4.27 4.32 4.14
CA VAL A 80 -5.56 4.90 4.51
C VAL A 80 -6.27 5.41 3.25
N ALA A 81 -7.53 5.00 3.07
CA ALA A 81 -8.37 5.27 1.90
C ALA A 81 -9.65 6.01 2.33
N LYS A 82 -9.90 7.21 1.80
CA LYS A 82 -10.98 8.13 2.21
C LYS A 82 -11.77 8.67 1.02
N ASN A 83 -13.10 8.68 1.13
CA ASN A 83 -14.01 9.36 0.20
C ASN A 83 -15.04 10.23 0.96
N ARG A 84 -15.95 10.89 0.22
CA ARG A 84 -17.01 11.77 0.76
C ARG A 84 -18.01 11.10 1.71
N ALA A 85 -18.01 9.77 1.82
CA ALA A 85 -18.92 8.99 2.66
C ALA A 85 -18.25 8.23 3.82
N GLY A 86 -16.93 8.00 3.79
CA GLY A 86 -16.21 7.29 4.87
C GLY A 86 -14.73 7.00 4.63
N GLU A 87 -14.16 6.18 5.51
CA GLU A 87 -12.74 5.85 5.63
C GLU A 87 -12.51 4.34 5.83
N ALA A 88 -11.45 3.79 5.24
CA ALA A 88 -10.91 2.44 5.46
C ALA A 88 -9.38 2.48 5.63
N THR A 89 -8.82 1.43 6.23
CA THR A 89 -7.38 1.30 6.57
C THR A 89 -6.87 -0.12 6.28
N PHE A 90 -5.62 -0.24 5.84
CA PHE A 90 -4.95 -1.50 5.51
C PHE A 90 -3.51 -1.53 6.07
N THR A 91 -2.97 -2.72 6.36
CA THR A 91 -1.67 -2.91 7.04
C THR A 91 -0.93 -4.16 6.52
N VAL A 92 0.41 -4.10 6.47
CA VAL A 92 1.32 -5.23 6.18
C VAL A 92 2.69 -5.00 6.84
N GLN A 93 3.59 -6.00 6.82
CA GLN A 93 4.98 -5.90 7.28
C GLN A 93 5.97 -6.40 6.21
N LEU A 94 7.12 -5.74 6.10
CA LEU A 94 8.20 -6.04 5.16
C LEU A 94 9.53 -6.18 5.91
N ASP A 95 10.05 -7.40 6.01
CA ASP A 95 11.47 -7.62 6.30
C ASP A 95 12.31 -7.42 5.03
N VAL A 96 13.50 -6.83 5.18
CA VAL A 96 14.49 -6.66 4.10
C VAL A 96 15.78 -7.36 4.50
N LEU A 97 16.04 -8.51 3.85
CA LEU A 97 17.20 -9.36 4.07
C LEU A 97 18.47 -8.65 3.55
N ALA A 98 19.20 -8.00 4.46
CA ALA A 98 20.27 -7.06 4.16
C ALA A 98 21.47 -7.68 3.40
N LYS A 99 22.19 -6.83 2.65
CA LYS A 99 23.32 -7.15 1.77
C LYS A 99 24.54 -6.25 1.99
N GLU A 100 24.34 -5.02 2.50
CA GLU A 100 25.40 -4.12 2.99
C GLU A 100 26.22 -4.71 4.16
N GLY A 1 -25.99 5.47 -10.28
CA GLY A 1 -26.74 4.74 -9.23
C GLY A 1 -26.30 5.15 -7.83
N ALA A 2 -26.46 4.25 -6.86
CA ALA A 2 -26.00 4.43 -5.47
C ALA A 2 -24.46 4.44 -5.35
N MET A 3 -23.94 4.85 -4.20
CA MET A 3 -22.51 4.94 -3.85
C MET A 3 -22.22 4.50 -2.40
N GLY A 4 -20.97 4.53 -1.94
CA GLY A 4 -20.63 4.13 -0.56
C GLY A 4 -19.13 4.17 -0.17
N PRO A 5 -18.82 4.00 1.13
CA PRO A 5 -17.47 4.13 1.67
C PRO A 5 -16.53 2.99 1.21
N PRO A 6 -15.19 3.17 1.30
CA PRO A 6 -14.23 2.09 1.12
C PRO A 6 -14.36 1.04 2.23
N ARG A 7 -14.13 -0.24 1.90
CA ARG A 7 -14.28 -1.40 2.79
C ARG A 7 -13.12 -2.40 2.65
N PHE A 8 -12.78 -3.06 3.75
CA PHE A 8 -11.83 -4.17 3.85
C PHE A 8 -12.29 -5.38 3.01
N ILE A 9 -11.58 -5.69 1.91
CA ILE A 9 -11.79 -6.89 1.09
C ILE A 9 -10.68 -7.91 1.33
N GLN A 10 -9.43 -7.57 0.99
CA GLN A 10 -8.25 -8.42 1.22
C GLN A 10 -6.97 -7.57 1.35
N VAL A 11 -6.50 -7.36 2.59
CA VAL A 11 -5.11 -6.92 2.86
C VAL A 11 -4.13 -8.08 2.60
N PRO A 12 -2.87 -7.83 2.19
CA PRO A 12 -1.86 -8.87 1.99
C PRO A 12 -1.31 -9.41 3.31
N GLU A 13 -0.70 -10.60 3.27
CA GLU A 13 0.11 -11.15 4.38
C GLU A 13 1.46 -10.43 4.51
N ASN A 14 2.17 -10.64 5.62
CA ASN A 14 3.53 -10.11 5.82
C ASN A 14 4.55 -10.66 4.80
N MET A 15 5.64 -9.93 4.60
CA MET A 15 6.60 -10.12 3.50
C MET A 15 8.06 -10.13 3.99
N SER A 16 8.94 -10.81 3.25
CA SER A 16 10.39 -10.93 3.51
C SER A 16 11.18 -11.02 2.19
N ILE A 17 11.78 -9.90 1.78
CA ILE A 17 12.36 -9.70 0.43
C ILE A 17 13.88 -9.47 0.52
N ASP A 18 14.67 -10.06 -0.39
CA ASP A 18 16.12 -9.84 -0.46
C ASP A 18 16.48 -8.40 -0.88
N GLU A 19 17.41 -7.77 -0.16
CA GLU A 19 17.88 -6.41 -0.40
C GLU A 19 18.40 -6.22 -1.84
N GLY A 20 17.79 -5.30 -2.59
CA GLY A 20 18.13 -4.93 -3.97
C GLY A 20 17.12 -5.40 -5.03
N ARG A 21 16.15 -6.26 -4.68
CA ARG A 21 15.11 -6.76 -5.61
C ARG A 21 14.03 -5.72 -5.94
N PHE A 22 13.30 -5.98 -7.03
CA PHE A 22 11.97 -5.42 -7.28
C PHE A 22 10.92 -6.09 -6.39
N CYS A 23 9.88 -5.36 -5.97
CA CYS A 23 8.67 -5.92 -5.35
C CYS A 23 7.43 -5.03 -5.55
N ARG A 24 6.24 -5.52 -5.14
CA ARG A 24 4.99 -4.73 -4.98
C ARG A 24 4.11 -5.28 -3.85
N MET A 25 3.10 -4.50 -3.45
CA MET A 25 2.03 -4.86 -2.50
C MET A 25 0.66 -4.80 -3.17
N ASP A 26 -0.32 -5.52 -2.60
CA ASP A 26 -1.62 -5.82 -3.22
C ASP A 26 -2.76 -5.75 -2.19
N PHE A 27 -3.44 -4.58 -2.11
CA PHE A 27 -4.50 -4.28 -1.13
C PHE A 27 -5.87 -4.12 -1.82
N LYS A 28 -6.73 -5.15 -1.78
CA LYS A 28 -8.10 -5.08 -2.32
C LYS A 28 -9.01 -4.22 -1.42
N VAL A 29 -9.70 -3.27 -2.03
CA VAL A 29 -10.65 -2.32 -1.40
C VAL A 29 -11.79 -1.98 -2.36
N SER A 30 -13.02 -1.91 -1.86
CA SER A 30 -14.23 -1.59 -2.63
C SER A 30 -15.00 -0.43 -2.02
N GLY A 31 -15.29 0.60 -2.82
CA GLY A 31 -16.10 1.78 -2.50
C GLY A 31 -16.34 2.64 -3.74
N LEU A 32 -17.25 3.63 -3.65
CA LEU A 32 -17.61 4.53 -4.75
C LEU A 32 -17.96 5.94 -4.21
N PRO A 33 -17.41 7.04 -4.77
CA PRO A 33 -16.42 7.09 -5.85
C PRO A 33 -15.06 6.53 -5.42
N ALA A 34 -14.16 6.34 -6.39
CA ALA A 34 -12.81 5.80 -6.18
C ALA A 34 -12.03 6.62 -5.12
N PRO A 35 -11.58 6.01 -4.01
CA PRO A 35 -10.98 6.75 -2.90
C PRO A 35 -9.58 7.30 -3.23
N ASP A 36 -9.14 8.28 -2.43
CA ASP A 36 -7.76 8.76 -2.37
C ASP A 36 -6.79 7.66 -1.88
N VAL A 37 -5.48 7.85 -2.12
CA VAL A 37 -4.42 6.89 -1.74
C VAL A 37 -3.18 7.62 -1.19
N SER A 38 -2.88 7.39 0.10
CA SER A 38 -1.65 7.82 0.78
C SER A 38 -1.10 6.70 1.67
N TRP A 39 0.19 6.77 2.01
CA TRP A 39 0.94 5.69 2.68
C TRP A 39 1.80 6.17 3.86
N TYR A 40 2.17 5.23 4.73
CA TYR A 40 2.94 5.42 5.95
C TYR A 40 3.90 4.24 6.20
N LEU A 41 4.90 4.45 7.05
CA LEU A 41 5.91 3.47 7.51
C LEU A 41 6.30 3.77 8.97
N ASN A 42 6.07 2.81 9.87
CA ASN A 42 6.36 2.88 11.32
C ASN A 42 5.77 4.10 12.06
N GLY A 43 4.77 4.78 11.46
CA GLY A 43 4.11 6.00 11.96
C GLY A 43 4.50 7.30 11.26
N ARG A 44 5.57 7.30 10.44
CA ARG A 44 5.95 8.41 9.54
C ARG A 44 5.21 8.32 8.20
N THR A 45 5.06 9.43 7.49
CA THR A 45 4.49 9.49 6.13
C THR A 45 5.43 8.90 5.09
N VAL A 46 4.87 8.40 3.97
CA VAL A 46 5.57 7.92 2.77
C VAL A 46 4.91 8.53 1.53
N GLN A 47 5.59 9.48 0.89
CA GLN A 47 5.19 10.04 -0.40
C GLN A 47 5.58 9.10 -1.56
N SER A 48 5.00 9.31 -2.75
CA SER A 48 5.36 8.59 -3.98
C SER A 48 6.72 9.04 -4.55
N ASP A 49 7.35 8.17 -5.34
CA ASP A 49 8.56 8.43 -6.14
C ASP A 49 8.52 7.61 -7.45
N ASP A 50 9.44 7.87 -8.38
CA ASP A 50 9.68 6.99 -9.53
C ASP A 50 10.09 5.56 -9.11
N LEU A 51 10.80 5.44 -7.97
CA LEU A 51 11.16 4.16 -7.34
C LEU A 51 10.03 3.53 -6.48
N HIS A 52 9.02 4.34 -6.11
CA HIS A 52 7.93 3.97 -5.20
C HIS A 52 6.58 4.47 -5.74
N LYS A 53 6.12 3.84 -6.84
CA LYS A 53 4.88 4.18 -7.55
C LYS A 53 3.64 3.85 -6.69
N MET A 54 2.63 4.70 -6.78
CA MET A 54 1.38 4.65 -6.00
C MET A 54 0.17 4.85 -6.92
N ILE A 55 -0.52 3.75 -7.26
CA ILE A 55 -1.65 3.72 -8.20
C ILE A 55 -2.79 2.82 -7.67
N VAL A 56 -3.94 2.85 -8.37
CA VAL A 56 -5.12 2.01 -8.07
C VAL A 56 -5.64 1.35 -9.35
N SER A 57 -5.95 0.05 -9.29
CA SER A 57 -6.60 -0.68 -10.40
C SER A 57 -8.10 -0.39 -10.48
N GLU A 58 -8.67 -0.46 -11.69
CA GLU A 58 -10.12 -0.46 -11.93
C GLU A 58 -10.86 -1.64 -11.26
N LYS A 59 -10.14 -2.73 -10.93
CA LYS A 59 -10.63 -3.89 -10.17
C LYS A 59 -10.77 -3.64 -8.65
N GLY A 60 -10.35 -2.48 -8.16
CA GLY A 60 -10.38 -2.11 -6.73
C GLY A 60 -9.18 -2.66 -5.95
N LEU A 61 -7.96 -2.31 -6.41
CA LEU A 61 -6.68 -2.77 -5.86
C LEU A 61 -5.72 -1.58 -5.68
N HIS A 62 -5.51 -1.14 -4.44
CA HIS A 62 -4.41 -0.23 -4.09
C HIS A 62 -3.05 -0.93 -4.29
N SER A 63 -2.15 -0.26 -5.02
CA SER A 63 -0.85 -0.79 -5.46
C SER A 63 0.31 0.12 -5.02
N LEU A 64 1.34 -0.47 -4.43
CA LEU A 64 2.56 0.17 -3.93
C LEU A 64 3.78 -0.63 -4.39
N ILE A 65 4.63 -0.02 -5.23
CA ILE A 65 5.79 -0.67 -5.87
C ILE A 65 7.08 -0.35 -5.09
N PHE A 66 8.08 -1.23 -5.21
CA PHE A 66 9.48 -1.03 -4.85
C PHE A 66 10.36 -1.40 -6.06
N GLU A 67 10.89 -0.40 -6.79
CA GLU A 67 11.79 -0.68 -7.92
C GLU A 67 13.13 -1.30 -7.45
N VAL A 68 13.65 -0.87 -6.30
CA VAL A 68 14.88 -1.38 -5.65
C VAL A 68 14.77 -1.23 -4.13
N VAL A 69 14.25 -2.26 -3.44
CA VAL A 69 14.08 -2.24 -1.97
C VAL A 69 15.43 -2.30 -1.26
N ARG A 70 15.67 -1.42 -0.27
CA ARG A 70 16.89 -1.37 0.56
C ARG A 70 16.59 -1.78 2.00
N ALA A 71 17.63 -2.15 2.77
CA ALA A 71 17.49 -2.60 4.16
C ALA A 71 16.79 -1.58 5.07
N SER A 72 17.00 -0.28 4.83
CA SER A 72 16.36 0.84 5.52
C SER A 72 14.83 0.95 5.28
N ASP A 73 14.29 0.30 4.26
CA ASP A 73 12.86 0.32 3.93
C ASP A 73 12.03 -0.67 4.77
N ALA A 74 12.65 -1.54 5.57
CA ALA A 74 11.95 -2.51 6.41
C ALA A 74 11.06 -1.84 7.49
N GLY A 75 9.94 -2.50 7.85
CA GLY A 75 9.02 -2.06 8.90
C GLY A 75 7.54 -2.34 8.62
N ALA A 76 6.69 -1.81 9.50
CA ALA A 76 5.23 -1.84 9.40
C ALA A 76 4.72 -0.72 8.47
N TYR A 77 4.37 -1.07 7.23
CA TYR A 77 3.69 -0.18 6.28
C TYR A 77 2.20 -0.05 6.58
N ALA A 78 1.60 1.09 6.23
CA ALA A 78 0.16 1.28 6.21
C ALA A 78 -0.29 2.16 5.03
N CYS A 79 -1.59 2.08 4.70
CA CYS A 79 -2.26 2.83 3.65
C CYS A 79 -3.60 3.38 4.18
N VAL A 80 -4.05 4.53 3.66
CA VAL A 80 -5.36 5.13 3.95
C VAL A 80 -6.16 5.35 2.67
N ALA A 81 -7.47 5.13 2.74
CA ALA A 81 -8.44 5.23 1.66
C ALA A 81 -9.65 6.08 2.11
N LYS A 82 -9.92 7.18 1.41
CA LYS A 82 -10.98 8.16 1.75
C LYS A 82 -11.78 8.57 0.52
N ASN A 83 -13.11 8.57 0.62
CA ASN A 83 -14.03 9.19 -0.34
C ASN A 83 -15.12 10.03 0.38
N ARG A 84 -16.04 10.65 -0.39
CA ARG A 84 -17.13 11.49 0.15
C ARG A 84 -18.14 10.76 1.05
N ALA A 85 -18.11 9.42 1.11
CA ALA A 85 -19.00 8.58 1.92
C ALA A 85 -18.32 7.96 3.16
N GLY A 86 -16.99 7.95 3.26
CA GLY A 86 -16.26 7.44 4.44
C GLY A 86 -14.77 7.15 4.24
N GLU A 87 -14.19 6.45 5.22
CA GLU A 87 -12.75 6.20 5.39
C GLU A 87 -12.45 4.75 5.78
N ALA A 88 -11.31 4.22 5.32
CA ALA A 88 -10.69 2.96 5.75
C ALA A 88 -9.16 3.09 5.83
N THR A 89 -8.51 2.23 6.63
CA THR A 89 -7.06 2.19 6.86
C THR A 89 -6.57 0.74 6.91
N PHE A 90 -5.46 0.43 6.24
CA PHE A 90 -4.92 -0.91 6.05
C PHE A 90 -3.43 -1.00 6.45
N THR A 91 -2.93 -2.19 6.80
CA THR A 91 -1.58 -2.41 7.38
C THR A 91 -0.93 -3.70 6.86
N VAL A 92 0.40 -3.71 6.72
CA VAL A 92 1.25 -4.91 6.46
C VAL A 92 2.65 -4.73 7.09
N GLN A 93 3.43 -5.81 7.20
CA GLN A 93 4.83 -5.78 7.64
C GLN A 93 5.76 -6.33 6.55
N LEU A 94 6.84 -5.60 6.27
CA LEU A 94 7.88 -5.94 5.30
C LEU A 94 9.25 -6.03 6.00
N ASP A 95 9.78 -7.24 6.14
CA ASP A 95 11.20 -7.46 6.39
C ASP A 95 12.01 -7.32 5.09
N VAL A 96 13.25 -6.81 5.18
CA VAL A 96 14.19 -6.71 4.06
C VAL A 96 15.49 -7.41 4.44
N LEU A 97 15.70 -8.60 3.88
CA LEU A 97 16.82 -9.50 4.13
C LEU A 97 18.12 -8.92 3.54
N ALA A 98 18.94 -8.29 4.38
CA ALA A 98 20.20 -7.65 4.00
C ALA A 98 21.19 -8.63 3.32
N LYS A 99 21.71 -8.25 2.15
CA LYS A 99 22.66 -9.04 1.34
C LYS A 99 24.09 -9.07 1.94
N GLU A 100 24.41 -8.10 2.80
CA GLU A 100 25.70 -7.92 3.50
C GLU A 100 26.13 -9.14 4.34
N GLY A 1 -26.10 9.78 -9.29
CA GLY A 1 -26.23 8.35 -8.92
C GLY A 1 -25.82 8.10 -7.48
N ALA A 2 -26.26 6.98 -6.91
CA ALA A 2 -25.92 6.55 -5.55
C ALA A 2 -24.40 6.26 -5.37
N MET A 3 -23.92 6.35 -4.13
CA MET A 3 -22.51 6.20 -3.73
C MET A 3 -22.39 5.71 -2.26
N GLY A 4 -21.17 5.40 -1.77
CA GLY A 4 -20.99 4.83 -0.42
C GLY A 4 -19.54 4.66 0.07
N PRO A 5 -19.36 4.29 1.35
CA PRO A 5 -18.04 4.24 2.00
C PRO A 5 -17.13 3.13 1.43
N PRO A 6 -15.80 3.24 1.63
CA PRO A 6 -14.85 2.20 1.23
C PRO A 6 -14.98 0.93 2.08
N ARG A 7 -14.45 -0.20 1.60
CA ARG A 7 -14.64 -1.54 2.19
C ARG A 7 -13.33 -2.35 2.31
N PHE A 8 -13.37 -3.39 3.14
CA PHE A 8 -12.23 -4.21 3.57
C PHE A 8 -12.27 -5.59 2.89
N ILE A 9 -11.74 -5.67 1.66
CA ILE A 9 -11.83 -6.88 0.82
C ILE A 9 -10.74 -7.90 1.17
N GLN A 10 -9.45 -7.60 0.90
CA GLN A 10 -8.31 -8.47 1.21
C GLN A 10 -6.99 -7.68 1.36
N VAL A 11 -6.09 -8.16 2.21
CA VAL A 11 -4.71 -7.66 2.38
C VAL A 11 -3.68 -8.80 2.21
N PRO A 12 -2.45 -8.53 1.75
CA PRO A 12 -1.39 -9.53 1.67
C PRO A 12 -0.80 -9.84 3.07
N GLU A 13 -0.16 -11.01 3.19
CA GLU A 13 0.66 -11.36 4.37
C GLU A 13 2.02 -10.64 4.37
N ASN A 14 2.74 -10.67 5.50
CA ASN A 14 4.09 -10.13 5.63
C ASN A 14 5.10 -10.77 4.65
N MET A 15 6.15 -10.02 4.27
CA MET A 15 7.16 -10.45 3.29
C MET A 15 8.60 -10.25 3.78
N SER A 16 9.54 -10.96 3.16
CA SER A 16 10.99 -10.89 3.42
C SER A 16 11.77 -10.92 2.09
N ILE A 17 12.36 -9.78 1.72
CA ILE A 17 12.88 -9.49 0.37
C ILE A 17 14.36 -9.10 0.44
N ASP A 18 15.20 -9.69 -0.41
CA ASP A 18 16.63 -9.36 -0.53
C ASP A 18 16.86 -7.92 -1.02
N GLU A 19 17.77 -7.20 -0.36
CA GLU A 19 18.14 -5.81 -0.65
C GLU A 19 18.50 -5.58 -2.13
N GLY A 20 17.94 -4.53 -2.73
CA GLY A 20 18.18 -4.09 -4.11
C GLY A 20 17.23 -4.68 -5.17
N ARG A 21 16.39 -5.66 -4.81
CA ARG A 21 15.38 -6.26 -5.72
C ARG A 21 14.21 -5.31 -6.02
N PHE A 22 13.50 -5.61 -7.11
CA PHE A 22 12.13 -5.18 -7.36
C PHE A 22 11.15 -5.95 -6.44
N CYS A 23 10.07 -5.31 -6.00
CA CYS A 23 8.95 -5.96 -5.30
C CYS A 23 7.61 -5.22 -5.56
N ARG A 24 6.48 -5.88 -5.27
CA ARG A 24 5.14 -5.28 -5.23
C ARG A 24 4.25 -5.88 -4.14
N MET A 25 3.12 -5.22 -3.88
CA MET A 25 2.04 -5.65 -2.99
C MET A 25 0.67 -5.49 -3.68
N ASP A 26 -0.33 -6.22 -3.18
CA ASP A 26 -1.63 -6.44 -3.83
C ASP A 26 -2.79 -6.34 -2.81
N PHE A 27 -3.40 -5.16 -2.69
CA PHE A 27 -4.45 -4.83 -1.73
C PHE A 27 -5.81 -4.67 -2.43
N LYS A 28 -6.70 -5.67 -2.33
CA LYS A 28 -8.08 -5.57 -2.85
C LYS A 28 -8.89 -4.54 -2.05
N VAL A 29 -9.67 -3.72 -2.74
CA VAL A 29 -10.41 -2.57 -2.18
C VAL A 29 -11.74 -2.35 -2.93
N SER A 30 -12.72 -1.73 -2.27
CA SER A 30 -13.98 -1.26 -2.86
C SER A 30 -14.42 0.06 -2.24
N GLY A 31 -15.45 0.70 -2.82
CA GLY A 31 -16.00 2.02 -2.46
C GLY A 31 -16.33 2.87 -3.69
N LEU A 32 -17.19 3.89 -3.52
CA LEU A 32 -17.58 4.82 -4.59
C LEU A 32 -17.94 6.21 -3.99
N PRO A 33 -17.36 7.34 -4.47
CA PRO A 33 -16.33 7.44 -5.49
C PRO A 33 -14.99 6.82 -5.04
N ALA A 34 -14.06 6.68 -5.99
CA ALA A 34 -12.73 6.11 -5.77
C ALA A 34 -11.97 6.88 -4.65
N PRO A 35 -11.55 6.22 -3.56
CA PRO A 35 -10.94 6.89 -2.41
C PRO A 35 -9.55 7.45 -2.70
N ASP A 36 -9.12 8.41 -1.87
CA ASP A 36 -7.75 8.93 -1.81
C ASP A 36 -6.75 7.86 -1.31
N VAL A 37 -5.44 8.14 -1.40
CA VAL A 37 -4.35 7.22 -1.06
C VAL A 37 -3.28 7.90 -0.20
N SER A 38 -3.11 7.42 1.03
CA SER A 38 -2.13 7.90 2.02
C SER A 38 -1.41 6.71 2.67
N TRP A 39 -0.20 6.41 2.21
CA TRP A 39 0.66 5.37 2.80
C TRP A 39 1.50 5.89 3.98
N TYR A 40 1.88 4.96 4.86
CA TYR A 40 2.68 5.17 6.07
C TYR A 40 3.66 4.01 6.31
N LEU A 41 4.69 4.26 7.11
CA LEU A 41 5.72 3.31 7.55
C LEU A 41 6.17 3.65 8.97
N ASN A 42 5.96 2.72 9.91
CA ASN A 42 6.34 2.83 11.34
C ASN A 42 5.78 4.06 12.09
N GLY A 43 4.83 4.79 11.49
CA GLY A 43 4.19 6.01 12.03
C GLY A 43 4.49 7.31 11.26
N ARG A 44 5.48 7.30 10.35
CA ARG A 44 5.77 8.39 9.39
C ARG A 44 5.01 8.17 8.07
N THR A 45 4.85 9.21 7.24
CA THR A 45 4.25 9.06 5.90
C THR A 45 5.17 8.33 4.92
N VAL A 46 4.59 7.81 3.83
CA VAL A 46 5.28 7.31 2.63
C VAL A 46 4.59 7.96 1.42
N GLN A 47 5.32 8.81 0.71
CA GLN A 47 4.83 9.63 -0.40
C GLN A 47 5.37 9.07 -1.73
N SER A 48 4.53 9.03 -2.77
CA SER A 48 4.88 8.42 -4.07
C SER A 48 6.03 9.14 -4.78
N ASP A 49 6.86 8.37 -5.48
CA ASP A 49 7.94 8.84 -6.38
C ASP A 49 8.25 7.79 -7.47
N ASP A 50 9.24 8.08 -8.31
CA ASP A 50 9.66 7.23 -9.44
C ASP A 50 10.09 5.80 -9.06
N LEU A 51 10.44 5.55 -7.79
CA LEU A 51 10.84 4.24 -7.25
C LEU A 51 9.75 3.62 -6.34
N HIS A 52 8.73 4.38 -5.96
CA HIS A 52 7.66 4.03 -5.03
C HIS A 52 6.28 4.35 -5.65
N LYS A 53 5.89 3.56 -6.67
CA LYS A 53 4.69 3.78 -7.49
C LYS A 53 3.42 3.29 -6.78
N MET A 54 2.31 4.01 -6.98
CA MET A 54 1.03 3.85 -6.29
C MET A 54 -0.15 4.05 -7.27
N ILE A 55 -0.85 2.98 -7.65
CA ILE A 55 -2.00 3.01 -8.55
C ILE A 55 -3.13 2.07 -8.10
N VAL A 56 -4.34 2.24 -8.64
CA VAL A 56 -5.54 1.45 -8.32
C VAL A 56 -6.25 1.02 -9.60
N SER A 57 -6.32 -0.29 -9.85
CA SER A 57 -7.07 -0.88 -10.97
C SER A 57 -8.59 -0.65 -10.81
N GLU A 58 -9.28 -0.43 -11.93
CA GLU A 58 -10.75 -0.33 -12.00
C GLU A 58 -11.49 -1.60 -11.52
N LYS A 59 -10.79 -2.75 -11.45
CA LYS A 59 -11.27 -4.02 -10.90
C LYS A 59 -11.28 -4.09 -9.36
N GLY A 60 -10.80 -3.05 -8.68
CA GLY A 60 -10.77 -2.94 -7.21
C GLY A 60 -9.50 -3.53 -6.59
N LEU A 61 -8.33 -3.21 -7.15
CA LEU A 61 -7.02 -3.70 -6.71
C LEU A 61 -5.99 -2.56 -6.66
N HIS A 62 -5.65 -2.11 -5.46
CA HIS A 62 -4.57 -1.16 -5.20
C HIS A 62 -3.20 -1.85 -5.28
N SER A 63 -2.38 -1.42 -6.25
CA SER A 63 -0.97 -1.80 -6.40
C SER A 63 -0.04 -0.80 -5.72
N LEU A 64 0.97 -1.33 -5.03
CA LEU A 64 2.08 -0.61 -4.38
C LEU A 64 3.38 -1.30 -4.79
N ILE A 65 4.34 -0.55 -5.36
CA ILE A 65 5.56 -1.10 -5.98
C ILE A 65 6.83 -0.49 -5.35
N PHE A 66 7.90 -1.29 -5.29
CA PHE A 66 9.27 -0.94 -4.93
C PHE A 66 10.21 -1.28 -6.10
N GLU A 67 10.71 -0.28 -6.83
CA GLU A 67 11.67 -0.52 -7.93
C GLU A 67 13.03 -1.06 -7.44
N VAL A 68 13.50 -0.58 -6.29
CA VAL A 68 14.79 -0.94 -5.67
C VAL A 68 14.70 -0.82 -4.14
N VAL A 69 14.33 -1.91 -3.46
CA VAL A 69 14.15 -1.92 -1.99
C VAL A 69 15.48 -1.78 -1.22
N ARG A 70 15.46 -1.13 -0.05
CA ARG A 70 16.63 -0.91 0.83
C ARG A 70 16.32 -1.18 2.31
N ALA A 71 17.36 -1.48 3.10
CA ALA A 71 17.24 -1.82 4.52
C ALA A 71 16.59 -0.71 5.38
N SER A 72 16.83 0.56 5.04
CA SER A 72 16.23 1.74 5.69
C SER A 72 14.70 1.85 5.51
N ASP A 73 14.11 1.08 4.61
CA ASP A 73 12.68 1.06 4.27
C ASP A 73 11.95 -0.20 4.78
N ALA A 74 12.61 -1.05 5.58
CA ALA A 74 11.96 -2.14 6.31
C ALA A 74 10.98 -1.63 7.40
N GLY A 75 10.03 -2.48 7.80
CA GLY A 75 9.10 -2.22 8.91
C GLY A 75 7.63 -2.45 8.60
N ALA A 76 6.76 -1.99 9.50
CA ALA A 76 5.30 -2.05 9.42
C ALA A 76 4.74 -0.94 8.50
N TYR A 77 4.35 -1.29 7.27
CA TYR A 77 3.63 -0.43 6.34
C TYR A 77 2.12 -0.38 6.65
N ALA A 78 1.49 0.75 6.34
CA ALA A 78 0.03 0.90 6.33
C ALA A 78 -0.45 1.82 5.20
N CYS A 79 -1.74 1.76 4.88
CA CYS A 79 -2.42 2.60 3.89
C CYS A 79 -3.81 3.00 4.38
N VAL A 80 -4.11 4.30 4.35
CA VAL A 80 -5.42 4.88 4.65
C VAL A 80 -6.10 5.28 3.33
N ALA A 81 -7.38 4.90 3.19
CA ALA A 81 -8.23 5.13 2.03
C ALA A 81 -9.56 5.81 2.44
N LYS A 82 -9.81 7.02 1.95
CA LYS A 82 -10.93 7.89 2.35
C LYS A 82 -11.69 8.44 1.14
N ASN A 83 -13.02 8.49 1.23
CA ASN A 83 -13.90 9.22 0.30
C ASN A 83 -14.94 10.07 1.05
N ARG A 84 -15.84 10.75 0.31
CA ARG A 84 -16.91 11.60 0.86
C ARG A 84 -17.94 10.91 1.75
N ALA A 85 -17.94 9.58 1.84
CA ALA A 85 -18.88 8.76 2.60
C ALA A 85 -18.24 7.95 3.76
N GLY A 86 -16.91 7.74 3.78
CA GLY A 86 -16.23 7.00 4.85
C GLY A 86 -14.73 6.76 4.67
N GLU A 87 -14.18 5.92 5.54
CA GLU A 87 -12.75 5.61 5.72
C GLU A 87 -12.50 4.10 5.89
N ALA A 88 -11.42 3.60 5.30
CA ALA A 88 -10.85 2.26 5.53
C ALA A 88 -9.32 2.33 5.67
N THR A 89 -8.72 1.32 6.30
CA THR A 89 -7.27 1.25 6.60
C THR A 89 -6.75 -0.19 6.46
N PHE A 90 -5.53 -0.33 5.92
CA PHE A 90 -4.87 -1.62 5.65
C PHE A 90 -3.42 -1.62 6.15
N THR A 91 -2.86 -2.80 6.46
CA THR A 91 -1.56 -2.97 7.15
C THR A 91 -0.80 -4.21 6.65
N VAL A 92 0.54 -4.14 6.58
CA VAL A 92 1.46 -5.26 6.28
C VAL A 92 2.85 -5.00 6.90
N GLN A 93 3.78 -5.97 6.86
CA GLN A 93 5.18 -5.84 7.30
C GLN A 93 6.17 -6.33 6.24
N LEU A 94 7.30 -5.65 6.11
CA LEU A 94 8.37 -5.92 5.13
C LEU A 94 9.74 -6.01 5.80
N ASP A 95 10.27 -7.23 5.92
CA ASP A 95 11.60 -7.54 6.47
C ASP A 95 12.68 -7.56 5.37
N VAL A 96 13.25 -6.39 5.04
CA VAL A 96 14.28 -6.27 4.00
C VAL A 96 15.60 -6.89 4.45
N LEU A 97 15.97 -8.02 3.82
CA LEU A 97 17.18 -8.79 4.07
C LEU A 97 18.41 -8.09 3.47
N ALA A 98 19.18 -7.36 4.28
CA ALA A 98 20.39 -6.65 3.88
C ALA A 98 21.48 -7.61 3.33
N LYS A 99 22.24 -7.16 2.31
CA LYS A 99 23.32 -7.96 1.68
C LYS A 99 24.59 -8.07 2.54
N GLU A 100 24.82 -7.10 3.44
CA GLU A 100 26.00 -6.97 4.32
C GLU A 100 25.61 -6.75 5.80
N GLY A 1 -25.51 8.50 -10.22
CA GLY A 1 -26.09 7.44 -9.35
C GLY A 1 -25.64 7.57 -7.90
N ALA A 2 -26.17 6.72 -7.02
CA ALA A 2 -25.78 6.63 -5.61
C ALA A 2 -24.31 6.17 -5.41
N MET A 3 -23.77 6.40 -4.21
CA MET A 3 -22.36 6.13 -3.85
C MET A 3 -22.23 5.67 -2.37
N GLY A 4 -21.01 5.40 -1.87
CA GLY A 4 -20.81 4.90 -0.50
C GLY A 4 -19.35 4.77 -0.02
N PRO A 5 -19.15 4.50 1.28
CA PRO A 5 -17.83 4.51 1.91
C PRO A 5 -16.92 3.35 1.45
N PRO A 6 -15.60 3.46 1.59
CA PRO A 6 -14.67 2.35 1.41
C PRO A 6 -14.83 1.29 2.52
N ARG A 7 -14.26 0.10 2.30
CA ARG A 7 -14.40 -1.07 3.19
C ARG A 7 -13.09 -1.87 3.29
N PHE A 8 -12.93 -2.59 4.39
CA PHE A 8 -11.80 -3.45 4.73
C PHE A 8 -11.84 -4.77 3.92
N ILE A 9 -11.01 -4.88 2.89
CA ILE A 9 -10.83 -6.09 2.04
C ILE A 9 -9.39 -6.65 2.20
N GLN A 10 -9.04 -7.70 1.44
CA GLN A 10 -7.79 -8.48 1.48
C GLN A 10 -6.50 -7.63 1.51
N VAL A 11 -5.89 -7.52 2.70
CA VAL A 11 -4.46 -7.16 2.87
C VAL A 11 -3.54 -8.32 2.43
N PRO A 12 -2.31 -8.05 1.97
CA PRO A 12 -1.31 -9.08 1.72
C PRO A 12 -0.67 -9.57 3.04
N GLU A 13 -0.03 -10.74 3.00
CA GLU A 13 0.80 -11.24 4.11
C GLU A 13 2.12 -10.46 4.24
N ASN A 14 2.77 -10.51 5.40
CA ASN A 14 4.09 -9.91 5.63
C ASN A 14 5.15 -10.50 4.68
N MET A 15 5.91 -9.64 4.00
CA MET A 15 6.89 -10.02 2.97
C MET A 15 8.32 -10.05 3.51
N SER A 16 9.19 -10.85 2.87
CA SER A 16 10.63 -10.94 3.16
C SER A 16 11.42 -10.95 1.84
N ILE A 17 12.08 -9.81 1.54
CA ILE A 17 12.62 -9.47 0.21
C ILE A 17 14.11 -9.14 0.31
N ASP A 18 14.95 -9.81 -0.50
CA ASP A 18 16.39 -9.53 -0.59
C ASP A 18 16.69 -8.10 -1.10
N GLU A 19 17.61 -7.41 -0.44
CA GLU A 19 18.01 -6.03 -0.76
C GLU A 19 18.40 -5.84 -2.24
N GLY A 20 17.82 -4.82 -2.89
CA GLY A 20 18.06 -4.43 -4.28
C GLY A 20 17.11 -5.05 -5.32
N ARG A 21 16.26 -6.01 -4.93
CA ARG A 21 15.24 -6.61 -5.81
C ARG A 21 14.09 -5.63 -6.14
N PHE A 22 13.39 -5.95 -7.23
CA PHE A 22 12.01 -5.51 -7.49
C PHE A 22 11.03 -6.34 -6.65
N CYS A 23 9.99 -5.71 -6.09
CA CYS A 23 8.79 -6.40 -5.59
C CYS A 23 7.53 -5.51 -5.71
N ARG A 24 6.35 -6.09 -5.50
CA ARG A 24 5.07 -5.35 -5.40
C ARG A 24 4.10 -5.98 -4.39
N MET A 25 3.44 -5.13 -3.61
CA MET A 25 2.31 -5.50 -2.73
C MET A 25 0.97 -5.42 -3.50
N ASP A 26 -0.06 -6.12 -3.01
CA ASP A 26 -1.44 -6.06 -3.52
C ASP A 26 -2.47 -5.98 -2.39
N PHE A 27 -3.42 -5.06 -2.50
CA PHE A 27 -4.48 -4.75 -1.54
C PHE A 27 -5.82 -4.62 -2.25
N LYS A 28 -6.79 -5.51 -2.01
CA LYS A 28 -8.16 -5.33 -2.52
C LYS A 28 -8.82 -4.13 -1.82
N VAL A 29 -9.69 -3.42 -2.54
CA VAL A 29 -10.33 -2.16 -2.09
C VAL A 29 -11.73 -1.99 -2.71
N SER A 30 -12.59 -1.21 -2.06
CA SER A 30 -13.96 -0.88 -2.49
C SER A 30 -14.35 0.56 -2.11
N GLY A 31 -15.59 0.96 -2.40
CA GLY A 31 -16.18 2.29 -2.16
C GLY A 31 -16.33 3.12 -3.44
N LEU A 32 -17.16 4.17 -3.38
CA LEU A 32 -17.44 5.10 -4.48
C LEU A 32 -17.75 6.51 -3.94
N PRO A 33 -17.14 7.60 -4.46
CA PRO A 33 -16.12 7.62 -5.51
C PRO A 33 -14.79 7.01 -5.05
N ALA A 34 -13.86 6.84 -6.00
CA ALA A 34 -12.53 6.27 -5.78
C ALA A 34 -11.76 7.05 -4.68
N PRO A 35 -11.33 6.40 -3.58
CA PRO A 35 -10.77 7.10 -2.43
C PRO A 35 -9.37 7.68 -2.69
N ASP A 36 -9.04 8.75 -1.97
CA ASP A 36 -7.67 9.22 -1.74
C ASP A 36 -6.96 8.27 -0.76
N VAL A 37 -5.66 7.99 -0.99
CA VAL A 37 -4.91 6.90 -0.33
C VAL A 37 -3.61 7.40 0.31
N SER A 38 -3.68 7.81 1.57
CA SER A 38 -2.53 8.24 2.39
C SER A 38 -1.71 7.03 2.86
N TRP A 39 -0.46 6.93 2.41
CA TRP A 39 0.48 5.86 2.80
C TRP A 39 1.43 6.26 3.94
N TYR A 40 1.81 5.27 4.74
CA TYR A 40 2.61 5.39 5.96
C TYR A 40 3.58 4.21 6.16
N LEU A 41 4.61 4.42 6.99
CA LEU A 41 5.62 3.45 7.43
C LEU A 41 6.06 3.79 8.87
N ASN A 42 5.88 2.85 9.80
CA ASN A 42 6.25 2.94 11.23
C ASN A 42 5.67 4.17 11.98
N GLY A 43 4.65 4.84 11.41
CA GLY A 43 3.99 6.05 11.94
C GLY A 43 4.34 7.36 11.21
N ARG A 44 5.35 7.36 10.33
CA ARG A 44 5.67 8.47 9.40
C ARG A 44 4.94 8.30 8.07
N THR A 45 4.78 9.36 7.29
CA THR A 45 4.19 9.31 5.93
C THR A 45 5.16 8.72 4.90
N VAL A 46 4.62 8.26 3.76
CA VAL A 46 5.37 7.76 2.58
C VAL A 46 4.77 8.33 1.31
N GLN A 47 5.45 9.32 0.70
CA GLN A 47 5.10 9.82 -0.63
C GLN A 47 5.40 8.79 -1.73
N SER A 48 4.63 8.78 -2.81
CA SER A 48 4.96 8.06 -4.05
C SER A 48 6.08 8.76 -4.83
N ASP A 49 6.89 8.00 -5.57
CA ASP A 49 7.92 8.49 -6.50
C ASP A 49 8.24 7.45 -7.60
N ASP A 50 9.19 7.76 -8.49
CA ASP A 50 9.58 6.94 -9.63
C ASP A 50 10.09 5.52 -9.27
N LEU A 51 10.51 5.29 -8.02
CA LEU A 51 10.94 3.99 -7.49
C LEU A 51 9.88 3.36 -6.54
N HIS A 52 8.84 4.12 -6.18
CA HIS A 52 7.80 3.77 -5.21
C HIS A 52 6.41 4.11 -5.79
N LYS A 53 6.02 3.39 -6.85
CA LYS A 53 4.79 3.63 -7.61
C LYS A 53 3.57 3.11 -6.85
N MET A 54 2.54 3.95 -6.74
CA MET A 54 1.31 3.71 -5.95
C MET A 54 0.08 3.98 -6.83
N ILE A 55 -0.58 2.92 -7.31
CA ILE A 55 -1.68 2.99 -8.30
C ILE A 55 -2.87 2.09 -7.92
N VAL A 56 -4.02 2.33 -8.55
CA VAL A 56 -5.29 1.58 -8.38
C VAL A 56 -5.81 1.04 -9.71
N SER A 57 -6.78 0.13 -9.65
CA SER A 57 -7.40 -0.53 -10.82
C SER A 57 -8.92 -0.63 -10.69
N GLU A 58 -9.61 -0.60 -11.84
CA GLU A 58 -11.06 -0.78 -11.97
C GLU A 58 -11.57 -2.14 -11.44
N LYS A 59 -10.68 -3.14 -11.31
CA LYS A 59 -10.97 -4.49 -10.77
C LYS A 59 -11.16 -4.54 -9.24
N GLY A 60 -11.00 -3.40 -8.55
CA GLY A 60 -11.12 -3.29 -7.09
C GLY A 60 -9.81 -3.61 -6.36
N LEU A 61 -8.68 -3.13 -6.89
CA LEU A 61 -7.33 -3.41 -6.40
C LEU A 61 -6.48 -2.13 -6.30
N HIS A 62 -5.54 -2.11 -5.36
CA HIS A 62 -4.53 -1.09 -5.11
C HIS A 62 -3.17 -1.79 -4.91
N SER A 63 -2.09 -1.25 -5.49
CA SER A 63 -0.75 -1.85 -5.47
C SER A 63 0.34 -0.84 -5.07
N LEU A 64 1.43 -1.36 -4.49
CA LEU A 64 2.61 -0.61 -4.05
C LEU A 64 3.87 -1.30 -4.58
N ILE A 65 4.46 -0.76 -5.65
CA ILE A 65 5.67 -1.28 -6.29
C ILE A 65 6.91 -0.69 -5.58
N PHE A 66 7.96 -1.51 -5.44
CA PHE A 66 9.31 -1.13 -5.04
C PHE A 66 10.28 -1.54 -6.16
N GLU A 67 10.76 -0.57 -6.94
CA GLU A 67 11.69 -0.83 -8.06
C GLU A 67 13.05 -1.39 -7.60
N VAL A 68 13.58 -0.87 -6.49
CA VAL A 68 14.89 -1.23 -5.91
C VAL A 68 14.85 -1.02 -4.39
N VAL A 69 14.38 -2.02 -3.65
CA VAL A 69 14.20 -1.94 -2.18
C VAL A 69 15.55 -1.86 -1.43
N ARG A 70 15.63 -1.08 -0.35
CA ARG A 70 16.79 -0.91 0.54
C ARG A 70 16.46 -1.22 2.00
N ALA A 71 17.48 -1.48 2.82
CA ALA A 71 17.33 -1.87 4.22
C ALA A 71 16.54 -0.84 5.08
N SER A 72 16.63 0.45 4.72
CA SER A 72 15.86 1.55 5.33
C SER A 72 14.35 1.52 5.03
N ASP A 73 13.90 0.75 4.04
CA ASP A 73 12.48 0.57 3.69
C ASP A 73 11.76 -0.48 4.58
N ALA A 74 12.48 -1.22 5.43
CA ALA A 74 11.90 -2.22 6.31
C ALA A 74 10.95 -1.62 7.38
N GLY A 75 9.96 -2.41 7.82
CA GLY A 75 9.01 -2.04 8.88
C GLY A 75 7.54 -2.27 8.53
N ALA A 76 6.66 -1.78 9.40
CA ALA A 76 5.20 -1.86 9.28
C ALA A 76 4.63 -0.73 8.40
N TYR A 77 4.25 -1.07 7.15
CA TYR A 77 3.50 -0.18 6.25
C TYR A 77 2.02 -0.13 6.59
N ALA A 78 1.37 1.01 6.29
CA ALA A 78 -0.07 1.16 6.32
C ALA A 78 -0.59 2.10 5.24
N CYS A 79 -1.88 2.01 4.93
CA CYS A 79 -2.61 2.89 4.02
C CYS A 79 -3.99 3.25 4.61
N VAL A 80 -4.42 4.49 4.40
CA VAL A 80 -5.72 5.03 4.84
C VAL A 80 -6.48 5.57 3.62
N ALA A 81 -7.48 4.81 3.18
CA ALA A 81 -8.38 5.13 2.06
C ALA A 81 -9.56 6.01 2.55
N LYS A 82 -9.72 7.21 1.99
CA LYS A 82 -10.78 8.18 2.36
C LYS A 82 -11.57 8.65 1.14
N ASN A 83 -12.90 8.70 1.24
CA ASN A 83 -13.77 9.42 0.30
C ASN A 83 -14.83 10.28 1.03
N ARG A 84 -15.70 10.97 0.28
CA ARG A 84 -16.76 11.85 0.79
C ARG A 84 -17.82 11.17 1.68
N ALA A 85 -17.86 9.84 1.72
CA ALA A 85 -18.81 9.04 2.49
C ALA A 85 -18.19 8.28 3.69
N GLY A 86 -16.88 8.10 3.75
CA GLY A 86 -16.20 7.41 4.87
C GLY A 86 -14.71 7.09 4.65
N GLU A 87 -14.16 6.29 5.57
CA GLU A 87 -12.74 5.93 5.67
C GLU A 87 -12.54 4.43 5.99
N ALA A 88 -11.47 3.83 5.44
CA ALA A 88 -10.99 2.48 5.76
C ALA A 88 -9.45 2.43 5.83
N THR A 89 -8.88 1.39 6.45
CA THR A 89 -7.44 1.28 6.75
C THR A 89 -6.90 -0.11 6.42
N PHE A 90 -5.64 -0.18 5.98
CA PHE A 90 -4.93 -1.39 5.56
C PHE A 90 -3.50 -1.41 6.13
N THR A 91 -2.93 -2.60 6.40
CA THR A 91 -1.62 -2.76 7.08
C THR A 91 -0.86 -4.00 6.56
N VAL A 92 0.48 -3.93 6.49
CA VAL A 92 1.39 -5.06 6.25
C VAL A 92 2.77 -4.79 6.89
N GLN A 93 3.68 -5.76 6.91
CA GLN A 93 5.08 -5.61 7.33
C GLN A 93 6.05 -6.13 6.25
N LEU A 94 7.23 -5.50 6.14
CA LEU A 94 8.28 -5.80 5.17
C LEU A 94 9.64 -6.01 5.87
N ASP A 95 10.15 -7.24 5.82
CA ASP A 95 11.50 -7.62 6.26
C ASP A 95 12.49 -7.57 5.08
N VAL A 96 13.15 -6.42 4.88
CA VAL A 96 14.20 -6.27 3.85
C VAL A 96 15.49 -6.97 4.30
N LEU A 97 15.78 -8.12 3.69
CA LEU A 97 16.95 -8.97 3.96
C LEU A 97 18.22 -8.36 3.34
N ALA A 98 19.02 -7.64 4.14
CA ALA A 98 20.28 -7.04 3.72
C ALA A 98 21.32 -8.09 3.28
N LYS A 99 22.12 -7.76 2.25
CA LYS A 99 23.15 -8.67 1.68
C LYS A 99 24.34 -8.89 2.63
N GLU A 100 24.81 -7.81 3.27
CA GLU A 100 25.99 -7.71 4.15
C GLU A 100 27.22 -8.52 3.67
N GLY A 1 -27.05 8.06 -9.51
CA GLY A 1 -26.76 6.69 -9.07
C GLY A 1 -26.27 6.65 -7.62
N ALA A 2 -26.55 5.56 -6.91
CA ALA A 2 -26.11 5.34 -5.52
C ALA A 2 -24.58 5.21 -5.39
N MET A 3 -24.06 5.45 -4.18
CA MET A 3 -22.63 5.41 -3.81
C MET A 3 -22.43 4.99 -2.34
N GLY A 4 -21.19 4.84 -1.85
CA GLY A 4 -20.93 4.41 -0.47
C GLY A 4 -19.45 4.37 -0.02
N PRO A 5 -19.21 4.16 1.29
CA PRO A 5 -17.87 4.24 1.89
C PRO A 5 -16.96 3.08 1.44
N PRO A 6 -15.63 3.24 1.54
CA PRO A 6 -14.67 2.15 1.35
C PRO A 6 -14.80 1.13 2.49
N ARG A 7 -14.65 -0.17 2.17
CA ARG A 7 -14.71 -1.29 3.11
C ARG A 7 -13.33 -1.95 3.29
N PHE A 8 -13.11 -2.56 4.46
CA PHE A 8 -11.87 -3.24 4.86
C PHE A 8 -11.75 -4.64 4.21
N ILE A 9 -11.42 -4.69 2.91
CA ILE A 9 -11.17 -5.93 2.15
C ILE A 9 -9.80 -6.56 2.52
N GLN A 10 -9.48 -7.71 1.92
CA GLN A 10 -8.27 -8.53 2.12
C GLN A 10 -6.94 -7.74 2.01
N VAL A 11 -6.24 -7.61 3.13
CA VAL A 11 -4.79 -7.30 3.18
C VAL A 11 -3.94 -8.55 2.84
N PRO A 12 -2.70 -8.39 2.33
CA PRO A 12 -1.77 -9.49 2.14
C PRO A 12 -1.12 -9.93 3.48
N GLU A 13 -0.45 -11.08 3.47
CA GLU A 13 0.45 -11.50 4.57
C GLU A 13 1.75 -10.69 4.58
N ASN A 14 2.54 -10.78 5.67
CA ASN A 14 3.85 -10.16 5.77
C ASN A 14 4.86 -10.70 4.72
N MET A 15 5.92 -9.93 4.47
CA MET A 15 6.90 -10.14 3.38
C MET A 15 8.34 -10.14 3.93
N SER A 16 9.23 -10.84 3.21
CA SER A 16 10.69 -10.75 3.39
C SER A 16 11.40 -10.87 2.04
N ILE A 17 12.17 -9.84 1.65
CA ILE A 17 12.70 -9.63 0.30
C ILE A 17 14.21 -9.38 0.37
N ASP A 18 14.99 -10.09 -0.45
CA ASP A 18 16.43 -9.88 -0.61
C ASP A 18 16.76 -8.47 -1.13
N GLU A 19 17.64 -7.76 -0.42
CA GLU A 19 18.06 -6.38 -0.72
C GLU A 19 18.54 -6.18 -2.17
N GLY A 20 18.02 -5.15 -2.83
CA GLY A 20 18.32 -4.77 -4.22
C GLY A 20 17.34 -5.30 -5.27
N ARG A 21 16.43 -6.22 -4.92
CA ARG A 21 15.39 -6.75 -5.83
C ARG A 21 14.28 -5.73 -6.13
N PHE A 22 13.53 -6.02 -7.20
CA PHE A 22 12.17 -5.53 -7.42
C PHE A 22 11.18 -6.30 -6.51
N CYS A 23 10.20 -5.62 -5.92
CA CYS A 23 8.97 -6.24 -5.41
C CYS A 23 7.75 -5.30 -5.51
N ARG A 24 6.56 -5.82 -5.20
CA ARG A 24 5.28 -5.07 -5.14
C ARG A 24 4.29 -5.71 -4.15
N MET A 25 3.13 -5.08 -3.95
CA MET A 25 2.08 -5.46 -3.00
C MET A 25 0.69 -5.53 -3.65
N ASP A 26 -0.27 -6.20 -3.00
CA ASP A 26 -1.65 -6.43 -3.49
C ASP A 26 -2.68 -6.21 -2.38
N PHE A 27 -3.46 -5.13 -2.45
CA PHE A 27 -4.51 -4.76 -1.50
C PHE A 27 -5.86 -4.56 -2.21
N LYS A 28 -6.84 -5.42 -1.96
CA LYS A 28 -8.21 -5.24 -2.47
C LYS A 28 -8.89 -4.02 -1.83
N VAL A 29 -9.75 -3.32 -2.59
CA VAL A 29 -10.53 -2.16 -2.13
C VAL A 29 -11.87 -2.06 -2.87
N SER A 30 -12.95 -1.70 -2.14
CA SER A 30 -14.31 -1.51 -2.69
C SER A 30 -15.01 -0.33 -2.01
N GLY A 31 -15.32 0.72 -2.78
CA GLY A 31 -16.08 1.91 -2.40
C GLY A 31 -16.34 2.84 -3.59
N LEU A 32 -17.25 3.81 -3.45
CA LEU A 32 -17.62 4.76 -4.52
C LEU A 32 -18.01 6.14 -3.94
N PRO A 33 -17.47 7.27 -4.42
CA PRO A 33 -16.46 7.41 -5.47
C PRO A 33 -15.09 6.85 -5.05
N ALA A 34 -14.17 6.73 -6.02
CA ALA A 34 -12.83 6.19 -5.83
C ALA A 34 -12.05 6.96 -4.73
N PRO A 35 -11.60 6.30 -3.65
CA PRO A 35 -11.00 6.97 -2.50
C PRO A 35 -9.59 7.54 -2.80
N ASP A 36 -9.17 8.50 -1.97
CA ASP A 36 -7.80 9.01 -1.89
C ASP A 36 -6.83 7.95 -1.36
N VAL A 37 -5.51 8.19 -1.47
CA VAL A 37 -4.43 7.24 -1.18
C VAL A 37 -3.33 7.91 -0.34
N SER A 38 -3.25 7.54 0.94
CA SER A 38 -2.27 8.06 1.92
C SER A 38 -1.49 6.91 2.57
N TRP A 39 -0.27 6.65 2.10
CA TRP A 39 0.63 5.62 2.65
C TRP A 39 1.40 6.10 3.89
N TYR A 40 1.75 5.15 4.75
CA TYR A 40 2.49 5.31 6.00
C TYR A 40 3.50 4.16 6.22
N LEU A 41 4.49 4.39 7.08
CA LEU A 41 5.53 3.45 7.51
C LEU A 41 5.93 3.72 8.97
N ASN A 42 5.69 2.76 9.86
CA ASN A 42 5.98 2.81 11.31
C ASN A 42 5.34 4.00 12.07
N GLY A 43 4.40 4.73 11.45
CA GLY A 43 3.74 5.93 11.97
C GLY A 43 4.11 7.25 11.25
N ARG A 44 5.20 7.26 10.46
CA ARG A 44 5.55 8.35 9.52
C ARG A 44 4.76 8.23 8.22
N THR A 45 4.59 9.31 7.47
CA THR A 45 4.02 9.28 6.11
C THR A 45 5.02 8.71 5.09
N VAL A 46 4.52 8.31 3.91
CA VAL A 46 5.33 7.89 2.74
C VAL A 46 4.74 8.52 1.47
N GLN A 47 5.59 9.03 0.59
CA GLN A 47 5.23 9.66 -0.69
C GLN A 47 5.60 8.75 -1.88
N SER A 48 4.93 8.94 -3.02
CA SER A 48 5.25 8.25 -4.28
C SER A 48 6.56 8.75 -4.90
N ASP A 49 7.19 7.91 -5.73
CA ASP A 49 8.43 8.21 -6.46
C ASP A 49 8.51 7.36 -7.74
N ASP A 50 9.46 7.65 -8.65
CA ASP A 50 9.80 6.78 -9.78
C ASP A 50 10.24 5.37 -9.34
N LEU A 51 10.94 5.26 -8.20
CA LEU A 51 11.32 3.98 -7.58
C LEU A 51 10.18 3.36 -6.73
N HIS A 52 9.15 4.12 -6.38
CA HIS A 52 8.06 3.75 -5.48
C HIS A 52 6.69 4.16 -6.04
N LYS A 53 6.27 3.48 -7.11
CA LYS A 53 4.98 3.72 -7.79
C LYS A 53 3.81 3.28 -6.90
N MET A 54 2.76 4.11 -6.86
CA MET A 54 1.59 3.99 -5.99
C MET A 54 0.32 4.21 -6.82
N ILE A 55 -0.38 3.13 -7.17
CA ILE A 55 -1.50 3.12 -8.15
C ILE A 55 -2.70 2.30 -7.67
N VAL A 56 -3.86 2.53 -8.30
CA VAL A 56 -5.17 1.90 -8.03
C VAL A 56 -5.80 1.44 -9.35
N SER A 57 -5.92 0.13 -9.55
CA SER A 57 -6.61 -0.48 -10.69
C SER A 57 -8.13 -0.26 -10.62
N GLU A 58 -8.77 -0.11 -11.79
CA GLU A 58 -10.24 -0.04 -11.94
C GLU A 58 -10.96 -1.30 -11.42
N LYS A 59 -10.25 -2.43 -11.28
CA LYS A 59 -10.78 -3.71 -10.76
C LYS A 59 -10.93 -3.75 -9.22
N GLY A 60 -10.52 -2.69 -8.51
CA GLY A 60 -10.60 -2.58 -7.04
C GLY A 60 -9.40 -3.19 -6.34
N LEU A 61 -8.19 -2.83 -6.78
CA LEU A 61 -6.90 -3.36 -6.32
C LEU A 61 -5.84 -2.24 -6.33
N HIS A 62 -5.22 -1.93 -5.18
CA HIS A 62 -4.11 -0.98 -5.09
C HIS A 62 -2.78 -1.63 -4.67
N SER A 63 -1.67 -0.96 -5.02
CA SER A 63 -0.30 -1.50 -4.93
C SER A 63 0.74 -0.46 -4.52
N LEU A 64 1.87 -0.94 -3.98
CA LEU A 64 3.08 -0.18 -3.65
C LEU A 64 4.29 -0.92 -4.25
N ILE A 65 4.86 -0.41 -5.34
CA ILE A 65 6.04 -0.98 -6.01
C ILE A 65 7.31 -0.54 -5.24
N PHE A 66 8.35 -1.37 -5.31
CA PHE A 66 9.72 -1.08 -4.89
C PHE A 66 10.66 -1.52 -6.02
N GLU A 67 11.12 -0.59 -6.86
CA GLU A 67 12.00 -0.89 -8.00
C GLU A 67 13.37 -1.47 -7.57
N VAL A 68 13.92 -0.99 -6.44
CA VAL A 68 15.19 -1.42 -5.85
C VAL A 68 15.13 -1.26 -4.32
N VAL A 69 14.56 -2.27 -3.63
CA VAL A 69 14.35 -2.23 -2.18
C VAL A 69 15.67 -2.22 -1.39
N ARG A 70 15.74 -1.46 -0.30
CA ARG A 70 16.91 -1.33 0.59
C ARG A 70 16.58 -1.58 2.05
N ALA A 71 17.58 -1.88 2.89
CA ALA A 71 17.41 -2.21 4.30
C ALA A 71 16.63 -1.15 5.11
N SER A 72 16.78 0.13 4.77
CA SER A 72 16.04 1.25 5.38
C SER A 72 14.54 1.28 5.06
N ASP A 73 14.07 0.53 4.05
CA ASP A 73 12.66 0.40 3.69
C ASP A 73 11.90 -0.62 4.56
N ALA A 74 12.57 -1.38 5.44
CA ALA A 74 11.93 -2.34 6.32
C ALA A 74 10.98 -1.69 7.36
N GLY A 75 9.93 -2.41 7.76
CA GLY A 75 8.96 -1.99 8.78
C GLY A 75 7.50 -2.31 8.45
N ALA A 76 6.59 -1.83 9.30
CA ALA A 76 5.14 -1.94 9.18
C ALA A 76 4.57 -0.81 8.29
N TYR A 77 4.22 -1.13 7.04
CA TYR A 77 3.52 -0.23 6.13
C TYR A 77 2.00 -0.21 6.38
N ALA A 78 1.37 0.92 6.08
CA ALA A 78 -0.09 1.05 6.04
C ALA A 78 -0.56 2.00 4.92
N CYS A 79 -1.85 1.95 4.59
CA CYS A 79 -2.51 2.83 3.62
C CYS A 79 -3.91 3.22 4.11
N VAL A 80 -4.14 4.51 4.35
CA VAL A 80 -5.47 5.09 4.65
C VAL A 80 -6.15 5.47 3.33
N ALA A 81 -7.42 5.08 3.19
CA ALA A 81 -8.26 5.28 2.01
C ALA A 81 -9.59 5.96 2.39
N LYS A 82 -9.86 7.15 1.84
CA LYS A 82 -10.98 8.04 2.23
C LYS A 82 -11.77 8.55 1.02
N ASN A 83 -13.10 8.56 1.11
CA ASN A 83 -14.00 9.25 0.18
C ASN A 83 -15.06 10.09 0.93
N ARG A 84 -15.99 10.73 0.20
CA ARG A 84 -17.06 11.58 0.76
C ARG A 84 -18.03 10.88 1.73
N ALA A 85 -18.05 9.55 1.74
CA ALA A 85 -18.96 8.73 2.56
C ALA A 85 -18.28 8.02 3.75
N GLY A 86 -16.96 7.83 3.74
CA GLY A 86 -16.23 7.18 4.85
C GLY A 86 -14.75 6.89 4.61
N GLU A 87 -14.17 6.11 5.51
CA GLU A 87 -12.74 5.80 5.63
C GLU A 87 -12.50 4.29 5.87
N ALA A 88 -11.42 3.75 5.28
CA ALA A 88 -10.86 2.43 5.58
C ALA A 88 -9.32 2.51 5.67
N THR A 89 -8.70 1.48 6.24
CA THR A 89 -7.24 1.37 6.43
C THR A 89 -6.74 -0.05 6.18
N PHE A 90 -5.58 -0.16 5.53
CA PHE A 90 -4.92 -1.42 5.16
C PHE A 90 -3.49 -1.45 5.71
N THR A 91 -2.93 -2.64 5.96
CA THR A 91 -1.65 -2.82 6.70
C THR A 91 -0.86 -4.05 6.22
N VAL A 92 0.47 -3.98 6.23
CA VAL A 92 1.41 -5.10 5.98
C VAL A 92 2.75 -4.87 6.74
N GLN A 93 3.65 -5.85 6.77
CA GLN A 93 5.02 -5.72 7.28
C GLN A 93 6.03 -6.29 6.29
N LEU A 94 7.17 -5.61 6.12
CA LEU A 94 8.25 -5.93 5.18
C LEU A 94 9.59 -6.05 5.91
N ASP A 95 10.13 -7.25 5.99
CA ASP A 95 11.45 -7.57 6.57
C ASP A 95 12.52 -7.68 5.46
N VAL A 96 13.07 -6.55 5.02
CA VAL A 96 14.10 -6.50 3.96
C VAL A 96 15.39 -7.19 4.42
N LEU A 97 15.74 -8.30 3.77
CA LEU A 97 16.92 -9.12 4.04
C LEU A 97 18.19 -8.47 3.46
N ALA A 98 18.89 -7.69 4.28
CA ALA A 98 20.12 -6.98 3.92
C ALA A 98 21.29 -7.90 3.53
N LYS A 99 22.24 -7.39 2.74
CA LYS A 99 23.45 -8.12 2.28
C LYS A 99 24.77 -7.36 2.44
N GLU A 100 24.76 -6.04 2.63
CA GLU A 100 25.94 -5.25 3.09
C GLU A 100 26.18 -5.38 4.61
N GLY A 1 -26.28 9.25 -9.29
CA GLY A 1 -26.25 7.80 -8.97
C GLY A 1 -25.80 7.54 -7.55
N ALA A 2 -26.12 6.37 -7.01
CA ALA A 2 -25.70 5.92 -5.66
C ALA A 2 -24.17 5.78 -5.53
N MET A 3 -23.66 5.93 -4.30
CA MET A 3 -22.23 5.90 -3.95
C MET A 3 -22.02 5.41 -2.49
N GLY A 4 -20.77 5.21 -2.02
CA GLY A 4 -20.52 4.67 -0.68
C GLY A 4 -19.05 4.53 -0.25
N PRO A 5 -18.80 4.21 1.04
CA PRO A 5 -17.46 4.23 1.64
C PRO A 5 -16.56 3.05 1.20
N PRO A 6 -15.24 3.14 1.40
CA PRO A 6 -14.32 2.01 1.22
C PRO A 6 -14.55 0.90 2.28
N ARG A 7 -14.07 -0.31 2.00
CA ARG A 7 -14.31 -1.52 2.82
C ARG A 7 -13.09 -2.46 2.85
N PHE A 8 -13.01 -3.27 3.90
CA PHE A 8 -11.99 -4.31 4.14
C PHE A 8 -12.23 -5.56 3.26
N ILE A 9 -11.77 -5.54 2.00
CA ILE A 9 -11.87 -6.67 1.07
C ILE A 9 -10.79 -7.72 1.37
N GLN A 10 -9.50 -7.38 1.16
CA GLN A 10 -8.35 -8.25 1.46
C GLN A 10 -7.07 -7.42 1.67
N VAL A 11 -6.19 -7.87 2.57
CA VAL A 11 -4.83 -7.35 2.79
C VAL A 11 -3.80 -8.49 2.73
N PRO A 12 -2.54 -8.22 2.33
CA PRO A 12 -1.48 -9.24 2.32
C PRO A 12 -0.99 -9.57 3.74
N GLU A 13 -0.39 -10.75 3.90
CA GLU A 13 0.41 -11.11 5.10
C GLU A 13 1.78 -10.39 5.10
N ASN A 14 2.52 -10.47 6.21
CA ASN A 14 3.89 -9.94 6.30
C ASN A 14 4.85 -10.58 5.27
N MET A 15 5.91 -9.85 4.91
CA MET A 15 6.85 -10.19 3.83
C MET A 15 8.31 -10.06 4.26
N SER A 16 9.21 -10.72 3.52
CA SER A 16 10.66 -10.56 3.59
C SER A 16 11.28 -10.66 2.19
N ILE A 17 12.09 -9.67 1.81
CA ILE A 17 12.60 -9.47 0.45
C ILE A 17 14.11 -9.18 0.49
N ASP A 18 14.89 -9.87 -0.34
CA ASP A 18 16.32 -9.63 -0.54
C ASP A 18 16.62 -8.22 -1.07
N GLU A 19 17.54 -7.50 -0.42
CA GLU A 19 17.94 -6.12 -0.74
C GLU A 19 18.32 -5.92 -2.22
N GLY A 20 17.79 -4.86 -2.83
CA GLY A 20 18.06 -4.45 -4.22
C GLY A 20 17.11 -5.04 -5.27
N ARG A 21 16.24 -6.00 -4.91
CA ARG A 21 15.23 -6.57 -5.82
C ARG A 21 14.09 -5.60 -6.14
N PHE A 22 13.38 -5.89 -7.23
CA PHE A 22 12.01 -5.48 -7.46
C PHE A 22 11.05 -6.29 -6.58
N CYS A 23 10.03 -5.66 -5.98
CA CYS A 23 8.85 -6.34 -5.44
C CYS A 23 7.60 -5.44 -5.47
N ARG A 24 6.43 -6.02 -5.14
CA ARG A 24 5.15 -5.28 -4.98
C ARG A 24 4.23 -5.91 -3.93
N MET A 25 3.15 -5.21 -3.63
CA MET A 25 2.06 -5.60 -2.72
C MET A 25 0.70 -5.35 -3.39
N ASP A 26 -0.33 -6.09 -2.96
CA ASP A 26 -1.65 -6.15 -3.58
C ASP A 26 -2.79 -6.06 -2.54
N PHE A 27 -3.40 -4.88 -2.43
CA PHE A 27 -4.48 -4.56 -1.49
C PHE A 27 -5.81 -4.42 -2.23
N LYS A 28 -6.72 -5.40 -2.11
CA LYS A 28 -8.08 -5.29 -2.65
C LYS A 28 -8.85 -4.18 -1.94
N VAL A 29 -9.50 -3.31 -2.71
CA VAL A 29 -10.15 -2.07 -2.24
C VAL A 29 -11.52 -1.88 -2.91
N SER A 30 -12.41 -1.13 -2.26
CA SER A 30 -13.79 -0.88 -2.70
C SER A 30 -14.25 0.56 -2.39
N GLY A 31 -15.53 0.85 -2.57
CA GLY A 31 -16.16 2.16 -2.41
C GLY A 31 -16.26 2.95 -3.72
N LEU A 32 -17.09 4.00 -3.70
CA LEU A 32 -17.33 4.92 -4.82
C LEU A 32 -17.60 6.34 -4.26
N PRO A 33 -16.95 7.40 -4.77
CA PRO A 33 -15.91 7.40 -5.80
C PRO A 33 -14.60 6.73 -5.33
N ALA A 34 -13.67 6.51 -6.26
CA ALA A 34 -12.36 5.91 -6.02
C ALA A 34 -11.57 6.69 -4.94
N PRO A 35 -11.14 6.05 -3.84
CA PRO A 35 -10.61 6.77 -2.68
C PRO A 35 -9.23 7.41 -2.91
N ASP A 36 -8.99 8.50 -2.20
CA ASP A 36 -7.66 9.07 -1.92
C ASP A 36 -6.89 8.14 -0.96
N VAL A 37 -5.76 7.59 -1.41
CA VAL A 37 -5.01 6.51 -0.75
C VAL A 37 -3.63 6.98 -0.29
N SER A 38 -3.57 7.55 0.92
CA SER A 38 -2.31 7.92 1.60
C SER A 38 -1.55 6.68 2.10
N TRP A 39 -0.23 6.81 2.29
CA TRP A 39 0.65 5.76 2.82
C TRP A 39 1.54 6.24 3.96
N TYR A 40 1.97 5.29 4.80
CA TYR A 40 2.74 5.50 6.03
C TYR A 40 3.72 4.33 6.28
N LEU A 41 4.75 4.57 7.08
CA LEU A 41 5.77 3.62 7.53
C LEU A 41 6.25 3.98 8.95
N ASN A 42 6.10 3.05 9.90
CA ASN A 42 6.51 3.17 11.31
C ASN A 42 5.97 4.43 12.07
N GLY A 43 4.93 5.07 11.54
CA GLY A 43 4.30 6.29 12.09
C GLY A 43 4.61 7.59 11.33
N ARG A 44 5.52 7.57 10.35
CA ARG A 44 5.80 8.68 9.41
C ARG A 44 5.08 8.48 8.07
N THR A 45 4.91 9.54 7.29
CA THR A 45 4.31 9.49 5.94
C THR A 45 5.22 8.82 4.90
N VAL A 46 4.60 8.31 3.82
CA VAL A 46 5.24 7.79 2.60
C VAL A 46 4.49 8.35 1.38
N GLN A 47 5.22 8.69 0.32
CA GLN A 47 4.69 9.29 -0.92
C GLN A 47 5.12 8.49 -2.15
N SER A 48 4.42 8.69 -3.28
CA SER A 48 4.76 8.08 -4.57
C SER A 48 6.07 8.64 -5.14
N ASP A 49 6.78 7.82 -5.91
CA ASP A 49 8.03 8.15 -6.62
C ASP A 49 8.20 7.27 -7.88
N ASP A 50 9.13 7.60 -8.76
CA ASP A 50 9.53 6.74 -9.89
C ASP A 50 10.00 5.34 -9.44
N LEU A 51 10.66 5.25 -8.27
CA LEU A 51 11.07 3.98 -7.64
C LEU A 51 9.98 3.35 -6.76
N HIS A 52 8.91 4.08 -6.43
CA HIS A 52 7.86 3.68 -5.49
C HIS A 52 6.46 4.04 -6.04
N LYS A 53 6.04 3.31 -7.08
CA LYS A 53 4.78 3.54 -7.81
C LYS A 53 3.55 3.14 -6.96
N MET A 54 2.47 3.90 -7.12
CA MET A 54 1.21 3.79 -6.38
C MET A 54 0.03 3.95 -7.36
N ILE A 55 -0.66 2.85 -7.70
CA ILE A 55 -1.78 2.84 -8.66
C ILE A 55 -2.96 1.98 -8.18
N VAL A 56 -4.16 2.27 -8.70
CA VAL A 56 -5.44 1.65 -8.34
C VAL A 56 -6.19 1.18 -9.59
N SER A 57 -6.25 -0.13 -9.78
CA SER A 57 -7.03 -0.76 -10.87
C SER A 57 -8.53 -0.51 -10.71
N GLU A 58 -9.24 -0.30 -11.82
CA GLU A 58 -10.71 -0.20 -11.88
C GLU A 58 -11.43 -1.47 -11.40
N LYS A 59 -10.72 -2.61 -11.35
CA LYS A 59 -11.20 -3.90 -10.80
C LYS A 59 -11.18 -3.97 -9.27
N GLY A 60 -10.69 -2.93 -8.59
CA GLY A 60 -10.65 -2.81 -7.12
C GLY A 60 -9.37 -3.39 -6.50
N LEU A 61 -8.20 -3.08 -7.07
CA LEU A 61 -6.88 -3.56 -6.64
C LEU A 61 -5.87 -2.41 -6.58
N HIS A 62 -5.48 -2.00 -5.37
CA HIS A 62 -4.39 -1.05 -5.13
C HIS A 62 -3.03 -1.77 -5.14
N SER A 63 -2.23 -1.53 -6.18
CA SER A 63 -0.82 -1.93 -6.26
C SER A 63 0.10 -0.89 -5.61
N LEU A 64 1.07 -1.38 -4.83
CA LEU A 64 2.14 -0.62 -4.19
C LEU A 64 3.47 -1.32 -4.54
N ILE A 65 4.39 -0.61 -5.20
CA ILE A 65 5.59 -1.18 -5.85
C ILE A 65 6.89 -0.64 -5.22
N PHE A 66 7.95 -1.44 -5.28
CA PHE A 66 9.35 -1.11 -4.95
C PHE A 66 10.25 -1.53 -6.12
N GLU A 67 10.79 -0.59 -6.89
CA GLU A 67 11.72 -0.89 -8.00
C GLU A 67 13.07 -1.44 -7.50
N VAL A 68 13.58 -0.91 -6.38
CA VAL A 68 14.88 -1.25 -5.78
C VAL A 68 14.84 -1.04 -4.25
N VAL A 69 14.34 -2.04 -3.52
CA VAL A 69 14.17 -1.97 -2.05
C VAL A 69 15.52 -1.95 -1.31
N ARG A 70 15.62 -1.19 -0.21
CA ARG A 70 16.80 -1.09 0.68
C ARG A 70 16.47 -1.39 2.13
N ALA A 71 17.48 -1.66 2.96
CA ALA A 71 17.32 -2.00 4.38
C ALA A 71 16.57 -0.93 5.20
N SER A 72 16.70 0.35 4.82
CA SER A 72 15.98 1.48 5.38
C SER A 72 14.46 1.49 5.09
N ASP A 73 13.98 0.72 4.11
CA ASP A 73 12.56 0.56 3.79
C ASP A 73 11.84 -0.48 4.67
N ALA A 74 12.56 -1.19 5.54
CA ALA A 74 11.96 -2.18 6.45
C ALA A 74 11.03 -1.55 7.52
N GLY A 75 10.04 -2.30 7.99
CA GLY A 75 9.11 -1.91 9.05
C GLY A 75 7.63 -2.16 8.76
N ALA A 76 6.77 -1.63 9.62
CA ALA A 76 5.31 -1.69 9.53
C ALA A 76 4.76 -0.57 8.62
N TYR A 77 4.35 -0.91 7.41
CA TYR A 77 3.62 -0.03 6.50
C TYR A 77 2.12 0.04 6.84
N ALA A 78 1.49 1.16 6.49
CA ALA A 78 0.04 1.30 6.49
C ALA A 78 -0.46 2.17 5.32
N CYS A 79 -1.75 2.03 4.99
CA CYS A 79 -2.46 2.78 3.95
C CYS A 79 -3.80 3.28 4.52
N VAL A 80 -4.25 4.47 4.10
CA VAL A 80 -5.51 5.11 4.53
C VAL A 80 -6.30 5.56 3.31
N ALA A 81 -7.33 4.80 2.96
CA ALA A 81 -8.27 5.05 1.87
C ALA A 81 -9.44 5.95 2.35
N LYS A 82 -9.68 7.08 1.66
CA LYS A 82 -10.68 8.11 2.01
C LYS A 82 -11.55 8.49 0.81
N ASN A 83 -12.87 8.54 0.96
CA ASN A 83 -13.78 9.23 0.03
C ASN A 83 -14.87 10.03 0.76
N ARG A 84 -15.76 10.69 0.01
CA ARG A 84 -16.85 11.55 0.55
C ARG A 84 -17.86 10.87 1.48
N ALA A 85 -17.88 9.53 1.53
CA ALA A 85 -18.79 8.73 2.35
C ALA A 85 -18.12 8.03 3.54
N GLY A 86 -16.79 7.93 3.61
CA GLY A 86 -16.07 7.32 4.72
C GLY A 86 -14.59 7.02 4.48
N GLU A 87 -13.97 6.34 5.46
CA GLU A 87 -12.54 6.04 5.53
C GLU A 87 -12.30 4.56 5.93
N ALA A 88 -11.22 3.96 5.42
CA ALA A 88 -10.71 2.65 5.82
C ALA A 88 -9.16 2.66 5.92
N THR A 89 -8.60 1.75 6.71
CA THR A 89 -7.16 1.70 7.05
C THR A 89 -6.63 0.27 6.96
N PHE A 90 -5.51 0.07 6.27
CA PHE A 90 -4.89 -1.23 6.00
C PHE A 90 -3.41 -1.25 6.45
N THR A 91 -2.85 -2.44 6.72
CA THR A 91 -1.53 -2.61 7.37
C THR A 91 -0.78 -3.84 6.84
N VAL A 92 0.55 -3.77 6.75
CA VAL A 92 1.48 -4.89 6.47
C VAL A 92 2.86 -4.65 7.10
N GLN A 93 3.71 -5.66 7.19
CA GLN A 93 5.10 -5.55 7.66
C GLN A 93 6.09 -6.13 6.64
N LEU A 94 7.22 -5.46 6.44
CA LEU A 94 8.27 -5.81 5.47
C LEU A 94 9.64 -5.91 6.16
N ASP A 95 10.21 -7.11 6.22
CA ASP A 95 11.54 -7.40 6.75
C ASP A 95 12.58 -7.53 5.62
N VAL A 96 13.14 -6.40 5.17
CA VAL A 96 14.13 -6.34 4.08
C VAL A 96 15.45 -7.02 4.50
N LEU A 97 15.78 -8.12 3.84
CA LEU A 97 16.96 -8.96 4.09
C LEU A 97 18.21 -8.30 3.45
N ALA A 98 19.00 -7.60 4.26
CA ALA A 98 20.23 -6.92 3.83
C ALA A 98 21.34 -7.88 3.34
N LYS A 99 22.28 -7.36 2.53
CA LYS A 99 23.42 -8.09 1.94
C LYS A 99 24.79 -7.41 2.11
N GLU A 100 24.88 -6.45 3.03
CA GLU A 100 26.12 -5.76 3.47
C GLU A 100 27.29 -6.69 3.84
N GLY A 1 -27.92 7.23 -8.53
CA GLY A 1 -27.62 5.97 -7.83
C GLY A 1 -27.03 6.23 -6.44
N ALA A 2 -27.24 5.29 -5.51
CA ALA A 2 -26.69 5.34 -4.15
C ALA A 2 -25.14 5.25 -4.11
N MET A 3 -24.54 5.64 -2.98
CA MET A 3 -23.09 5.62 -2.72
C MET A 3 -22.79 5.33 -1.23
N GLY A 4 -21.52 5.17 -0.82
CA GLY A 4 -21.18 4.81 0.56
C GLY A 4 -19.67 4.71 0.91
N PRO A 5 -19.35 4.47 2.20
CA PRO A 5 -17.98 4.47 2.69
C PRO A 5 -17.14 3.31 2.11
N PRO A 6 -15.80 3.45 2.10
CA PRO A 6 -14.91 2.40 1.65
C PRO A 6 -14.89 1.20 2.61
N ARG A 7 -14.45 0.04 2.09
CA ARG A 7 -14.49 -1.27 2.78
C ARG A 7 -13.10 -1.81 3.14
N PHE A 8 -13.09 -2.88 3.94
CA PHE A 8 -11.91 -3.61 4.41
C PHE A 8 -11.86 -4.98 3.72
N ILE A 9 -11.07 -5.09 2.65
CA ILE A 9 -10.95 -6.26 1.75
C ILE A 9 -9.53 -6.86 1.86
N GLN A 10 -9.29 -8.03 1.25
CA GLN A 10 -8.09 -8.85 1.32
C GLN A 10 -6.76 -8.07 1.17
N VAL A 11 -5.91 -8.20 2.20
CA VAL A 11 -4.53 -7.70 2.27
C VAL A 11 -3.52 -8.87 2.18
N PRO A 12 -2.25 -8.63 1.81
CA PRO A 12 -1.22 -9.68 1.84
C PRO A 12 -0.79 -10.01 3.27
N GLU A 13 -0.21 -11.19 3.47
CA GLU A 13 0.54 -11.55 4.69
C GLU A 13 1.89 -10.79 4.76
N ASN A 14 2.61 -10.89 5.88
CA ASN A 14 3.98 -10.34 5.99
C ASN A 14 4.94 -10.95 4.94
N MET A 15 5.96 -10.18 4.55
CA MET A 15 6.87 -10.49 3.44
C MET A 15 8.34 -10.25 3.82
N SER A 16 9.25 -10.90 3.10
CA SER A 16 10.71 -10.72 3.19
C SER A 16 11.36 -10.78 1.81
N ILE A 17 12.22 -9.81 1.51
CA ILE A 17 12.79 -9.55 0.18
C ILE A 17 14.29 -9.25 0.30
N ASP A 18 15.12 -9.86 -0.54
CA ASP A 18 16.57 -9.61 -0.62
C ASP A 18 16.88 -8.18 -1.10
N GLU A 19 17.78 -7.50 -0.38
CA GLU A 19 18.22 -6.12 -0.64
C GLU A 19 18.67 -5.90 -2.09
N GLY A 20 18.04 -4.93 -2.78
CA GLY A 20 18.32 -4.53 -4.16
C GLY A 20 17.31 -5.04 -5.20
N ARG A 21 16.40 -5.96 -4.84
CA ARG A 21 15.36 -6.49 -5.73
C ARG A 21 14.22 -5.49 -6.01
N PHE A 22 13.49 -5.75 -7.09
CA PHE A 22 12.13 -5.27 -7.31
C PHE A 22 11.13 -6.00 -6.39
N CYS A 23 10.05 -5.34 -5.98
CA CYS A 23 8.91 -5.94 -5.29
C CYS A 23 7.60 -5.19 -5.61
N ARG A 24 6.45 -5.86 -5.49
CA ARG A 24 5.12 -5.22 -5.46
C ARG A 24 4.13 -5.97 -4.56
N MET A 25 3.02 -5.30 -4.20
CA MET A 25 2.02 -5.76 -3.23
C MET A 25 0.59 -5.48 -3.73
N ASP A 26 -0.23 -6.53 -3.85
CA ASP A 26 -1.64 -6.49 -4.22
C ASP A 26 -2.55 -6.14 -3.02
N PHE A 27 -3.28 -5.04 -3.09
CA PHE A 27 -4.21 -4.55 -2.06
C PHE A 27 -5.60 -4.24 -2.65
N LYS A 28 -6.60 -5.10 -2.40
CA LYS A 28 -7.99 -4.87 -2.83
C LYS A 28 -8.60 -3.66 -2.09
N VAL A 29 -9.23 -2.75 -2.84
CA VAL A 29 -9.85 -1.50 -2.36
C VAL A 29 -11.20 -1.26 -3.05
N SER A 30 -12.23 -0.92 -2.27
CA SER A 30 -13.61 -0.68 -2.74
C SER A 30 -14.30 0.40 -1.93
N GLY A 31 -15.34 1.02 -2.52
CA GLY A 31 -16.10 2.17 -2.03
C GLY A 31 -16.62 3.03 -3.20
N LEU A 32 -17.58 3.93 -2.93
CA LEU A 32 -18.14 4.84 -3.94
C LEU A 32 -18.52 6.21 -3.33
N PRO A 33 -18.04 7.35 -3.85
CA PRO A 33 -17.13 7.50 -4.99
C PRO A 33 -15.72 6.94 -4.69
N ALA A 34 -14.92 6.81 -5.75
CA ALA A 34 -13.56 6.27 -5.68
C ALA A 34 -12.68 7.06 -4.68
N PRO A 35 -12.11 6.42 -3.64
CA PRO A 35 -11.40 7.12 -2.58
C PRO A 35 -10.07 7.72 -3.03
N ASP A 36 -9.65 8.79 -2.35
CA ASP A 36 -8.26 9.24 -2.29
C ASP A 36 -7.42 8.30 -1.40
N VAL A 37 -6.18 8.01 -1.78
CA VAL A 37 -5.34 6.97 -1.15
C VAL A 37 -3.94 7.50 -0.79
N SER A 38 -3.50 7.25 0.44
CA SER A 38 -2.17 7.62 0.97
C SER A 38 -1.49 6.43 1.68
N TRP A 39 -0.16 6.48 1.77
CA TRP A 39 0.67 5.42 2.37
C TRP A 39 1.57 5.93 3.50
N TYR A 40 1.95 5.01 4.38
CA TYR A 40 2.68 5.22 5.63
C TYR A 40 3.64 4.06 5.94
N LEU A 41 4.63 4.29 6.80
CA LEU A 41 5.63 3.34 7.30
C LEU A 41 5.99 3.67 8.76
N ASN A 42 5.72 2.74 9.68
CA ASN A 42 5.96 2.85 11.13
C ASN A 42 5.31 4.09 11.81
N GLY A 43 4.35 4.75 11.14
CA GLY A 43 3.65 5.96 11.57
C GLY A 43 4.07 7.26 10.84
N ARG A 44 5.17 7.25 10.07
CA ARG A 44 5.58 8.33 9.16
C ARG A 44 4.89 8.18 7.80
N THR A 45 4.79 9.25 7.02
CA THR A 45 4.25 9.23 5.64
C THR A 45 5.21 8.56 4.65
N VAL A 46 4.65 8.07 3.53
CA VAL A 46 5.37 7.52 2.37
C VAL A 46 4.77 8.09 1.09
N GLN A 47 5.34 9.20 0.61
CA GLN A 47 4.99 9.80 -0.69
C GLN A 47 5.42 8.89 -1.87
N SER A 48 4.75 9.02 -3.01
CA SER A 48 5.15 8.36 -4.26
C SER A 48 6.42 8.98 -4.86
N ASP A 49 7.14 8.20 -5.67
CA ASP A 49 8.41 8.54 -6.33
C ASP A 49 8.61 7.69 -7.60
N ASP A 50 9.61 8.01 -8.43
CA ASP A 50 10.04 7.15 -9.55
C ASP A 50 10.42 5.73 -9.08
N LEU A 51 11.00 5.58 -7.88
CA LEU A 51 11.35 4.29 -7.27
C LEU A 51 10.21 3.63 -6.47
N HIS A 52 9.13 4.37 -6.18
CA HIS A 52 8.02 3.93 -5.32
C HIS A 52 6.67 4.36 -5.91
N LYS A 53 6.05 3.47 -6.70
CA LYS A 53 4.81 3.75 -7.45
C LYS A 53 3.57 3.26 -6.68
N MET A 54 2.47 4.00 -6.82
CA MET A 54 1.17 3.80 -6.17
C MET A 54 0.04 4.09 -7.17
N ILE A 55 -0.60 3.04 -7.70
CA ILE A 55 -1.73 3.14 -8.64
C ILE A 55 -2.85 2.15 -8.28
N VAL A 56 -4.06 2.36 -8.82
CA VAL A 56 -5.25 1.49 -8.65
C VAL A 56 -5.80 1.13 -10.03
N SER A 57 -6.11 -0.16 -10.24
CA SER A 57 -6.72 -0.67 -11.48
C SER A 57 -8.15 -0.16 -11.73
N GLU A 58 -8.69 -0.42 -12.92
CA GLU A 58 -10.12 -0.27 -13.23
C GLU A 58 -11.03 -1.29 -12.52
N LYS A 59 -10.46 -2.26 -11.77
CA LYS A 59 -11.15 -3.34 -11.05
C LYS A 59 -11.14 -3.19 -9.52
N GLY A 60 -10.47 -2.17 -8.98
CA GLY A 60 -10.36 -1.90 -7.53
C GLY A 60 -9.20 -2.64 -6.85
N LEU A 61 -8.04 -2.70 -7.50
CA LEU A 61 -6.83 -3.35 -7.00
C LEU A 61 -5.65 -2.36 -6.99
N HIS A 62 -5.25 -1.90 -5.79
CA HIS A 62 -4.06 -1.07 -5.61
C HIS A 62 -2.77 -1.89 -5.78
N SER A 63 -1.75 -1.29 -6.38
CA SER A 63 -0.40 -1.82 -6.59
C SER A 63 0.65 -0.88 -5.97
N LEU A 64 1.09 -1.20 -4.75
CA LEU A 64 2.24 -0.58 -4.07
C LEU A 64 3.52 -1.27 -4.56
N ILE A 65 4.47 -0.51 -5.11
CA ILE A 65 5.65 -1.02 -5.83
C ILE A 65 6.96 -0.46 -5.23
N PHE A 66 8.03 -1.27 -5.32
CA PHE A 66 9.43 -0.95 -5.00
C PHE A 66 10.32 -1.30 -6.19
N GLU A 67 10.94 -0.31 -6.85
CA GLU A 67 11.91 -0.56 -7.93
C GLU A 67 13.22 -1.21 -7.43
N VAL A 68 13.75 -0.75 -6.29
CA VAL A 68 15.03 -1.18 -5.70
C VAL A 68 14.98 -1.01 -4.17
N VAL A 69 14.52 -2.06 -3.46
CA VAL A 69 14.36 -2.02 -1.99
C VAL A 69 15.71 -2.01 -1.25
N ARG A 70 15.81 -1.25 -0.15
CA ARG A 70 16.99 -1.16 0.74
C ARG A 70 16.63 -1.50 2.18
N ALA A 71 17.64 -1.79 3.02
CA ALA A 71 17.45 -2.17 4.42
C ALA A 71 16.66 -1.14 5.24
N SER A 72 16.83 0.16 4.94
CA SER A 72 16.09 1.28 5.54
C SER A 72 14.58 1.29 5.25
N ASP A 73 14.12 0.55 4.23
CA ASP A 73 12.70 0.43 3.86
C ASP A 73 11.93 -0.62 4.69
N ALA A 74 12.60 -1.40 5.54
CA ALA A 74 11.95 -2.39 6.40
C ALA A 74 10.99 -1.78 7.44
N GLY A 75 9.96 -2.52 7.83
CA GLY A 75 8.98 -2.13 8.85
C GLY A 75 7.53 -2.42 8.51
N ALA A 76 6.61 -1.93 9.35
CA ALA A 76 5.16 -2.01 9.18
C ALA A 76 4.63 -0.88 8.26
N TYR A 77 4.36 -1.21 7.00
CA TYR A 77 3.63 -0.34 6.07
C TYR A 77 2.14 -0.30 6.37
N ALA A 78 1.51 0.84 6.10
CA ALA A 78 0.04 0.99 6.12
C ALA A 78 -0.46 1.88 4.98
N CYS A 79 -1.73 1.70 4.62
CA CYS A 79 -2.45 2.39 3.57
C CYS A 79 -3.80 2.88 4.09
N VAL A 80 -4.22 4.08 3.70
CA VAL A 80 -5.47 4.73 4.14
C VAL A 80 -6.23 5.24 2.92
N ALA A 81 -7.49 4.83 2.79
CA ALA A 81 -8.40 5.17 1.69
C ALA A 81 -9.62 5.94 2.22
N LYS A 82 -9.90 7.13 1.67
CA LYS A 82 -10.91 8.09 2.17
C LYS A 82 -11.79 8.63 1.04
N ASN A 83 -13.11 8.65 1.24
CA ASN A 83 -14.08 9.34 0.39
C ASN A 83 -15.05 10.22 1.21
N ARG A 84 -16.02 10.87 0.55
CA ARG A 84 -17.03 11.77 1.17
C ARG A 84 -17.92 11.11 2.23
N ALA A 85 -17.96 9.78 2.31
CA ALA A 85 -18.82 9.00 3.21
C ALA A 85 -18.06 8.27 4.34
N GLY A 86 -16.73 8.07 4.23
CA GLY A 86 -15.94 7.42 5.27
C GLY A 86 -14.48 7.09 4.91
N GLU A 87 -13.84 6.31 5.78
CA GLU A 87 -12.43 5.94 5.77
C GLU A 87 -12.23 4.42 5.99
N ALA A 88 -11.23 3.83 5.33
CA ALA A 88 -10.75 2.46 5.55
C ALA A 88 -9.20 2.42 5.60
N THR A 89 -8.64 1.37 6.23
CA THR A 89 -7.20 1.21 6.49
C THR A 89 -6.74 -0.22 6.22
N PHE A 90 -5.51 -0.38 5.72
CA PHE A 90 -4.87 -1.66 5.38
C PHE A 90 -3.41 -1.67 5.87
N THR A 91 -2.83 -2.85 6.15
CA THR A 91 -1.52 -3.00 6.82
C THR A 91 -0.74 -4.22 6.31
N VAL A 92 0.60 -4.14 6.27
CA VAL A 92 1.55 -5.26 6.02
C VAL A 92 2.90 -4.99 6.70
N GLN A 93 3.72 -6.03 6.91
CA GLN A 93 5.10 -5.93 7.40
C GLN A 93 6.09 -6.45 6.37
N LEU A 94 7.19 -5.71 6.15
CA LEU A 94 8.26 -6.01 5.19
C LEU A 94 9.61 -6.14 5.91
N ASP A 95 10.16 -7.35 5.97
CA ASP A 95 11.48 -7.67 6.53
C ASP A 95 12.54 -7.75 5.42
N VAL A 96 13.14 -6.61 5.05
CA VAL A 96 14.17 -6.52 4.01
C VAL A 96 15.45 -7.23 4.47
N LEU A 97 15.80 -8.34 3.80
CA LEU A 97 16.97 -9.18 4.05
C LEU A 97 18.23 -8.49 3.49
N ALA A 98 19.01 -7.84 4.36
CA ALA A 98 20.24 -7.12 3.99
C ALA A 98 21.31 -8.04 3.37
N LYS A 99 22.16 -7.49 2.48
CA LYS A 99 23.25 -8.24 1.81
C LYS A 99 24.49 -8.48 2.68
N GLU A 100 24.59 -7.80 3.82
CA GLU A 100 25.68 -7.88 4.82
C GLU A 100 25.88 -9.30 5.42
N GLY A 1 -24.63 6.34 -10.90
CA GLY A 1 -25.82 6.28 -10.02
C GLY A 1 -25.45 6.65 -8.58
N ALA A 2 -25.89 5.84 -7.60
CA ALA A 2 -25.53 6.00 -6.19
C ALA A 2 -24.03 5.78 -5.91
N MET A 3 -23.57 6.19 -4.72
CA MET A 3 -22.17 6.14 -4.27
C MET A 3 -22.06 5.78 -2.77
N GLY A 4 -20.85 5.55 -2.23
CA GLY A 4 -20.67 5.13 -0.83
C GLY A 4 -19.23 4.95 -0.33
N PRO A 5 -19.04 4.69 0.98
CA PRO A 5 -17.73 4.67 1.62
C PRO A 5 -16.85 3.48 1.19
N PRO A 6 -15.52 3.57 1.37
CA PRO A 6 -14.60 2.44 1.20
C PRO A 6 -14.79 1.38 2.31
N ARG A 7 -14.25 0.18 2.10
CA ARG A 7 -14.45 -0.99 2.97
C ARG A 7 -13.19 -1.86 3.09
N PHE A 8 -13.11 -2.64 4.16
CA PHE A 8 -11.94 -3.43 4.59
C PHE A 8 -11.82 -4.78 3.85
N ILE A 9 -11.50 -4.74 2.55
CA ILE A 9 -11.26 -5.94 1.72
C ILE A 9 -9.84 -6.52 1.99
N GLN A 10 -9.52 -7.67 1.38
CA GLN A 10 -8.31 -8.49 1.56
C GLN A 10 -6.97 -7.72 1.51
N VAL A 11 -6.26 -7.71 2.63
CA VAL A 11 -4.81 -7.36 2.71
C VAL A 11 -3.93 -8.53 2.26
N PRO A 12 -2.70 -8.30 1.76
CA PRO A 12 -1.70 -9.34 1.52
C PRO A 12 -1.04 -9.81 2.84
N GLU A 13 -0.33 -10.93 2.80
CA GLU A 13 0.55 -11.38 3.89
C GLU A 13 1.85 -10.55 3.95
N ASN A 14 2.58 -10.65 5.08
CA ASN A 14 3.92 -10.05 5.23
C ASN A 14 4.96 -10.65 4.27
N MET A 15 6.09 -9.96 4.06
CA MET A 15 7.16 -10.36 3.15
C MET A 15 8.56 -10.22 3.76
N SER A 16 9.54 -10.92 3.16
CA SER A 16 10.97 -10.92 3.51
C SER A 16 11.83 -10.94 2.24
N ILE A 17 12.18 -9.74 1.75
CA ILE A 17 12.77 -9.52 0.41
C ILE A 17 14.28 -9.24 0.49
N ASP A 18 15.07 -9.82 -0.40
CA ASP A 18 16.51 -9.57 -0.52
C ASP A 18 16.82 -8.14 -1.02
N GLU A 19 17.70 -7.44 -0.32
CA GLU A 19 18.13 -6.06 -0.63
C GLU A 19 18.63 -5.91 -2.08
N GLY A 20 18.04 -4.95 -2.81
CA GLY A 20 18.34 -4.61 -4.20
C GLY A 20 17.36 -5.21 -5.22
N ARG A 21 16.44 -6.11 -4.83
CA ARG A 21 15.39 -6.65 -5.71
C ARG A 21 14.26 -5.65 -6.01
N PHE A 22 13.54 -5.92 -7.09
CA PHE A 22 12.16 -5.45 -7.31
C PHE A 22 11.18 -6.29 -6.47
N CYS A 23 10.16 -5.67 -5.89
CA CYS A 23 8.95 -6.35 -5.39
C CYS A 23 7.70 -5.46 -5.45
N ARG A 24 6.53 -6.03 -5.15
CA ARG A 24 5.23 -5.34 -5.05
C ARG A 24 4.33 -5.96 -3.97
N MET A 25 3.25 -5.25 -3.64
CA MET A 25 2.16 -5.68 -2.76
C MET A 25 0.79 -5.54 -3.45
N ASP A 26 -0.21 -6.26 -2.95
CA ASP A 26 -1.52 -6.47 -3.61
C ASP A 26 -2.68 -6.35 -2.60
N PHE A 27 -3.30 -5.17 -2.53
CA PHE A 27 -4.38 -4.82 -1.61
C PHE A 27 -5.71 -4.66 -2.35
N LYS A 28 -6.68 -5.57 -2.13
CA LYS A 28 -8.05 -5.37 -2.62
C LYS A 28 -8.71 -4.19 -1.89
N VAL A 29 -9.59 -3.46 -2.58
CA VAL A 29 -10.24 -2.23 -2.08
C VAL A 29 -11.63 -2.04 -2.72
N SER A 30 -12.50 -1.24 -2.10
CA SER A 30 -13.86 -0.90 -2.57
C SER A 30 -14.23 0.56 -2.25
N GLY A 31 -15.46 0.96 -2.56
CA GLY A 31 -16.02 2.31 -2.38
C GLY A 31 -16.14 3.11 -3.69
N LEU A 32 -16.97 4.15 -3.69
CA LEU A 32 -17.22 5.04 -4.84
C LEU A 32 -17.58 6.47 -4.33
N PRO A 33 -16.96 7.55 -4.85
CA PRO A 33 -15.89 7.58 -5.85
C PRO A 33 -14.58 6.96 -5.31
N ALA A 34 -13.62 6.74 -6.23
CA ALA A 34 -12.32 6.14 -5.94
C ALA A 34 -11.57 6.92 -4.83
N PRO A 35 -11.19 6.29 -3.70
CA PRO A 35 -10.61 6.99 -2.56
C PRO A 35 -9.20 7.51 -2.83
N ASP A 36 -8.83 8.60 -2.15
CA ASP A 36 -7.43 9.01 -1.94
C ASP A 36 -6.76 8.06 -0.94
N VAL A 37 -5.47 7.75 -1.13
CA VAL A 37 -4.75 6.65 -0.47
C VAL A 37 -3.44 7.13 0.16
N SER A 38 -3.53 7.60 1.41
CA SER A 38 -2.38 8.04 2.22
C SER A 38 -1.61 6.84 2.78
N TRP A 39 -0.36 6.64 2.34
CA TRP A 39 0.53 5.57 2.84
C TRP A 39 1.41 6.02 4.01
N TYR A 40 1.80 5.05 4.84
CA TYR A 40 2.57 5.22 6.07
C TYR A 40 3.55 4.04 6.30
N LEU A 41 4.58 4.28 7.13
CA LEU A 41 5.60 3.32 7.57
C LEU A 41 6.02 3.63 9.02
N ASN A 42 5.82 2.68 9.93
CA ASN A 42 6.16 2.75 11.37
C ASN A 42 5.56 3.97 12.13
N GLY A 43 4.58 4.67 11.54
CA GLY A 43 3.93 5.88 12.05
C GLY A 43 4.29 7.19 11.33
N ARG A 44 5.31 7.19 10.46
CA ARG A 44 5.64 8.30 9.54
C ARG A 44 4.89 8.15 8.21
N THR A 45 4.71 9.24 7.47
CA THR A 45 4.13 9.24 6.11
C THR A 45 5.08 8.63 5.06
N VAL A 46 4.51 8.15 3.95
CA VAL A 46 5.21 7.65 2.76
C VAL A 46 4.55 8.24 1.51
N GLN A 47 5.21 9.21 0.87
CA GLN A 47 4.79 9.75 -0.43
C GLN A 47 5.09 8.76 -1.58
N SER A 48 4.40 8.92 -2.72
CA SER A 48 4.73 8.21 -3.96
C SER A 48 6.06 8.69 -4.57
N ASP A 49 6.69 7.84 -5.38
CA ASP A 49 7.92 8.13 -6.13
C ASP A 49 8.02 7.26 -7.39
N ASP A 50 8.95 7.56 -8.31
CA ASP A 50 9.30 6.68 -9.43
C ASP A 50 9.75 5.27 -8.96
N LEU A 51 10.47 5.19 -7.84
CA LEU A 51 10.87 3.94 -7.19
C LEU A 51 9.75 3.29 -6.35
N HIS A 52 8.71 4.05 -5.98
CA HIS A 52 7.64 3.67 -5.05
C HIS A 52 6.26 4.05 -5.61
N LYS A 53 5.84 3.33 -6.66
CA LYS A 53 4.63 3.59 -7.44
C LYS A 53 3.37 3.22 -6.66
N MET A 54 2.31 4.02 -6.82
CA MET A 54 1.04 3.94 -6.08
C MET A 54 -0.14 4.12 -7.06
N ILE A 55 -0.75 3.02 -7.49
CA ILE A 55 -1.85 2.98 -8.46
C ILE A 55 -2.95 1.99 -8.04
N VAL A 56 -4.17 2.14 -8.58
CA VAL A 56 -5.34 1.32 -8.26
C VAL A 56 -6.19 1.03 -9.50
N SER A 57 -6.39 -0.26 -9.80
CA SER A 57 -7.22 -0.74 -10.92
C SER A 57 -8.71 -0.47 -10.67
N GLU A 58 -9.46 -0.25 -11.76
CA GLU A 58 -10.91 0.08 -11.75
C GLU A 58 -11.77 -0.97 -11.01
N LYS A 59 -11.38 -2.25 -11.12
CA LYS A 59 -12.04 -3.41 -10.48
C LYS A 59 -11.73 -3.59 -8.98
N GLY A 60 -10.92 -2.71 -8.38
CA GLY A 60 -10.70 -2.63 -6.93
C GLY A 60 -9.46 -3.36 -6.42
N LEU A 61 -8.30 -3.12 -7.04
CA LEU A 61 -7.00 -3.68 -6.66
C LEU A 61 -5.91 -2.59 -6.64
N HIS A 62 -5.49 -2.18 -5.43
CA HIS A 62 -4.44 -1.20 -5.18
C HIS A 62 -3.05 -1.86 -5.15
N SER A 63 -2.18 -1.44 -6.07
CA SER A 63 -0.77 -1.83 -6.16
C SER A 63 0.14 -0.86 -5.40
N LEU A 64 1.22 -1.39 -4.80
CA LEU A 64 2.29 -0.66 -4.13
C LEU A 64 3.64 -1.31 -4.50
N ILE A 65 4.51 -0.59 -5.21
CA ILE A 65 5.76 -1.11 -5.82
C ILE A 65 7.01 -0.70 -5.00
N PHE A 66 8.07 -1.49 -5.10
CA PHE A 66 9.45 -1.16 -4.71
C PHE A 66 10.42 -1.55 -5.84
N GLU A 67 10.98 -0.57 -6.56
CA GLU A 67 11.93 -0.82 -7.65
C GLU A 67 13.26 -1.47 -7.20
N VAL A 68 13.86 -0.98 -6.11
CA VAL A 68 15.21 -1.38 -5.64
C VAL A 68 15.33 -1.25 -4.11
N VAL A 69 14.63 -2.13 -3.39
CA VAL A 69 14.43 -2.07 -1.93
C VAL A 69 15.75 -2.09 -1.13
N ARG A 70 15.83 -1.32 -0.03
CA ARG A 70 16.97 -1.24 0.90
C ARG A 70 16.57 -1.63 2.34
N ALA A 71 17.55 -1.95 3.18
CA ALA A 71 17.34 -2.28 4.60
C ALA A 71 16.58 -1.19 5.38
N SER A 72 16.74 0.09 5.01
CA SER A 72 16.02 1.25 5.55
C SER A 72 14.52 1.28 5.22
N ASP A 73 14.05 0.53 4.22
CA ASP A 73 12.63 0.40 3.85
C ASP A 73 11.87 -0.63 4.71
N ALA A 74 12.54 -1.41 5.56
CA ALA A 74 11.89 -2.40 6.42
C ALA A 74 10.96 -1.77 7.48
N GLY A 75 9.90 -2.49 7.86
CA GLY A 75 8.95 -2.09 8.91
C GLY A 75 7.49 -2.43 8.62
N ALA A 76 6.60 -1.97 9.50
CA ALA A 76 5.15 -2.06 9.39
C ALA A 76 4.58 -0.94 8.49
N TYR A 77 4.16 -1.29 7.27
CA TYR A 77 3.46 -0.39 6.35
C TYR A 77 1.95 -0.33 6.64
N ALA A 78 1.33 0.81 6.33
CA ALA A 78 -0.12 0.97 6.35
C ALA A 78 -0.61 1.92 5.24
N CYS A 79 -1.90 1.86 4.93
CA CYS A 79 -2.59 2.73 3.98
C CYS A 79 -3.97 3.13 4.53
N VAL A 80 -4.37 4.38 4.33
CA VAL A 80 -5.66 4.96 4.76
C VAL A 80 -6.41 5.48 3.53
N ALA A 81 -7.42 4.74 3.10
CA ALA A 81 -8.30 5.04 1.97
C ALA A 81 -9.48 5.94 2.42
N LYS A 82 -9.63 7.12 1.81
CA LYS A 82 -10.67 8.13 2.14
C LYS A 82 -11.40 8.65 0.90
N ASN A 83 -12.73 8.71 0.94
CA ASN A 83 -13.56 9.43 -0.03
C ASN A 83 -14.61 10.33 0.67
N ARG A 84 -15.45 11.00 -0.12
CA ARG A 84 -16.51 11.92 0.36
C ARG A 84 -17.57 11.32 1.30
N ALA A 85 -17.64 9.98 1.40
CA ALA A 85 -18.61 9.24 2.20
C ALA A 85 -18.02 8.48 3.42
N GLY A 86 -16.70 8.25 3.47
CA GLY A 86 -16.07 7.56 4.61
C GLY A 86 -14.59 7.19 4.44
N GLU A 87 -14.10 6.36 5.38
CA GLU A 87 -12.69 5.97 5.56
C GLU A 87 -12.54 4.46 5.82
N ALA A 88 -11.48 3.85 5.30
CA ALA A 88 -11.01 2.50 5.62
C ALA A 88 -9.47 2.44 5.72
N THR A 89 -8.93 1.39 6.36
CA THR A 89 -7.50 1.27 6.68
C THR A 89 -6.99 -0.14 6.41
N PHE A 90 -5.73 -0.25 5.95
CA PHE A 90 -5.05 -1.48 5.58
C PHE A 90 -3.61 -1.51 6.16
N THR A 91 -3.06 -2.70 6.43
CA THR A 91 -1.76 -2.89 7.12
C THR A 91 -1.02 -4.13 6.62
N VAL A 92 0.32 -4.09 6.58
CA VAL A 92 1.24 -5.22 6.30
C VAL A 92 2.61 -4.99 6.95
N GLN A 93 3.52 -5.97 6.90
CA GLN A 93 4.92 -5.83 7.35
C GLN A 93 5.89 -6.33 6.27
N LEU A 94 7.05 -5.66 6.16
CA LEU A 94 8.14 -5.95 5.23
C LEU A 94 9.46 -6.05 5.99
N ASP A 95 10.02 -7.26 6.10
CA ASP A 95 11.44 -7.45 6.37
C ASP A 95 12.26 -7.26 5.08
N VAL A 96 13.47 -6.73 5.20
CA VAL A 96 14.42 -6.58 4.08
C VAL A 96 15.77 -7.19 4.47
N LEU A 97 16.07 -8.35 3.88
CA LEU A 97 17.29 -9.14 4.11
C LEU A 97 18.50 -8.42 3.48
N ALA A 98 19.31 -7.75 4.31
CA ALA A 98 20.45 -6.94 3.88
C ALA A 98 21.50 -7.75 3.09
N LYS A 99 22.24 -7.08 2.19
CA LYS A 99 23.27 -7.68 1.32
C LYS A 99 24.48 -8.19 2.09
N GLU A 100 24.94 -7.44 3.11
CA GLU A 100 26.05 -7.80 4.01
C GLU A 100 25.68 -8.91 5.01
N GLY A 1 -27.72 6.66 -9.07
CA GLY A 1 -27.16 5.40 -8.53
C GLY A 1 -26.60 5.59 -7.13
N ALA A 2 -26.69 4.56 -6.29
CA ALA A 2 -26.14 4.55 -4.93
C ALA A 2 -24.59 4.61 -4.89
N MET A 3 -24.03 4.97 -3.72
CA MET A 3 -22.59 5.07 -3.44
C MET A 3 -22.28 4.69 -1.97
N GLY A 4 -21.00 4.60 -1.58
CA GLY A 4 -20.64 4.13 -0.22
C GLY A 4 -19.14 4.10 0.13
N PRO A 5 -18.82 3.79 1.41
CA PRO A 5 -17.46 3.88 1.95
C PRO A 5 -16.53 2.78 1.43
N PRO A 6 -15.20 2.94 1.57
CA PRO A 6 -14.22 1.88 1.28
C PRO A 6 -14.34 0.71 2.28
N ARG A 7 -13.89 -0.49 1.86
CA ARG A 7 -14.05 -1.75 2.63
C ARG A 7 -12.86 -2.70 2.42
N PHE A 8 -12.59 -3.51 3.45
CA PHE A 8 -11.54 -4.53 3.50
C PHE A 8 -11.95 -5.80 2.73
N ILE A 9 -11.75 -5.81 1.41
CA ILE A 9 -11.97 -6.99 0.56
C ILE A 9 -10.82 -8.00 0.73
N GLN A 10 -9.58 -7.58 0.50
CA GLN A 10 -8.36 -8.39 0.70
C GLN A 10 -7.13 -7.50 0.95
N VAL A 11 -6.24 -7.97 1.82
CA VAL A 11 -4.90 -7.40 2.08
C VAL A 11 -3.83 -8.51 2.05
N PRO A 12 -2.56 -8.22 1.69
CA PRO A 12 -1.48 -9.20 1.73
C PRO A 12 -1.01 -9.52 3.16
N GLU A 13 -0.45 -10.70 3.37
CA GLU A 13 0.28 -11.08 4.59
C GLU A 13 1.68 -10.43 4.67
N ASN A 14 2.36 -10.55 5.81
CA ASN A 14 3.73 -10.04 5.99
C ASN A 14 4.74 -10.73 5.05
N MET A 15 5.84 -10.03 4.73
CA MET A 15 6.80 -10.41 3.68
C MET A 15 8.26 -10.28 4.16
N SER A 16 9.17 -11.02 3.52
CA SER A 16 10.61 -11.02 3.79
C SER A 16 11.43 -11.11 2.50
N ILE A 17 12.16 -10.04 2.16
CA ILE A 17 12.73 -9.80 0.82
C ILE A 17 14.22 -9.45 0.92
N ASP A 18 15.08 -10.15 0.17
CA ASP A 18 16.51 -9.87 0.05
C ASP A 18 16.81 -8.46 -0.52
N GLU A 19 17.70 -7.71 0.13
CA GLU A 19 18.07 -6.33 -0.23
C GLU A 19 18.52 -6.19 -1.70
N GLY A 20 18.04 -5.14 -2.37
CA GLY A 20 18.37 -4.80 -3.76
C GLY A 20 17.45 -5.40 -4.83
N ARG A 21 16.53 -6.29 -4.46
CA ARG A 21 15.53 -6.87 -5.38
C ARG A 21 14.44 -5.87 -5.79
N PHE A 22 13.80 -6.17 -6.92
CA PHE A 22 12.44 -5.71 -7.24
C PHE A 22 11.41 -6.42 -6.36
N CYS A 23 10.36 -5.73 -5.94
CA CYS A 23 9.22 -6.31 -5.22
C CYS A 23 7.90 -5.57 -5.55
N ARG A 24 6.75 -6.17 -5.19
CA ARG A 24 5.43 -5.53 -5.21
C ARG A 24 4.50 -6.05 -4.12
N MET A 25 3.48 -5.26 -3.79
CA MET A 25 2.34 -5.61 -2.93
C MET A 25 1.04 -5.22 -3.64
N ASP A 26 -0.05 -5.93 -3.35
CA ASP A 26 -1.34 -5.77 -4.03
C ASP A 26 -2.52 -5.96 -3.05
N PHE A 27 -3.41 -4.96 -3.00
CA PHE A 27 -4.56 -4.82 -2.10
C PHE A 27 -5.86 -4.69 -2.92
N LYS A 28 -7.01 -5.03 -2.34
CA LYS A 28 -8.34 -4.88 -2.95
C LYS A 28 -9.17 -3.85 -2.18
N VAL A 29 -9.30 -2.65 -2.76
CA VAL A 29 -9.85 -1.44 -2.15
C VAL A 29 -11.21 -1.11 -2.79
N SER A 30 -12.30 -1.49 -2.12
CA SER A 30 -13.68 -1.16 -2.51
C SER A 30 -14.03 0.33 -2.25
N GLY A 31 -15.29 0.71 -2.48
CA GLY A 31 -15.87 2.04 -2.23
C GLY A 31 -16.19 2.81 -3.52
N LEU A 32 -17.14 3.74 -3.41
CA LEU A 32 -17.60 4.62 -4.50
C LEU A 32 -18.01 5.99 -3.91
N PRO A 33 -17.47 7.14 -4.38
CA PRO A 33 -16.43 7.28 -5.39
C PRO A 33 -15.07 6.71 -4.93
N ALA A 34 -14.13 6.58 -5.87
CA ALA A 34 -12.78 6.07 -5.61
C ALA A 34 -12.06 6.89 -4.51
N PRO A 35 -11.56 6.25 -3.43
CA PRO A 35 -10.99 6.97 -2.29
C PRO A 35 -9.66 7.66 -2.62
N ASP A 36 -9.38 8.76 -1.91
CA ASP A 36 -8.08 9.41 -1.83
C ASP A 36 -7.10 8.52 -1.02
N VAL A 37 -5.83 8.47 -1.42
CA VAL A 37 -4.82 7.51 -0.95
C VAL A 37 -3.66 8.23 -0.25
N SER A 38 -3.35 7.81 0.99
CA SER A 38 -2.22 8.29 1.79
C SER A 38 -1.46 7.12 2.44
N TRP A 39 -0.26 6.81 1.92
CA TRP A 39 0.62 5.77 2.47
C TRP A 39 1.46 6.27 3.66
N TYR A 40 1.84 5.32 4.52
CA TYR A 40 2.64 5.50 5.73
C TYR A 40 3.61 4.32 5.94
N LEU A 41 4.65 4.53 6.76
CA LEU A 41 5.65 3.55 7.19
C LEU A 41 6.11 3.87 8.62
N ASN A 42 5.90 2.95 9.57
CA ASN A 42 6.26 3.05 10.99
C ASN A 42 5.70 4.30 11.72
N GLY A 43 4.70 4.97 11.15
CA GLY A 43 4.06 6.20 11.65
C GLY A 43 4.45 7.49 10.91
N ARG A 44 5.49 7.47 10.07
CA ARG A 44 5.84 8.55 9.12
C ARG A 44 5.05 8.40 7.82
N THR A 45 4.85 9.51 7.08
CA THR A 45 4.23 9.50 5.74
C THR A 45 5.14 8.86 4.68
N VAL A 46 4.55 8.40 3.58
CA VAL A 46 5.20 7.89 2.36
C VAL A 46 4.55 8.53 1.14
N GLN A 47 5.34 8.83 0.11
CA GLN A 47 4.89 9.43 -1.16
C GLN A 47 5.51 8.68 -2.35
N SER A 48 4.86 8.73 -3.51
CA SER A 48 5.35 8.09 -4.75
C SER A 48 6.55 8.81 -5.37
N ASP A 49 7.42 8.05 -6.03
CA ASP A 49 8.60 8.52 -6.79
C ASP A 49 8.99 7.52 -7.90
N ASP A 50 10.12 7.74 -8.58
CA ASP A 50 10.62 6.90 -9.69
C ASP A 50 10.90 5.43 -9.30
N LEU A 51 11.06 5.12 -8.01
CA LEU A 51 11.34 3.79 -7.45
C LEU A 51 10.18 3.21 -6.60
N HIS A 52 9.24 4.06 -6.17
CA HIS A 52 8.08 3.73 -5.34
C HIS A 52 6.78 4.13 -6.05
N LYS A 53 6.12 3.17 -6.69
CA LYS A 53 5.00 3.39 -7.62
C LYS A 53 3.68 2.84 -7.05
N MET A 54 2.78 3.74 -6.68
CA MET A 54 1.50 3.45 -6.01
C MET A 54 0.33 3.89 -6.91
N ILE A 55 -0.41 2.90 -7.45
CA ILE A 55 -1.48 3.07 -8.46
C ILE A 55 -2.70 2.19 -8.15
N VAL A 56 -3.86 2.51 -8.74
CA VAL A 56 -5.16 1.85 -8.52
C VAL A 56 -5.82 1.51 -9.86
N SER A 57 -6.04 0.21 -10.12
CA SER A 57 -6.76 -0.29 -11.30
C SER A 57 -8.25 0.07 -11.29
N GLU A 58 -8.92 -0.02 -12.43
CA GLU A 58 -10.35 0.28 -12.63
C GLU A 58 -11.28 -0.54 -11.71
N LYS A 59 -10.87 -1.77 -11.35
CA LYS A 59 -11.59 -2.69 -10.46
C LYS A 59 -11.30 -2.50 -8.96
N GLY A 60 -10.46 -1.53 -8.59
CA GLY A 60 -10.08 -1.23 -7.21
C GLY A 60 -8.86 -2.01 -6.68
N LEU A 61 -8.19 -2.78 -7.54
CA LEU A 61 -6.89 -3.42 -7.24
C LEU A 61 -5.80 -2.34 -7.09
N HIS A 62 -5.38 -2.07 -5.86
CA HIS A 62 -4.36 -1.07 -5.50
C HIS A 62 -2.98 -1.74 -5.35
N SER A 63 -2.04 -1.38 -6.25
CA SER A 63 -0.68 -1.91 -6.26
C SER A 63 0.34 -0.93 -5.66
N LEU A 64 1.43 -1.47 -5.10
CA LEU A 64 2.59 -0.77 -4.53
C LEU A 64 3.87 -1.48 -5.00
N ILE A 65 4.58 -0.92 -5.98
CA ILE A 65 5.81 -1.48 -6.55
C ILE A 65 7.05 -0.83 -5.90
N PHE A 66 8.06 -1.65 -5.62
CA PHE A 66 9.41 -1.29 -5.16
C PHE A 66 10.43 -1.70 -6.24
N GLU A 67 10.98 -0.74 -6.99
CA GLU A 67 11.96 -1.03 -8.05
C GLU A 67 13.28 -1.61 -7.52
N VAL A 68 13.78 -1.10 -6.38
CA VAL A 68 15.03 -1.54 -5.72
C VAL A 68 14.94 -1.28 -4.21
N VAL A 69 14.51 -2.29 -3.44
CA VAL A 69 14.33 -2.18 -1.99
C VAL A 69 15.67 -2.10 -1.24
N ARG A 70 15.74 -1.29 -0.17
CA ARG A 70 16.90 -1.13 0.74
C ARG A 70 16.54 -1.42 2.19
N ALA A 71 17.54 -1.72 3.03
CA ALA A 71 17.34 -2.12 4.43
C ALA A 71 16.54 -1.09 5.27
N SER A 72 16.68 0.20 4.96
CA SER A 72 15.93 1.30 5.59
C SER A 72 14.41 1.28 5.30
N ASP A 73 13.97 0.59 4.24
CA ASP A 73 12.56 0.46 3.84
C ASP A 73 11.78 -0.58 4.67
N ALA A 74 12.43 -1.31 5.59
CA ALA A 74 11.78 -2.29 6.46
C ALA A 74 10.78 -1.67 7.46
N GLY A 75 9.81 -2.48 7.90
CA GLY A 75 8.83 -2.13 8.93
C GLY A 75 7.36 -2.30 8.53
N ALA A 76 6.47 -1.75 9.36
CA ALA A 76 5.02 -1.77 9.18
C ALA A 76 4.55 -0.64 8.24
N TYR A 77 4.18 -0.97 7.01
CA TYR A 77 3.49 -0.08 6.07
C TYR A 77 1.98 -0.01 6.38
N ALA A 78 1.36 1.13 6.05
CA ALA A 78 -0.10 1.30 6.07
C ALA A 78 -0.58 2.21 4.92
N CYS A 79 -1.86 2.10 4.58
CA CYS A 79 -2.53 2.86 3.53
C CYS A 79 -3.92 3.33 3.99
N VAL A 80 -4.02 4.62 4.32
CA VAL A 80 -5.30 5.30 4.59
C VAL A 80 -6.02 5.56 3.27
N ALA A 81 -7.30 5.18 3.20
CA ALA A 81 -8.21 5.33 2.07
C ALA A 81 -9.51 6.03 2.52
N LYS A 82 -9.82 7.21 1.96
CA LYS A 82 -10.95 8.07 2.38
C LYS A 82 -11.80 8.54 1.19
N ASN A 83 -13.12 8.46 1.30
CA ASN A 83 -14.08 9.11 0.39
C ASN A 83 -15.18 9.86 1.15
N ARG A 84 -16.13 10.49 0.44
CA ARG A 84 -17.25 11.27 0.99
C ARG A 84 -18.21 10.50 1.92
N ALA A 85 -18.14 9.17 1.96
CA ALA A 85 -19.00 8.30 2.76
C ALA A 85 -18.28 7.58 3.92
N GLY A 86 -16.95 7.53 3.96
CA GLY A 86 -16.19 6.91 5.05
C GLY A 86 -14.68 6.68 4.78
N GLU A 87 -14.07 5.92 5.69
CA GLU A 87 -12.61 5.71 5.82
C GLU A 87 -12.26 4.23 6.07
N ALA A 88 -11.13 3.79 5.53
CA ALA A 88 -10.44 2.54 5.86
C ALA A 88 -8.92 2.76 5.98
N THR A 89 -8.22 1.86 6.67
CA THR A 89 -6.75 1.88 6.84
C THR A 89 -6.18 0.47 6.74
N PHE A 90 -5.64 0.10 5.58
CA PHE A 90 -5.00 -1.19 5.32
C PHE A 90 -3.56 -1.23 5.89
N THR A 91 -3.02 -2.41 6.21
CA THR A 91 -1.73 -2.59 6.89
C THR A 91 -0.98 -3.83 6.39
N VAL A 92 0.36 -3.78 6.33
CA VAL A 92 1.26 -4.92 6.04
C VAL A 92 2.64 -4.69 6.69
N GLN A 93 3.48 -5.72 6.79
CA GLN A 93 4.85 -5.64 7.35
C GLN A 93 5.88 -6.25 6.38
N LEU A 94 7.06 -5.62 6.27
CA LEU A 94 8.16 -5.99 5.37
C LEU A 94 9.50 -6.09 6.12
N ASP A 95 10.01 -7.32 6.26
CA ASP A 95 11.37 -7.60 6.75
C ASP A 95 12.39 -7.59 5.59
N VAL A 96 12.98 -6.44 5.27
CA VAL A 96 14.05 -6.35 4.27
C VAL A 96 15.33 -7.01 4.81
N LEU A 97 15.65 -8.20 4.30
CA LEU A 97 16.80 -9.01 4.65
C LEU A 97 18.09 -8.38 4.09
N ALA A 98 18.81 -7.62 4.92
CA ALA A 98 20.01 -6.86 4.53
C ALA A 98 21.14 -7.76 3.99
N LYS A 99 21.92 -7.26 3.01
CA LYS A 99 23.07 -7.97 2.40
C LYS A 99 24.43 -7.67 3.04
N GLU A 100 24.53 -6.62 3.86
CA GLU A 100 25.74 -6.21 4.60
C GLU A 100 26.21 -7.25 5.64
N GLY A 1 -27.78 7.80 -8.51
CA GLY A 1 -27.33 6.46 -8.02
C GLY A 1 -26.72 6.56 -6.63
N ALA A 2 -26.92 5.53 -5.80
CA ALA A 2 -26.36 5.43 -4.46
C ALA A 2 -24.81 5.30 -4.45
N MET A 3 -24.20 5.60 -3.30
CA MET A 3 -22.74 5.56 -3.06
C MET A 3 -22.44 5.19 -1.58
N GLY A 4 -21.15 5.02 -1.20
CA GLY A 4 -20.81 4.57 0.16
C GLY A 4 -19.31 4.45 0.50
N PRO A 5 -18.99 4.17 1.79
CA PRO A 5 -17.62 4.19 2.31
C PRO A 5 -16.74 3.04 1.78
N PRO A 6 -15.40 3.16 1.85
CA PRO A 6 -14.48 2.08 1.50
C PRO A 6 -14.56 0.90 2.49
N ARG A 7 -14.14 -0.29 2.06
CA ARG A 7 -14.29 -1.57 2.78
C ARG A 7 -13.11 -2.53 2.59
N PHE A 8 -12.99 -3.50 3.49
CA PHE A 8 -11.94 -4.53 3.53
C PHE A 8 -12.26 -5.71 2.60
N ILE A 9 -11.67 -5.73 1.40
CA ILE A 9 -11.82 -6.83 0.44
C ILE A 9 -10.73 -7.89 0.64
N GLN A 10 -9.47 -7.58 0.34
CA GLN A 10 -8.31 -8.47 0.55
C GLN A 10 -6.99 -7.68 0.70
N VAL A 11 -6.10 -8.17 1.56
CA VAL A 11 -4.72 -7.68 1.74
C VAL A 11 -3.71 -8.84 1.60
N PRO A 12 -2.45 -8.57 1.21
CA PRO A 12 -1.39 -9.58 1.22
C PRO A 12 -0.96 -9.95 2.65
N GLU A 13 -0.42 -11.15 2.82
CA GLU A 13 0.30 -11.56 4.05
C GLU A 13 1.69 -10.88 4.13
N ASN A 14 2.42 -11.08 5.24
CA ASN A 14 3.79 -10.58 5.39
C ASN A 14 4.74 -11.15 4.31
N MET A 15 5.79 -10.39 3.97
CA MET A 15 6.70 -10.65 2.85
C MET A 15 8.17 -10.47 3.27
N SER A 16 9.09 -11.06 2.51
CA SER A 16 10.54 -10.89 2.64
C SER A 16 11.22 -10.86 1.26
N ILE A 17 12.13 -9.90 1.05
CA ILE A 17 12.75 -9.57 -0.25
C ILE A 17 14.24 -9.27 -0.04
N ASP A 18 15.11 -9.85 -0.87
CA ASP A 18 16.55 -9.57 -0.90
C ASP A 18 16.86 -8.11 -1.29
N GLU A 19 17.74 -7.44 -0.54
CA GLU A 19 18.15 -6.05 -0.75
C GLU A 19 18.61 -5.78 -2.19
N GLY A 20 18.04 -4.75 -2.83
CA GLY A 20 18.34 -4.29 -4.18
C GLY A 20 17.39 -4.78 -5.27
N ARG A 21 16.48 -5.73 -4.98
CA ARG A 21 15.48 -6.23 -5.94
C ARG A 21 14.32 -5.24 -6.18
N PHE A 22 13.60 -5.46 -7.28
CA PHE A 22 12.24 -4.97 -7.52
C PHE A 22 11.22 -5.74 -6.65
N CYS A 23 10.12 -5.10 -6.27
CA CYS A 23 8.97 -5.74 -5.61
C CYS A 23 7.65 -5.02 -5.97
N ARG A 24 6.51 -5.72 -5.88
CA ARG A 24 5.16 -5.13 -5.83
C ARG A 24 4.23 -5.85 -4.85
N MET A 25 3.12 -5.19 -4.52
CA MET A 25 2.03 -5.69 -3.65
C MET A 25 0.65 -5.46 -4.30
N ASP A 26 -0.36 -6.18 -3.83
CA ASP A 26 -1.69 -6.29 -4.48
C ASP A 26 -2.83 -6.20 -3.44
N PHE A 27 -3.37 -5.01 -3.23
CA PHE A 27 -4.45 -4.71 -2.28
C PHE A 27 -5.79 -4.52 -3.01
N LYS A 28 -6.78 -5.39 -2.75
CA LYS A 28 -8.15 -5.22 -3.26
C LYS A 28 -8.91 -4.20 -2.42
N VAL A 29 -9.55 -3.23 -3.06
CA VAL A 29 -10.24 -2.08 -2.46
C VAL A 29 -11.63 -1.89 -3.07
N SER A 30 -12.59 -1.39 -2.29
CA SER A 30 -13.95 -1.03 -2.72
C SER A 30 -14.39 0.32 -2.12
N GLY A 31 -15.65 0.72 -2.34
CA GLY A 31 -16.25 2.01 -2.00
C GLY A 31 -16.55 2.87 -3.24
N LEU A 32 -17.42 3.88 -3.08
CA LEU A 32 -17.84 4.80 -4.14
C LEU A 32 -18.14 6.20 -3.56
N PRO A 33 -17.58 7.30 -4.10
CA PRO A 33 -16.59 7.36 -5.18
C PRO A 33 -15.24 6.75 -4.78
N ALA A 34 -14.34 6.58 -5.76
CA ALA A 34 -13.00 6.02 -5.56
C ALA A 34 -12.20 6.85 -4.52
N PRO A 35 -11.69 6.22 -3.44
CA PRO A 35 -11.04 6.96 -2.35
C PRO A 35 -9.68 7.55 -2.75
N ASP A 36 -9.31 8.66 -2.09
CA ASP A 36 -7.93 9.15 -2.00
C ASP A 36 -7.14 8.25 -1.04
N VAL A 37 -5.84 8.05 -1.30
CA VAL A 37 -4.98 7.07 -0.60
C VAL A 37 -3.66 7.69 -0.12
N SER A 38 -3.27 7.37 1.12
CA SER A 38 -2.06 7.85 1.81
C SER A 38 -1.34 6.70 2.52
N TRP A 39 -0.08 6.43 2.13
CA TRP A 39 0.74 5.36 2.71
C TRP A 39 1.59 5.81 3.90
N TYR A 40 1.95 4.84 4.74
CA TYR A 40 2.70 4.96 5.98
C TYR A 40 3.65 3.76 6.19
N LEU A 41 4.66 3.92 7.04
CA LEU A 41 5.65 2.92 7.44
C LEU A 41 6.06 3.15 8.90
N ASN A 42 5.79 2.18 9.79
CA ASN A 42 6.09 2.19 11.23
C ASN A 42 5.51 3.40 12.01
N GLY A 43 4.59 4.16 11.42
CA GLY A 43 3.96 5.38 11.96
C GLY A 43 4.38 6.69 11.27
N ARG A 44 5.46 6.69 10.47
CA ARG A 44 5.84 7.80 9.58
C ARG A 44 5.05 7.73 8.26
N THR A 45 4.91 8.84 7.55
CA THR A 45 4.32 8.89 6.19
C THR A 45 5.26 8.29 5.13
N VAL A 46 4.68 7.87 3.99
CA VAL A 46 5.38 7.41 2.78
C VAL A 46 4.74 8.07 1.55
N GLN A 47 5.27 9.23 1.16
CA GLN A 47 4.93 9.88 -0.11
C GLN A 47 5.47 9.06 -1.29
N SER A 48 4.73 9.00 -2.41
CA SER A 48 5.18 8.38 -3.66
C SER A 48 6.30 9.19 -4.33
N ASP A 49 7.19 8.52 -5.06
CA ASP A 49 8.31 9.09 -5.80
C ASP A 49 8.74 8.19 -6.99
N ASP A 50 9.85 8.53 -7.67
CA ASP A 50 10.38 7.79 -8.83
C ASP A 50 10.75 6.32 -8.55
N LEU A 51 10.93 5.92 -7.28
CA LEU A 51 11.28 4.56 -6.85
C LEU A 51 10.15 3.87 -6.04
N HIS A 52 9.16 4.63 -5.57
CA HIS A 52 8.04 4.19 -4.74
C HIS A 52 6.71 4.61 -5.39
N LYS A 53 6.08 3.71 -6.14
CA LYS A 53 4.93 4.01 -7.03
C LYS A 53 3.64 3.42 -6.49
N MET A 54 2.61 4.26 -6.34
CA MET A 54 1.32 3.96 -5.71
C MET A 54 0.17 4.39 -6.64
N ILE A 55 -0.54 3.42 -7.23
CA ILE A 55 -1.65 3.62 -8.18
C ILE A 55 -2.81 2.67 -7.91
N VAL A 56 -3.99 2.94 -8.49
CA VAL A 56 -5.23 2.14 -8.35
C VAL A 56 -5.76 1.76 -9.73
N SER A 57 -5.60 0.50 -10.11
CA SER A 57 -6.11 -0.07 -11.37
C SER A 57 -7.62 -0.28 -11.36
N GLU A 58 -8.21 -0.49 -12.53
CA GLU A 58 -9.63 -0.85 -12.73
C GLU A 58 -10.00 -2.14 -11.97
N LYS A 59 -11.29 -2.32 -11.67
CA LYS A 59 -11.88 -3.35 -10.78
C LYS A 59 -11.45 -3.26 -9.31
N GLY A 60 -10.72 -2.21 -8.92
CA GLY A 60 -10.38 -1.89 -7.53
C GLY A 60 -9.15 -2.63 -7.00
N LEU A 61 -8.01 -2.52 -7.69
CA LEU A 61 -6.73 -3.12 -7.28
C LEU A 61 -5.67 -2.02 -7.08
N HIS A 62 -5.42 -1.68 -5.81
CA HIS A 62 -4.38 -0.74 -5.40
C HIS A 62 -3.00 -1.41 -5.38
N SER A 63 -2.11 -0.98 -6.28
CA SER A 63 -0.70 -1.37 -6.33
C SER A 63 0.16 -0.53 -5.38
N LEU A 64 1.20 -1.16 -4.84
CA LEU A 64 2.38 -0.54 -4.21
C LEU A 64 3.62 -1.19 -4.82
N ILE A 65 4.49 -0.41 -5.47
CA ILE A 65 5.67 -0.88 -6.21
C ILE A 65 6.95 -0.26 -5.65
N PHE A 66 8.00 -1.07 -5.55
CA PHE A 66 9.36 -0.73 -5.11
C PHE A 66 10.35 -1.04 -6.23
N GLU A 67 10.96 -0.02 -6.85
CA GLU A 67 11.94 -0.20 -7.94
C GLU A 67 13.25 -0.86 -7.46
N VAL A 68 13.76 -0.44 -6.31
CA VAL A 68 15.04 -0.90 -5.71
C VAL A 68 14.97 -0.80 -4.18
N VAL A 69 14.50 -1.86 -3.51
CA VAL A 69 14.30 -1.87 -2.06
C VAL A 69 15.64 -1.88 -1.29
N ARG A 70 15.72 -1.14 -0.18
CA ARG A 70 16.88 -1.06 0.74
C ARG A 70 16.52 -1.51 2.16
N ALA A 71 17.53 -1.86 2.96
CA ALA A 71 17.35 -2.36 4.33
C ALA A 71 16.56 -1.40 5.25
N SER A 72 16.70 -0.08 5.03
CA SER A 72 15.95 0.98 5.74
C SER A 72 14.43 0.96 5.46
N ASP A 73 14.00 0.36 4.35
CA ASP A 73 12.59 0.27 3.94
C ASP A 73 11.81 -0.84 4.67
N ALA A 74 12.46 -1.67 5.50
CA ALA A 74 11.80 -2.74 6.26
C ALA A 74 10.82 -2.20 7.32
N GLY A 75 9.80 -3.01 7.64
CA GLY A 75 8.82 -2.73 8.71
C GLY A 75 7.36 -2.93 8.31
N ALA A 76 6.46 -2.46 9.18
CA ALA A 76 5.01 -2.49 9.01
C ALA A 76 4.52 -1.31 8.15
N TYR A 77 4.19 -1.57 6.88
CA TYR A 77 3.51 -0.63 5.99
C TYR A 77 2.00 -0.58 6.27
N ALA A 78 1.38 0.58 6.04
CA ALA A 78 -0.07 0.75 6.06
C ALA A 78 -0.56 1.77 5.01
N CYS A 79 -1.83 1.72 4.66
CA CYS A 79 -2.50 2.64 3.74
C CYS A 79 -3.87 3.06 4.29
N VAL A 80 -4.06 4.37 4.48
CA VAL A 80 -5.35 4.99 4.82
C VAL A 80 -6.05 5.42 3.52
N ALA A 81 -7.30 4.98 3.33
CA ALA A 81 -8.15 5.25 2.17
C ALA A 81 -9.43 5.99 2.58
N LYS A 82 -9.72 7.14 1.96
CA LYS A 82 -10.79 8.08 2.36
C LYS A 82 -11.63 8.56 1.16
N ASN A 83 -12.95 8.54 1.30
CA ASN A 83 -13.89 9.22 0.39
C ASN A 83 -14.92 10.06 1.17
N ARG A 84 -15.85 10.72 0.46
CA ARG A 84 -16.91 11.58 1.04
C ARG A 84 -17.89 10.89 2.00
N ALA A 85 -17.90 9.55 2.05
CA ALA A 85 -18.78 8.74 2.88
C ALA A 85 -18.08 8.03 4.06
N GLY A 86 -16.75 7.89 4.06
CA GLY A 86 -16.00 7.27 5.16
C GLY A 86 -14.53 6.95 4.88
N GLU A 87 -13.93 6.19 5.79
CA GLU A 87 -12.50 5.85 5.87
C GLU A 87 -12.27 4.35 6.12
N ALA A 88 -11.18 3.80 5.56
CA ALA A 88 -10.66 2.47 5.83
C ALA A 88 -9.12 2.49 5.94
N THR A 89 -8.53 1.46 6.57
CA THR A 89 -7.07 1.30 6.72
C THR A 89 -6.64 -0.14 6.44
N PHE A 90 -5.62 -0.32 5.60
CA PHE A 90 -5.01 -1.61 5.23
C PHE A 90 -3.56 -1.69 5.75
N THR A 91 -3.04 -2.91 6.00
CA THR A 91 -1.72 -3.14 6.64
C THR A 91 -0.98 -4.36 6.04
N VAL A 92 0.36 -4.32 6.01
CA VAL A 92 1.28 -5.44 5.68
C VAL A 92 2.62 -5.26 6.40
N GLN A 93 3.50 -6.28 6.40
CA GLN A 93 4.86 -6.23 6.92
C GLN A 93 5.88 -6.74 5.89
N LEU A 94 7.01 -6.04 5.76
CA LEU A 94 8.08 -6.31 4.80
C LEU A 94 9.44 -6.45 5.51
N ASP A 95 9.96 -7.68 5.61
CA ASP A 95 11.29 -8.01 6.11
C ASP A 95 12.33 -7.97 4.97
N VAL A 96 12.91 -6.81 4.70
CA VAL A 96 13.98 -6.65 3.71
C VAL A 96 15.26 -7.36 4.19
N LEU A 97 15.64 -8.43 3.51
CA LEU A 97 16.81 -9.27 3.79
C LEU A 97 18.09 -8.54 3.34
N ALA A 98 18.74 -7.83 4.27
CA ALA A 98 19.92 -7.00 4.04
C ALA A 98 21.15 -7.80 3.55
N LYS A 99 22.02 -7.15 2.78
CA LYS A 99 23.35 -7.66 2.35
C LYS A 99 24.32 -7.76 3.53
N GLU A 100 24.35 -6.72 4.38
CA GLU A 100 25.21 -6.57 5.58
C GLU A 100 24.94 -7.63 6.66
N GLY A 1 -27.33 7.86 -9.24
CA GLY A 1 -27.19 6.53 -8.60
C GLY A 1 -26.66 6.64 -7.17
N ALA A 2 -26.94 5.62 -6.34
CA ALA A 2 -26.45 5.53 -4.96
C ALA A 2 -24.91 5.38 -4.88
N MET A 3 -24.34 5.67 -3.70
CA MET A 3 -22.90 5.62 -3.40
C MET A 3 -22.63 5.23 -1.93
N GLY A 4 -21.37 5.07 -1.51
CA GLY A 4 -21.07 4.63 -0.12
C GLY A 4 -19.57 4.54 0.26
N PRO A 5 -19.29 4.29 1.55
CA PRO A 5 -17.93 4.31 2.10
C PRO A 5 -17.04 3.17 1.58
N PRO A 6 -15.70 3.31 1.68
CA PRO A 6 -14.76 2.21 1.44
C PRO A 6 -14.87 1.12 2.52
N ARG A 7 -14.25 -0.04 2.27
CA ARG A 7 -14.37 -1.25 3.11
C ARG A 7 -13.03 -1.99 3.28
N PHE A 8 -13.03 -3.03 4.10
CA PHE A 8 -11.87 -3.84 4.50
C PHE A 8 -11.87 -5.18 3.76
N ILE A 9 -11.13 -5.25 2.64
CA ILE A 9 -10.99 -6.43 1.76
C ILE A 9 -9.52 -6.92 1.78
N GLN A 10 -9.21 -7.97 1.01
CA GLN A 10 -7.98 -8.78 1.07
C GLN A 10 -6.67 -7.95 1.13
N VAL A 11 -5.88 -8.22 2.17
CA VAL A 11 -4.48 -7.78 2.35
C VAL A 11 -3.52 -8.97 2.15
N PRO A 12 -2.25 -8.75 1.75
CA PRO A 12 -1.22 -9.79 1.74
C PRO A 12 -0.73 -10.10 3.17
N GLU A 13 -0.15 -11.29 3.36
CA GLU A 13 0.62 -11.65 4.56
C GLU A 13 1.93 -10.84 4.69
N ASN A 14 2.63 -10.96 5.82
CA ASN A 14 3.99 -10.39 5.97
C ASN A 14 4.97 -10.97 4.93
N MET A 15 6.01 -10.20 4.59
CA MET A 15 6.93 -10.48 3.47
C MET A 15 8.40 -10.32 3.88
N SER A 16 9.29 -11.00 3.16
CA SER A 16 10.76 -10.91 3.32
C SER A 16 11.46 -10.96 1.96
N ILE A 17 12.26 -9.93 1.65
CA ILE A 17 12.81 -9.63 0.32
C ILE A 17 14.30 -9.30 0.44
N ASP A 18 15.15 -9.90 -0.41
CA ASP A 18 16.58 -9.59 -0.51
C ASP A 18 16.83 -8.15 -0.97
N GLU A 19 17.67 -7.42 -0.25
CA GLU A 19 18.01 -6.01 -0.50
C GLU A 19 18.52 -5.77 -1.94
N GLY A 20 17.97 -4.75 -2.60
CA GLY A 20 18.31 -4.32 -3.96
C GLY A 20 17.38 -4.87 -5.07
N ARG A 21 16.49 -5.83 -4.75
CA ARG A 21 15.49 -6.36 -5.69
C ARG A 21 14.37 -5.37 -6.01
N PHE A 22 13.67 -5.62 -7.13
CA PHE A 22 12.30 -5.17 -7.36
C PHE A 22 11.31 -5.95 -6.46
N CYS A 23 10.25 -5.28 -6.00
CA CYS A 23 9.10 -5.91 -5.34
C CYS A 23 7.80 -5.16 -5.65
N ARG A 24 6.65 -5.80 -5.39
CA ARG A 24 5.31 -5.19 -5.37
C ARG A 24 4.42 -5.81 -4.29
N MET A 25 3.42 -5.06 -3.87
CA MET A 25 2.32 -5.46 -2.98
C MET A 25 0.98 -5.08 -3.62
N ASP A 26 -0.08 -5.84 -3.34
CA ASP A 26 -1.38 -5.75 -4.02
C ASP A 26 -2.55 -5.95 -3.04
N PHE A 27 -3.48 -4.99 -3.03
CA PHE A 27 -4.55 -4.82 -2.04
C PHE A 27 -5.91 -4.62 -2.73
N LYS A 28 -6.91 -5.46 -2.42
CA LYS A 28 -8.30 -5.26 -2.87
C LYS A 28 -8.92 -4.06 -2.15
N VAL A 29 -9.53 -3.15 -2.90
CA VAL A 29 -10.12 -1.88 -2.43
C VAL A 29 -11.52 -1.64 -3.06
N SER A 30 -12.40 -0.96 -2.33
CA SER A 30 -13.79 -0.70 -2.73
C SER A 30 -14.31 0.67 -2.21
N GLY A 31 -15.59 0.96 -2.41
CA GLY A 31 -16.27 2.22 -2.10
C GLY A 31 -16.58 3.06 -3.35
N LEU A 32 -17.49 4.03 -3.22
CA LEU A 32 -17.92 4.92 -4.31
C LEU A 32 -18.27 6.32 -3.74
N PRO A 33 -17.71 7.43 -4.27
CA PRO A 33 -16.74 7.52 -5.35
C PRO A 33 -15.37 6.93 -4.96
N ALA A 34 -14.49 6.77 -5.94
CA ALA A 34 -13.15 6.19 -5.79
C ALA A 34 -12.33 6.95 -4.72
N PRO A 35 -11.83 6.28 -3.65
CA PRO A 35 -11.15 6.95 -2.55
C PRO A 35 -9.77 7.50 -2.93
N ASP A 36 -9.28 8.46 -2.13
CA ASP A 36 -7.88 8.91 -2.13
C ASP A 36 -6.91 7.82 -1.61
N VAL A 37 -5.60 8.04 -1.78
CA VAL A 37 -4.53 7.11 -1.39
C VAL A 37 -3.45 7.85 -0.58
N SER A 38 -3.18 7.36 0.63
CA SER A 38 -2.02 7.73 1.47
C SER A 38 -1.36 6.49 2.06
N TRP A 39 -0.05 6.55 2.31
CA TRP A 39 0.75 5.46 2.90
C TRP A 39 1.62 5.93 4.06
N TYR A 40 1.99 4.98 4.91
CA TYR A 40 2.77 5.15 6.15
C TYR A 40 3.73 3.96 6.37
N LEU A 41 4.77 4.18 7.18
CA LEU A 41 5.77 3.21 7.62
C LEU A 41 6.20 3.52 9.07
N ASN A 42 5.96 2.59 9.99
CA ASN A 42 6.28 2.67 11.43
C ASN A 42 5.70 3.91 12.17
N GLY A 43 4.74 4.61 11.55
CA GLY A 43 4.09 5.84 12.06
C GLY A 43 4.47 7.13 11.31
N ARG A 44 5.53 7.12 10.49
CA ARG A 44 5.89 8.21 9.55
C ARG A 44 5.12 8.08 8.22
N THR A 45 4.96 9.17 7.49
CA THR A 45 4.36 9.19 6.14
C THR A 45 5.27 8.56 5.07
N VAL A 46 4.67 8.06 3.99
CA VAL A 46 5.32 7.56 2.78
C VAL A 46 4.60 8.14 1.55
N GLN A 47 5.21 9.15 0.92
CA GLN A 47 4.73 9.70 -0.36
C GLN A 47 5.05 8.76 -1.54
N SER A 48 4.35 8.94 -2.67
CA SER A 48 4.71 8.29 -3.94
C SER A 48 6.02 8.84 -4.51
N ASP A 49 6.71 8.05 -5.32
CA ASP A 49 7.97 8.40 -5.99
C ASP A 49 8.15 7.58 -7.30
N ASP A 50 9.12 7.93 -8.15
CA ASP A 50 9.54 7.11 -9.29
C ASP A 50 9.99 5.70 -8.86
N LEU A 51 10.64 5.56 -7.69
CA LEU A 51 11.01 4.28 -7.08
C LEU A 51 9.88 3.59 -6.30
N HIS A 52 8.79 4.32 -5.99
CA HIS A 52 7.68 3.88 -5.14
C HIS A 52 6.33 4.27 -5.76
N LYS A 53 5.97 3.60 -6.86
CA LYS A 53 4.75 3.85 -7.63
C LYS A 53 3.50 3.38 -6.87
N MET A 54 2.41 4.14 -7.00
CA MET A 54 1.13 3.98 -6.29
C MET A 54 -0.03 4.17 -7.26
N ILE A 55 -0.67 3.07 -7.69
CA ILE A 55 -1.75 3.05 -8.70
C ILE A 55 -2.92 2.16 -8.28
N VAL A 56 -4.10 2.38 -8.86
CA VAL A 56 -5.34 1.64 -8.57
C VAL A 56 -6.05 1.26 -9.88
N SER A 57 -6.09 -0.04 -10.19
CA SER A 57 -6.83 -0.59 -11.33
C SER A 57 -8.35 -0.42 -11.13
N GLU A 58 -9.09 -0.20 -12.22
CA GLU A 58 -10.54 0.06 -12.24
C GLU A 58 -11.40 -1.09 -11.70
N LYS A 59 -10.84 -2.31 -11.62
CA LYS A 59 -11.44 -3.51 -11.02
C LYS A 59 -11.45 -3.51 -9.48
N GLY A 60 -10.85 -2.51 -8.83
CA GLY A 60 -10.77 -2.37 -7.37
C GLY A 60 -9.52 -3.02 -6.77
N LEU A 61 -8.35 -2.77 -7.35
CA LEU A 61 -7.07 -3.38 -6.97
C LEU A 61 -5.97 -2.30 -6.91
N HIS A 62 -5.57 -1.90 -5.70
CA HIS A 62 -4.47 -0.98 -5.43
C HIS A 62 -3.12 -1.70 -5.40
N SER A 63 -2.16 -1.26 -6.22
CA SER A 63 -0.78 -1.76 -6.27
C SER A 63 0.22 -0.74 -5.70
N LEU A 64 1.24 -1.25 -5.00
CA LEU A 64 2.31 -0.51 -4.32
C LEU A 64 3.67 -1.15 -4.68
N ILE A 65 4.54 -0.41 -5.37
CA ILE A 65 5.80 -0.92 -5.95
C ILE A 65 7.02 -0.50 -5.11
N PHE A 66 8.09 -1.29 -5.19
CA PHE A 66 9.46 -0.98 -4.76
C PHE A 66 10.43 -1.28 -5.92
N GLU A 67 10.92 -0.28 -6.64
CA GLU A 67 11.87 -0.48 -7.75
C GLU A 67 13.23 -1.05 -7.28
N VAL A 68 13.74 -0.58 -6.12
CA VAL A 68 15.01 -0.98 -5.51
C VAL A 68 14.93 -0.86 -3.98
N VAL A 69 14.45 -1.91 -3.31
CA VAL A 69 14.27 -1.92 -1.84
C VAL A 69 15.61 -1.87 -1.09
N ARG A 70 15.70 -1.06 -0.02
CA ARG A 70 16.87 -0.93 0.86
C ARG A 70 16.56 -1.34 2.30
N ALA A 71 17.59 -1.63 3.10
CA ALA A 71 17.43 -2.12 4.48
C ALA A 71 16.59 -1.17 5.37
N SER A 72 16.68 0.14 5.14
CA SER A 72 15.89 1.19 5.80
C SER A 72 14.38 1.14 5.51
N ASP A 73 13.95 0.44 4.46
CA ASP A 73 12.54 0.26 4.08
C ASP A 73 11.81 -0.83 4.89
N ALA A 74 12.51 -1.59 5.74
CA ALA A 74 11.90 -2.59 6.62
C ALA A 74 10.95 -1.98 7.67
N GLY A 75 9.94 -2.74 8.09
CA GLY A 75 8.97 -2.35 9.14
C GLY A 75 7.51 -2.60 8.78
N ALA A 76 6.61 -2.12 9.65
CA ALA A 76 5.17 -2.16 9.49
C ALA A 76 4.65 -1.02 8.59
N TYR A 77 4.27 -1.33 7.35
CA TYR A 77 3.56 -0.41 6.45
C TYR A 77 2.07 -0.35 6.76
N ALA A 78 1.45 0.79 6.44
CA ALA A 78 0.00 0.93 6.38
C ALA A 78 -0.45 1.82 5.21
N CYS A 79 -1.70 1.66 4.79
CA CYS A 79 -2.37 2.42 3.74
C CYS A 79 -3.74 2.91 4.25
N VAL A 80 -4.15 4.11 3.84
CA VAL A 80 -5.41 4.75 4.21
C VAL A 80 -6.17 5.18 2.95
N ALA A 81 -7.45 4.79 2.89
CA ALA A 81 -8.37 5.05 1.78
C ALA A 81 -9.62 5.80 2.28
N LYS A 82 -9.86 7.01 1.76
CA LYS A 82 -10.92 7.93 2.21
C LYS A 82 -11.72 8.48 1.04
N ASN A 83 -13.05 8.57 1.18
CA ASN A 83 -13.95 9.30 0.27
C ASN A 83 -14.97 10.16 1.06
N ARG A 84 -15.88 10.83 0.35
CA ARG A 84 -16.93 11.71 0.94
C ARG A 84 -17.93 11.01 1.88
N ALA A 85 -17.94 9.68 1.93
CA ALA A 85 -18.84 8.85 2.75
C ALA A 85 -18.16 8.10 3.92
N GLY A 86 -16.84 7.89 3.89
CA GLY A 86 -16.11 7.21 4.97
C GLY A 86 -14.63 6.91 4.72
N GLU A 87 -14.06 6.09 5.60
CA GLU A 87 -12.63 5.76 5.72
C GLU A 87 -12.41 4.24 5.92
N ALA A 88 -11.36 3.69 5.31
CA ALA A 88 -10.83 2.35 5.54
C ALA A 88 -9.29 2.35 5.59
N THR A 89 -8.71 1.28 6.14
CA THR A 89 -7.26 1.16 6.42
C THR A 89 -6.78 -0.27 6.13
N PHE A 90 -5.54 -0.41 5.66
CA PHE A 90 -4.86 -1.68 5.37
C PHE A 90 -3.44 -1.71 5.96
N THR A 91 -2.90 -2.88 6.27
CA THR A 91 -1.62 -3.06 7.00
C THR A 91 -0.83 -4.27 6.48
N VAL A 92 0.50 -4.18 6.46
CA VAL A 92 1.44 -5.28 6.14
C VAL A 92 2.80 -5.05 6.83
N GLN A 93 3.65 -6.07 6.93
CA GLN A 93 5.02 -5.97 7.46
C GLN A 93 6.05 -6.51 6.46
N LEU A 94 7.18 -5.82 6.31
CA LEU A 94 8.27 -6.14 5.38
C LEU A 94 9.61 -6.27 6.13
N ASP A 95 10.23 -7.45 6.02
CA ASP A 95 11.55 -7.78 6.59
C ASP A 95 12.62 -7.84 5.49
N VAL A 96 13.21 -6.70 5.15
CA VAL A 96 14.24 -6.58 4.12
C VAL A 96 15.53 -7.29 4.55
N LEU A 97 15.84 -8.41 3.90
CA LEU A 97 17.02 -9.25 4.13
C LEU A 97 18.27 -8.55 3.56
N ALA A 98 19.10 -7.96 4.44
CA ALA A 98 20.23 -7.12 4.05
C ALA A 98 21.28 -7.83 3.19
N LYS A 99 21.81 -7.11 2.19
CA LYS A 99 22.92 -7.50 1.30
C LYS A 99 24.25 -6.85 1.72
N GLU A 100 24.20 -5.64 2.28
CA GLU A 100 25.34 -4.89 2.87
C GLU A 100 26.03 -5.66 4.01
N GLY A 1 -27.69 7.70 -8.39
CA GLY A 1 -27.59 6.34 -7.81
C GLY A 1 -26.98 6.36 -6.42
N ALA A 2 -27.18 5.28 -5.65
CA ALA A 2 -26.60 5.10 -4.32
C ALA A 2 -25.05 4.98 -4.34
N MET A 3 -24.42 5.17 -3.17
CA MET A 3 -22.97 5.13 -2.97
C MET A 3 -22.59 4.59 -1.57
N GLY A 4 -21.30 4.51 -1.21
CA GLY A 4 -20.89 4.01 0.12
C GLY A 4 -19.38 4.04 0.43
N PRO A 5 -19.00 3.80 1.70
CA PRO A 5 -17.62 3.90 2.17
C PRO A 5 -16.74 2.73 1.68
N PRO A 6 -15.40 2.86 1.74
CA PRO A 6 -14.47 1.77 1.48
C PRO A 6 -14.52 0.69 2.59
N ARG A 7 -14.04 -0.52 2.27
CA ARG A 7 -14.03 -1.69 3.17
C ARG A 7 -12.88 -2.66 2.85
N PHE A 8 -12.66 -3.62 3.75
CA PHE A 8 -11.71 -4.73 3.59
C PHE A 8 -12.23 -5.79 2.60
N ILE A 9 -11.31 -6.42 1.86
CA ILE A 9 -11.54 -7.61 1.02
C ILE A 9 -10.39 -8.60 1.24
N GLN A 10 -9.16 -8.20 0.85
CA GLN A 10 -7.93 -8.98 0.98
C GLN A 10 -6.72 -8.05 1.10
N VAL A 11 -5.78 -8.39 2.01
CA VAL A 11 -4.48 -7.71 2.20
C VAL A 11 -3.35 -8.75 2.29
N PRO A 12 -2.11 -8.41 1.91
CA PRO A 12 -0.96 -9.32 2.06
C PRO A 12 -0.57 -9.54 3.53
N GLU A 13 -0.07 -10.74 3.84
CA GLU A 13 0.62 -11.04 5.11
C GLU A 13 2.05 -10.44 5.13
N ASN A 14 2.78 -10.58 6.25
CA ASN A 14 4.16 -10.11 6.39
C ASN A 14 5.09 -10.67 5.28
N MET A 15 5.74 -9.77 4.53
CA MET A 15 6.62 -10.07 3.39
C MET A 15 8.11 -9.98 3.78
N SER A 16 8.97 -10.63 2.99
CA SER A 16 10.43 -10.63 3.17
C SER A 16 11.15 -10.71 1.82
N ILE A 17 11.89 -9.66 1.46
CA ILE A 17 12.47 -9.43 0.12
C ILE A 17 13.98 -9.17 0.23
N ASP A 18 14.79 -9.80 -0.61
CA ASP A 18 16.24 -9.62 -0.69
C ASP A 18 16.62 -8.19 -1.14
N GLU A 19 17.56 -7.57 -0.40
CA GLU A 19 18.05 -6.20 -0.63
C GLU A 19 18.54 -5.97 -2.08
N GLY A 20 17.93 -4.99 -2.75
CA GLY A 20 18.24 -4.56 -4.12
C GLY A 20 17.25 -5.02 -5.20
N ARG A 21 16.31 -5.92 -4.88
CA ARG A 21 15.27 -6.40 -5.81
C ARG A 21 14.19 -5.34 -6.11
N PHE A 22 13.49 -5.55 -7.23
CA PHE A 22 12.15 -5.01 -7.49
C PHE A 22 11.10 -5.76 -6.64
N CYS A 23 10.04 -5.08 -6.22
CA CYS A 23 8.86 -5.70 -5.58
C CYS A 23 7.58 -4.90 -5.88
N ARG A 24 6.41 -5.54 -5.66
CA ARG A 24 5.08 -4.90 -5.59
C ARG A 24 4.19 -5.56 -4.53
N MET A 25 3.12 -4.86 -4.17
CA MET A 25 2.03 -5.32 -3.29
C MET A 25 0.66 -5.14 -3.97
N ASP A 26 -0.33 -5.87 -3.48
CA ASP A 26 -1.66 -6.03 -4.10
C ASP A 26 -2.78 -5.92 -3.06
N PHE A 27 -3.27 -4.70 -2.84
CA PHE A 27 -4.32 -4.37 -1.87
C PHE A 27 -5.68 -4.21 -2.56
N LYS A 28 -6.59 -5.18 -2.39
CA LYS A 28 -7.99 -5.05 -2.84
C LYS A 28 -8.71 -3.99 -2.02
N VAL A 29 -9.44 -3.09 -2.67
CA VAL A 29 -10.14 -1.94 -2.07
C VAL A 29 -11.47 -1.66 -2.77
N SER A 30 -12.47 -1.20 -2.02
CA SER A 30 -13.87 -0.97 -2.46
C SER A 30 -14.38 0.44 -2.12
N GLY A 31 -15.70 0.65 -2.21
CA GLY A 31 -16.39 1.92 -1.97
C GLY A 31 -16.72 2.67 -3.26
N LEU A 32 -17.63 3.63 -3.16
CA LEU A 32 -18.08 4.51 -4.24
C LEU A 32 -18.33 5.93 -3.69
N PRO A 33 -17.74 6.99 -4.27
CA PRO A 33 -16.77 6.98 -5.37
C PRO A 33 -15.42 6.33 -4.97
N ALA A 34 -14.57 6.07 -5.96
CA ALA A 34 -13.24 5.49 -5.77
C ALA A 34 -12.39 6.35 -4.80
N PRO A 35 -11.82 5.77 -3.72
CA PRO A 35 -11.21 6.55 -2.64
C PRO A 35 -9.89 7.22 -3.04
N ASP A 36 -9.64 8.38 -2.43
CA ASP A 36 -8.31 8.99 -2.29
C ASP A 36 -7.45 8.12 -1.35
N VAL A 37 -6.21 7.83 -1.73
CA VAL A 37 -5.31 6.90 -1.02
C VAL A 37 -3.99 7.57 -0.64
N SER A 38 -3.51 7.28 0.57
CA SER A 38 -2.25 7.76 1.15
C SER A 38 -1.49 6.63 1.84
N TRP A 39 -0.16 6.73 1.93
CA TRP A 39 0.71 5.69 2.50
C TRP A 39 1.61 6.21 3.64
N TYR A 40 1.97 5.28 4.52
CA TYR A 40 2.69 5.49 5.78
C TYR A 40 3.65 4.33 6.09
N LEU A 41 4.64 4.58 6.95
CA LEU A 41 5.65 3.62 7.42
C LEU A 41 6.09 3.96 8.85
N ASN A 42 5.94 3.02 9.79
CA ASN A 42 6.39 3.09 11.20
C ASN A 42 5.89 4.31 12.03
N GLY A 43 4.99 5.14 11.49
CA GLY A 43 4.46 6.36 12.11
C GLY A 43 4.68 7.66 11.32
N ARG A 44 5.44 7.64 10.20
CA ARG A 44 5.60 8.75 9.25
C ARG A 44 4.87 8.50 7.92
N THR A 45 4.70 9.53 7.12
CA THR A 45 4.16 9.45 5.73
C THR A 45 5.18 8.83 4.75
N VAL A 46 4.68 8.30 3.64
CA VAL A 46 5.47 7.81 2.49
C VAL A 46 4.87 8.39 1.21
N GLN A 47 5.52 9.43 0.68
CA GLN A 47 5.14 10.09 -0.57
C GLN A 47 5.35 9.15 -1.78
N SER A 48 4.54 9.32 -2.83
CA SER A 48 4.78 8.69 -4.14
C SER A 48 6.06 9.24 -4.80
N ASP A 49 6.85 8.37 -5.42
CA ASP A 49 8.14 8.71 -6.03
C ASP A 49 8.43 7.85 -7.28
N ASP A 50 9.44 8.21 -8.07
CA ASP A 50 9.94 7.40 -9.19
C ASP A 50 10.38 5.99 -8.75
N LEU A 51 10.96 5.84 -7.55
CA LEU A 51 11.32 4.53 -6.96
C LEU A 51 10.17 3.83 -6.21
N HIS A 52 9.09 4.56 -5.89
CA HIS A 52 7.95 4.11 -5.08
C HIS A 52 6.62 4.56 -5.71
N LYS A 53 6.25 3.88 -6.81
CA LYS A 53 5.04 4.16 -7.61
C LYS A 53 3.78 3.68 -6.87
N MET A 54 2.69 4.45 -7.00
CA MET A 54 1.42 4.28 -6.27
C MET A 54 0.23 4.58 -7.20
N ILE A 55 -0.48 3.55 -7.66
CA ILE A 55 -1.63 3.67 -8.58
C ILE A 55 -2.80 2.76 -8.19
N VAL A 56 -4.03 3.24 -8.40
CA VAL A 56 -5.28 2.49 -8.19
C VAL A 56 -5.72 1.87 -9.51
N SER A 57 -5.43 0.57 -9.67
CA SER A 57 -5.80 -0.26 -10.82
C SER A 57 -7.32 -0.45 -10.95
N GLU A 58 -7.77 -1.01 -12.08
CA GLU A 58 -9.17 -1.35 -12.35
C GLU A 58 -9.75 -2.41 -11.37
N LYS A 59 -11.08 -2.55 -11.36
CA LYS A 59 -11.86 -3.58 -10.64
C LYS A 59 -11.64 -3.64 -9.10
N GLY A 60 -11.13 -2.56 -8.50
CA GLY A 60 -10.97 -2.41 -7.05
C GLY A 60 -9.69 -3.00 -6.48
N LEU A 61 -8.53 -2.60 -7.03
CA LEU A 61 -7.19 -3.04 -6.64
C LEU A 61 -6.22 -1.84 -6.59
N HIS A 62 -5.26 -1.86 -5.68
CA HIS A 62 -4.25 -0.81 -5.50
C HIS A 62 -2.83 -1.38 -5.53
N SER A 63 -2.06 -0.97 -6.54
CA SER A 63 -0.62 -1.24 -6.69
C SER A 63 0.24 -0.29 -5.85
N LEU A 64 1.15 -0.87 -5.07
CA LEU A 64 2.22 -0.19 -4.31
C LEU A 64 3.53 -0.88 -4.66
N ILE A 65 4.50 -0.14 -5.23
CA ILE A 65 5.69 -0.68 -5.92
C ILE A 65 6.99 -0.23 -5.24
N PHE A 66 8.05 -1.02 -5.40
CA PHE A 66 9.44 -0.77 -4.98
C PHE A 66 10.38 -1.08 -6.16
N GLU A 67 10.98 -0.06 -6.78
CA GLU A 67 11.95 -0.28 -7.88
C GLU A 67 13.25 -0.97 -7.42
N VAL A 68 13.80 -0.56 -6.27
CA VAL A 68 15.05 -1.05 -5.68
C VAL A 68 15.02 -0.92 -4.15
N VAL A 69 14.51 -1.96 -3.47
CA VAL A 69 14.33 -1.94 -2.01
C VAL A 69 15.68 -2.00 -1.26
N ARG A 70 15.81 -1.22 -0.17
CA ARG A 70 16.97 -1.19 0.74
C ARG A 70 16.58 -1.53 2.19
N ALA A 71 17.57 -1.85 3.03
CA ALA A 71 17.35 -2.23 4.43
C ALA A 71 16.64 -1.13 5.26
N SER A 72 16.84 0.14 4.90
CA SER A 72 16.16 1.31 5.48
C SER A 72 14.66 1.40 5.15
N ASP A 73 14.17 0.67 4.14
CA ASP A 73 12.75 0.60 3.77
C ASP A 73 11.96 -0.43 4.61
N ALA A 74 12.60 -1.21 5.47
CA ALA A 74 11.94 -2.22 6.31
C ALA A 74 10.98 -1.60 7.36
N GLY A 75 9.98 -2.38 7.79
CA GLY A 75 9.04 -2.00 8.85
C GLY A 75 7.56 -2.23 8.52
N ALA A 76 6.68 -1.71 9.38
CA ALA A 76 5.23 -1.74 9.24
C ALA A 76 4.71 -0.61 8.35
N TYR A 77 4.42 -0.90 7.08
CA TYR A 77 3.68 -0.04 6.17
C TYR A 77 2.18 0.00 6.50
N ALA A 78 1.52 1.12 6.19
CA ALA A 78 0.06 1.24 6.21
C ALA A 78 -0.45 2.13 5.08
N CYS A 79 -1.74 1.96 4.74
CA CYS A 79 -2.48 2.73 3.74
C CYS A 79 -3.81 3.21 4.32
N VAL A 80 -4.25 4.42 3.93
CA VAL A 80 -5.50 5.05 4.36
C VAL A 80 -6.32 5.45 3.13
N ALA A 81 -7.49 4.84 2.96
CA ALA A 81 -8.42 5.04 1.85
C ALA A 81 -9.65 5.86 2.31
N LYS A 82 -9.96 6.95 1.59
CA LYS A 82 -10.92 8.00 1.97
C LYS A 82 -11.87 8.35 0.82
N ASN A 83 -13.18 8.33 1.05
CA ASN A 83 -14.17 8.96 0.16
C ASN A 83 -15.22 9.78 0.93
N ARG A 84 -16.14 10.43 0.21
CA ARG A 84 -17.21 11.29 0.76
C ARG A 84 -18.23 10.58 1.67
N ALA A 85 -18.22 9.24 1.72
CA ALA A 85 -19.09 8.42 2.56
C ALA A 85 -18.37 7.77 3.77
N GLY A 86 -17.03 7.73 3.79
CA GLY A 86 -16.24 7.20 4.93
C GLY A 86 -14.78 6.88 4.62
N GLU A 87 -14.11 6.22 5.58
CA GLU A 87 -12.67 5.93 5.58
C GLU A 87 -12.39 4.46 5.98
N ALA A 88 -11.30 3.89 5.45
CA ALA A 88 -10.74 2.59 5.83
C ALA A 88 -9.20 2.64 5.91
N THR A 89 -8.60 1.64 6.58
CA THR A 89 -7.14 1.56 6.85
C THR A 89 -6.64 0.13 6.68
N PHE A 90 -5.50 -0.05 6.02
CA PHE A 90 -4.87 -1.34 5.73
C PHE A 90 -3.39 -1.35 6.14
N THR A 91 -2.81 -2.52 6.45
CA THR A 91 -1.47 -2.65 7.07
C THR A 91 -0.71 -3.88 6.56
N VAL A 92 0.63 -3.80 6.42
CA VAL A 92 1.54 -4.92 6.14
C VAL A 92 2.94 -4.68 6.72
N GLN A 93 3.67 -5.74 7.08
CA GLN A 93 5.08 -5.68 7.48
C GLN A 93 5.99 -6.13 6.33
N LEU A 94 7.12 -5.44 6.13
CA LEU A 94 8.17 -5.76 5.15
C LEU A 94 9.52 -5.93 5.85
N ASP A 95 9.96 -7.18 6.00
CA ASP A 95 11.27 -7.57 6.54
C ASP A 95 12.32 -7.69 5.44
N VAL A 96 12.93 -6.56 5.03
CA VAL A 96 13.96 -6.51 3.98
C VAL A 96 15.21 -7.29 4.41
N LEU A 97 15.48 -8.41 3.72
CA LEU A 97 16.60 -9.31 3.97
C LEU A 97 17.92 -8.69 3.45
N ALA A 98 18.70 -8.09 4.34
CA ALA A 98 19.99 -7.46 4.01
C ALA A 98 21.01 -8.47 3.42
N LYS A 99 21.90 -8.00 2.55
CA LYS A 99 22.95 -8.83 1.89
C LYS A 99 24.19 -9.10 2.75
N GLU A 100 24.27 -8.55 3.96
CA GLU A 100 25.36 -8.70 4.94
C GLU A 100 25.69 -10.17 5.30
#